data_6XQ4
#
_entry.id   6XQ4
#
_cell.length_a   96.090
_cell.length_b   66.470
_cell.length_c   135.180
_cell.angle_alpha   90.000
_cell.angle_beta   101.960
_cell.angle_gamma   90.000
#
_symmetry.space_group_name_H-M   'P 1 21 1'
#
loop_
_entity.id
_entity.type
_entity.pdbx_description
1 polymer Hemagglutinin
2 polymer 'antibody S8V2-47 light chain'
3 polymer 'antibody S8V2-47 heavy chain'
4 branched 2-acetamido-2-deoxy-beta-D-glucopyranose-(1-4)-2-acetamido-2-deoxy-beta-D-glucopyranose
5 branched beta-D-mannopyranose-(1-4)-2-acetamido-2-deoxy-beta-D-glucopyranose-(1-4)-2-acetamido-2-deoxy-beta-D-glucopyranose
#
loop_
_entity_poly.entity_id
_entity_poly.type
_entity_poly.pdbx_seq_one_letter_code
_entity_poly.pdbx_strand_id
1 'polypeptide(L)'
;APLQLGNCSVAGWILGNPECESLISKESWSYIVETPNPENGTCYPGYFADYEELREQLSSVSSFERFEIFPKESSWPNHT
VTGVTASCSHNGKSSFYRNLLWLTEKNGLYPNLSNSYVNNKEKEVLVLWGVHHPSNIRDQRAIYHTENAYVSVVSSHYSR
RFTPEIAKRPKVRGQEGRINYYWTLLEPGDTIIFEANGNLIAPWYAFALSRGFGSGALEVLFQ
;
A,D
2 'polypeptide(L)'
;DIVMTQSPDSLAVSLGERATINCKSSQSLLYSSRNKNYLAWYQQKPGQPPKLLIYWASTRESGVPDRLSGSGSGTDFTLT
ISSLQAEDVAVYYCQQYYSIPLTFGGGTKVEIKRTVAAPSVFIFPPSDEQLKSGTASVVCLLNNFYPREAKVQWKVDNAL
QSGNSQESVTEQDSKDSTYSLSSTLTLSKADYEKHKVYACEVTHQGLSSPVTKSFNRGEC
;
B,F
3 'polypeptide(L)'
;EVQLVESGGGLVQPGGSLRLSCAASGFTVSRNYMSWVRQAPGKGLEWVSIIYSGDDTYYADSVKGRFTISRDNSKNTLYL
EMNSLRAEDTAVYYCARGEMGDGYYWAPFDYWGQGTLVTVSGASTKGPSVFPLAPSSKSTSGGTAALGCLVKDYFPEPVT
VSWNSGALTSGVHTFPAVLQSSGLYSLSSVVTVPSSSLGTQTYICNVNHKPSNTKVDKRVEPKSCDKHHHHHH
;
C,E
#
loop_
_chem_comp.id
_chem_comp.type
_chem_comp.name
_chem_comp.formula
BMA D-saccharide, beta linking beta-D-mannopyranose 'C6 H12 O6'
NAG D-saccharide, beta linking 2-acetamido-2-deoxy-beta-D-glucopyranose 'C8 H15 N O6'
#
# COMPACT_ATOMS: atom_id res chain seq x y z
N ALA A 1 33.04 23.19 -57.46
CA ALA A 1 33.44 24.46 -56.84
C ALA A 1 33.14 24.48 -55.36
N PRO A 2 33.85 23.65 -54.59
CA PRO A 2 33.53 23.47 -53.16
C PRO A 2 33.81 24.71 -52.32
N LEU A 3 33.54 24.64 -51.02
CA LEU A 3 33.88 25.72 -50.09
C LEU A 3 35.23 25.49 -49.43
N GLN A 4 35.86 26.60 -49.05
CA GLN A 4 37.08 26.59 -48.26
C GLN A 4 36.84 27.47 -47.04
N LEU A 5 36.85 26.86 -45.86
CA LEU A 5 36.57 27.60 -44.63
C LEU A 5 37.82 28.01 -43.87
N GLY A 6 38.92 27.28 -44.02
CA GLY A 6 40.13 27.64 -43.30
C GLY A 6 40.00 27.32 -41.82
N ASN A 7 40.31 28.30 -40.98
CA ASN A 7 40.26 28.08 -39.53
C ASN A 7 38.84 27.85 -39.04
N CYS A 8 37.85 28.42 -39.73
CA CYS A 8 36.48 28.41 -39.22
C CYS A 8 35.78 27.10 -39.50
N SER A 9 34.90 26.72 -38.58
CA SER A 9 34.02 25.57 -38.74
C SER A 9 32.64 26.04 -39.20
N VAL A 10 31.81 25.08 -39.61
CA VAL A 10 30.45 25.42 -40.04
C VAL A 10 29.69 26.09 -38.90
N ALA A 11 29.85 25.58 -37.68
CA ALA A 11 29.29 26.27 -36.51
C ALA A 11 29.77 27.72 -36.46
N GLY A 12 31.08 27.93 -36.58
CA GLY A 12 31.60 29.28 -36.62
C GLY A 12 31.17 30.03 -37.87
N TRP A 13 31.12 29.33 -39.00
CA TRP A 13 30.74 29.98 -40.25
C TRP A 13 29.27 30.40 -40.24
N ILE A 14 28.37 29.49 -39.90
CA ILE A 14 26.94 29.76 -40.05
C ILE A 14 26.44 30.70 -38.95
N LEU A 15 27.04 30.65 -37.76
CA LEU A 15 26.63 31.55 -36.69
C LEU A 15 27.15 32.97 -36.89
N GLY A 16 28.22 33.14 -37.66
CA GLY A 16 28.78 34.45 -37.88
C GLY A 16 29.82 34.83 -36.86
N ASN A 17 30.71 33.90 -36.54
CA ASN A 17 31.78 34.13 -35.58
C ASN A 17 32.68 35.26 -36.09
N PRO A 18 32.87 36.34 -35.32
CA PRO A 18 33.65 37.49 -35.83
C PRO A 18 35.06 37.11 -36.28
N GLU A 19 35.60 35.98 -35.83
CA GLU A 19 36.86 35.48 -36.35
C GLU A 19 36.74 34.97 -37.78
N CYS A 20 35.56 35.07 -38.39
CA CYS A 20 35.30 34.54 -39.72
C CYS A 20 34.82 35.64 -40.67
N GLU A 21 35.21 36.89 -40.41
CA GLU A 21 34.79 38.02 -41.24
C GLU A 21 35.34 37.92 -42.65
N SER A 22 36.44 37.20 -42.86
CA SER A 22 37.04 37.08 -44.18
C SER A 22 36.18 36.29 -45.15
N LEU A 23 35.31 35.42 -44.65
CA LEU A 23 34.59 34.46 -45.48
C LEU A 23 33.33 35.10 -46.05
N ILE A 24 33.23 35.13 -47.37
CA ILE A 24 32.05 35.63 -48.08
C ILE A 24 31.33 34.45 -48.72
N SER A 25 30.00 34.47 -48.66
CA SER A 25 29.21 33.37 -49.16
C SER A 25 29.11 33.44 -50.69
N LYS A 26 29.50 32.37 -51.36
CA LYS A 26 29.31 32.21 -52.79
C LYS A 26 28.09 31.33 -53.03
N GLU A 27 27.47 31.50 -54.20
CA GLU A 27 26.14 30.94 -54.44
C GLU A 27 26.09 29.42 -54.26
N SER A 28 27.15 28.70 -54.64
CA SER A 28 27.04 27.24 -54.57
C SER A 28 28.41 26.61 -54.38
N TRP A 29 28.37 25.38 -53.88
CA TRP A 29 29.54 24.55 -53.65
C TRP A 29 29.07 23.11 -53.54
N SER A 30 29.94 22.18 -53.95
CA SER A 30 29.57 20.77 -53.91
C SER A 30 29.79 20.14 -52.53
N TYR A 31 30.74 20.66 -51.77
CA TYR A 31 31.20 20.03 -50.55
C TYR A 31 32.09 21.01 -49.78
N ILE A 32 32.15 20.84 -48.46
CA ILE A 32 32.78 21.80 -47.57
C ILE A 32 34.12 21.27 -47.10
N VAL A 33 35.14 22.13 -47.11
CA VAL A 33 36.47 21.81 -46.63
C VAL A 33 36.64 22.52 -45.29
N GLU A 34 36.64 21.73 -44.21
CA GLU A 34 36.76 22.26 -42.86
C GLU A 34 38.16 22.03 -42.29
N THR A 35 38.43 22.74 -41.20
CA THR A 35 39.51 22.41 -40.26
C THR A 35 38.91 22.55 -38.87
N PRO A 36 38.14 21.55 -38.40
CA PRO A 36 37.42 21.60 -37.12
C PRO A 36 38.31 21.90 -35.93
N ASN A 40 33.89 23.60 -30.88
CA ASN A 40 34.79 24.63 -30.41
C ASN A 40 34.70 25.89 -31.28
N GLY A 41 34.16 25.73 -32.49
CA GLY A 41 33.86 26.87 -33.33
C GLY A 41 32.87 27.83 -32.70
N THR A 42 32.02 27.34 -31.81
CA THR A 42 31.13 28.21 -31.05
C THR A 42 31.95 29.19 -30.21
N CYS A 43 31.90 30.47 -30.58
CA CYS A 43 32.62 31.50 -29.86
C CYS A 43 32.28 31.48 -28.37
N TYR A 44 31.00 31.63 -28.06
CA TYR A 44 30.53 31.71 -26.69
C TYR A 44 29.91 30.36 -26.33
N PRO A 45 30.50 29.59 -25.41
CA PRO A 45 30.27 28.14 -25.39
C PRO A 45 28.82 27.73 -25.24
N GLY A 46 28.51 26.55 -25.77
CA GLY A 46 27.16 26.03 -25.72
C GLY A 46 27.05 24.81 -26.60
N TYR A 47 25.84 24.26 -26.64
CA TYR A 47 25.53 23.06 -27.40
C TYR A 47 24.87 23.44 -28.71
N PHE A 48 25.48 23.05 -29.83
CA PHE A 48 24.91 23.27 -31.14
C PHE A 48 24.04 22.07 -31.49
N ALA A 49 22.72 22.25 -31.45
CA ALA A 49 21.80 21.14 -31.66
C ALA A 49 21.77 20.74 -33.13
N ASP A 50 21.80 19.42 -33.37
CA ASP A 50 21.71 18.86 -34.71
C ASP A 50 22.81 19.42 -35.62
N TYR A 51 24.04 19.38 -35.12
CA TYR A 51 25.15 19.94 -35.89
C TYR A 51 25.52 19.04 -37.06
N GLU A 52 25.48 17.72 -36.86
CA GLU A 52 25.73 16.80 -37.96
C GLU A 52 24.61 16.86 -38.99
N GLU A 53 23.36 17.02 -38.52
CA GLU A 53 22.24 17.16 -39.44
C GLU A 53 22.38 18.42 -40.29
N LEU A 54 22.90 19.49 -39.71
CA LEU A 54 23.04 20.75 -40.46
C LEU A 54 24.17 20.66 -41.48
N ARG A 55 25.28 20.00 -41.13
CA ARG A 55 26.37 19.84 -42.07
C ARG A 55 25.97 18.96 -43.24
N GLU A 56 25.00 18.06 -43.05
CA GLU A 56 24.52 17.24 -44.14
C GLU A 56 23.67 18.05 -45.11
N GLN A 57 22.85 18.97 -44.58
CA GLN A 57 22.02 19.79 -45.44
C GLN A 57 22.84 20.83 -46.19
N LEU A 58 23.93 21.30 -45.58
CA LEU A 58 24.79 22.32 -46.16
C LEU A 58 25.91 21.75 -47.02
N SER A 59 25.94 20.43 -47.23
CA SER A 59 27.02 19.82 -48.00
C SER A 59 27.04 20.36 -49.43
N SER A 60 25.94 20.17 -50.15
CA SER A 60 25.80 20.68 -51.50
C SER A 60 24.56 21.56 -51.56
N VAL A 61 24.73 22.81 -51.98
CA VAL A 61 23.64 23.76 -52.11
C VAL A 61 23.74 24.45 -53.46
N SER A 62 22.68 25.17 -53.79
CA SER A 62 22.67 26.11 -54.91
C SER A 62 21.84 27.32 -54.49
N SER A 63 22.05 28.43 -55.19
CA SER A 63 21.31 29.67 -54.93
C SER A 63 21.40 30.08 -53.47
N PHE A 64 22.59 29.95 -52.89
CA PHE A 64 22.80 30.30 -51.50
C PHE A 64 22.83 31.82 -51.33
N GLU A 65 22.17 32.30 -50.28
CA GLU A 65 22.01 33.73 -50.06
C GLU A 65 22.02 34.01 -48.57
N ARG A 66 22.57 35.16 -48.19
CA ARG A 66 22.59 35.62 -46.80
C ARG A 66 21.88 36.97 -46.75
N PHE A 67 20.65 36.98 -46.24
CA PHE A 67 19.84 38.19 -46.19
C PHE A 67 19.54 38.56 -44.74
N GLU A 68 19.08 39.80 -44.56
CA GLU A 68 18.72 40.32 -43.26
C GLU A 68 17.30 39.88 -42.91
N ILE A 69 17.16 39.04 -41.90
CA ILE A 69 15.84 38.51 -41.54
C ILE A 69 15.13 39.41 -40.54
N PHE A 70 15.82 39.87 -39.51
CA PHE A 70 15.23 40.71 -38.47
C PHE A 70 16.10 41.94 -38.28
N PRO A 71 15.73 43.09 -38.86
CA PRO A 71 16.55 44.29 -38.72
C PRO A 71 16.85 44.64 -37.27
N LYS A 72 18.09 45.07 -37.02
CA LYS A 72 18.56 45.32 -35.67
C LYS A 72 17.91 46.55 -35.07
N GLU A 73 17.66 47.56 -35.89
CA GLU A 73 17.25 48.89 -35.41
C GLU A 73 15.75 49.14 -35.60
N SER A 74 14.94 48.08 -35.63
CA SER A 74 13.51 48.26 -35.86
C SER A 74 12.69 47.09 -35.34
N SER A 75 13.13 45.86 -35.63
CA SER A 75 12.37 44.69 -35.23
C SER A 75 12.23 44.54 -33.72
N TRP A 76 13.01 45.29 -32.94
CA TRP A 76 13.14 45.04 -31.50
C TRP A 76 12.91 46.33 -30.73
N PRO A 77 11.68 46.86 -30.73
CA PRO A 77 11.38 47.99 -29.86
C PRO A 77 11.30 47.53 -28.42
N ASN A 78 11.67 48.44 -27.50
CA ASN A 78 11.62 48.20 -26.07
C ASN A 78 12.59 47.10 -25.63
N HIS A 79 13.68 46.94 -26.39
CA HIS A 79 14.71 45.97 -26.07
C HIS A 79 16.06 46.49 -26.54
N THR A 80 17.09 46.29 -25.73
CA THR A 80 18.45 46.65 -26.11
C THR A 80 19.09 45.49 -26.86
N VAL A 81 19.74 45.81 -27.98
CA VAL A 81 20.26 44.79 -28.89
C VAL A 81 21.78 44.76 -28.97
N THR A 82 22.48 45.71 -28.34
CA THR A 82 23.92 45.81 -28.46
C THR A 82 24.68 44.98 -27.44
N GLY A 83 24.05 43.96 -26.87
CA GLY A 83 24.72 43.09 -25.93
C GLY A 83 25.91 42.37 -26.55
N VAL A 84 27.08 42.50 -25.95
CA VAL A 84 28.28 41.85 -26.45
C VAL A 84 28.89 41.00 -25.33
N THR A 85 30.06 40.42 -25.58
CA THR A 85 30.75 39.63 -24.59
C THR A 85 32.22 39.54 -24.96
N ALA A 86 33.06 39.36 -23.94
CA ALA A 86 34.50 39.29 -24.16
C ALA A 86 34.93 37.97 -24.80
N SER A 87 34.11 36.93 -24.69
CA SER A 87 34.43 35.67 -25.35
C SER A 87 34.48 35.83 -26.86
N CYS A 88 33.75 36.80 -27.39
CA CYS A 88 33.76 37.11 -28.82
C CYS A 88 34.52 38.43 -29.04
N SER A 89 35.83 38.35 -28.91
CA SER A 89 36.68 39.51 -29.12
C SER A 89 36.97 39.68 -30.61
N HIS A 90 37.13 40.94 -31.02
CA HIS A 90 37.40 41.27 -32.42
C HIS A 90 38.35 42.46 -32.43
N ASN A 91 39.65 42.18 -32.59
CA ASN A 91 40.71 43.19 -32.58
C ASN A 91 40.71 43.98 -31.27
N GLY A 92 40.88 43.23 -30.18
CA GLY A 92 40.99 43.81 -28.85
C GLY A 92 39.79 44.62 -28.42
N LYS A 93 38.60 44.08 -28.64
CA LYS A 93 37.35 44.77 -28.31
C LYS A 93 36.22 43.76 -28.33
N SER A 94 35.34 43.84 -27.33
CA SER A 94 34.27 42.85 -27.20
C SER A 94 33.25 43.00 -28.31
N SER A 95 32.72 41.88 -28.76
CA SER A 95 31.78 41.86 -29.88
C SER A 95 30.85 40.65 -29.70
N PHE A 96 30.15 40.29 -30.77
CA PHE A 96 29.20 39.19 -30.75
C PHE A 96 29.06 38.64 -32.16
N TYR A 97 28.29 37.56 -32.28
CA TYR A 97 28.07 36.92 -33.58
C TYR A 97 27.54 37.94 -34.60
N ARG A 98 28.04 37.86 -35.83
CA ARG A 98 27.61 38.76 -36.88
C ARG A 98 26.27 38.37 -37.49
N ASN A 99 25.70 37.24 -37.10
CA ASN A 99 24.39 36.82 -37.59
C ASN A 99 23.36 36.70 -36.47
N LEU A 100 23.70 37.11 -35.24
CA LEU A 100 22.80 36.99 -34.11
C LEU A 100 22.77 38.28 -33.31
N LEU A 101 21.64 38.52 -32.66
CA LEU A 101 21.48 39.62 -31.72
C LEU A 101 21.15 39.06 -30.34
N TRP A 102 21.79 39.60 -29.31
CA TRP A 102 21.60 39.13 -27.95
C TRP A 102 20.81 40.20 -27.20
N LEU A 103 19.53 39.91 -26.97
CA LEU A 103 18.57 40.90 -26.51
C LEU A 103 18.62 41.04 -24.99
N THR A 104 18.68 42.29 -24.53
CA THR A 104 18.76 42.55 -23.09
C THR A 104 17.66 43.50 -22.63
N GLU A 105 17.81 44.03 -21.42
CA GLU A 105 16.85 44.95 -20.84
C GLU A 105 16.99 46.34 -21.45
N LYS A 106 15.91 47.11 -21.33
CA LYS A 106 15.92 48.53 -21.72
C LYS A 106 15.08 49.30 -20.73
N ASN A 107 15.70 50.28 -20.07
CA ASN A 107 15.06 51.06 -19.02
C ASN A 107 14.57 50.16 -17.88
N GLY A 108 15.35 49.13 -17.60
CA GLY A 108 14.99 48.19 -16.54
C GLY A 108 13.78 47.34 -16.84
N LEU A 109 13.54 47.01 -18.11
CA LEU A 109 12.34 46.30 -18.53
C LEU A 109 12.66 45.34 -19.66
N TYR A 110 12.22 44.10 -19.52
CA TYR A 110 12.18 43.14 -20.63
C TYR A 110 10.72 42.82 -20.89
N PRO A 111 10.02 43.60 -21.71
CA PRO A 111 8.62 43.30 -22.01
C PRO A 111 8.47 42.00 -22.77
N ASN A 112 7.25 41.47 -22.76
CA ASN A 112 6.94 40.25 -23.51
C ASN A 112 7.31 40.45 -24.97
N LEU A 113 7.77 39.37 -25.59
CA LEU A 113 8.39 39.45 -26.89
C LEU A 113 7.50 38.78 -27.94
N SER A 114 7.42 39.39 -29.12
CA SER A 114 6.68 38.82 -30.24
C SER A 114 7.24 39.39 -31.54
N ASN A 115 7.51 38.51 -32.50
CA ASN A 115 7.93 38.89 -33.84
C ASN A 115 7.89 37.65 -34.72
N SER A 116 7.77 37.86 -36.03
CA SER A 116 7.58 36.75 -36.95
C SER A 116 8.13 37.12 -38.32
N TYR A 117 8.47 36.08 -39.09
CA TYR A 117 9.01 36.23 -40.43
C TYR A 117 8.24 35.37 -41.42
N VAL A 118 7.99 35.93 -42.61
CA VAL A 118 7.28 35.24 -43.68
C VAL A 118 8.26 34.95 -44.81
N ASN A 119 8.31 33.68 -45.23
CA ASN A 119 9.27 33.25 -46.25
C ASN A 119 8.75 33.64 -47.62
N ASN A 120 9.16 34.82 -48.08
CA ASN A 120 8.85 35.29 -49.42
C ASN A 120 10.01 35.08 -50.40
N LYS A 121 11.13 34.53 -49.95
CA LYS A 121 12.28 34.28 -50.80
C LYS A 121 12.03 33.19 -51.83
N GLU A 122 10.90 32.48 -51.73
CA GLU A 122 10.54 31.39 -52.65
C GLU A 122 11.56 30.26 -52.63
N LYS A 123 12.36 30.19 -51.58
CA LYS A 123 13.32 29.12 -51.37
C LYS A 123 13.26 28.71 -49.90
N GLU A 124 14.10 27.75 -49.52
CA GLU A 124 14.24 27.39 -48.12
C GLU A 124 15.09 28.44 -47.41
N VAL A 125 14.61 28.91 -46.26
CA VAL A 125 15.30 29.91 -45.47
C VAL A 125 15.79 29.24 -44.20
N LEU A 126 17.11 29.15 -44.04
CA LEU A 126 17.70 28.63 -42.82
C LEU A 126 17.68 29.70 -41.75
N VAL A 127 17.04 29.41 -40.62
CA VAL A 127 16.87 30.36 -39.53
C VAL A 127 17.51 29.78 -38.27
N LEU A 128 18.30 30.60 -37.58
CA LEU A 128 19.04 30.16 -36.41
C LEU A 128 18.76 31.10 -35.24
N TRP A 129 18.85 30.55 -34.03
CA TRP A 129 18.66 31.31 -32.81
C TRP A 129 19.38 30.59 -31.68
N GLY A 130 19.42 31.25 -30.51
CA GLY A 130 20.10 30.68 -29.36
C GLY A 130 19.32 30.96 -28.09
N VAL A 131 19.69 30.21 -27.05
CA VAL A 131 19.05 30.30 -25.74
C VAL A 131 20.15 30.42 -24.68
N HIS A 132 20.18 31.55 -23.98
CA HIS A 132 21.23 31.79 -22.98
C HIS A 132 20.89 31.08 -21.69
N HIS A 133 21.88 30.40 -21.12
CA HIS A 133 21.75 29.68 -19.85
C HIS A 133 22.69 30.33 -18.83
N PRO A 134 22.25 31.38 -18.15
CA PRO A 134 23.13 32.09 -17.21
C PRO A 134 23.57 31.19 -16.05
N SER A 135 24.56 31.69 -15.31
CA SER A 135 25.22 30.90 -14.29
C SER A 135 24.64 31.08 -12.89
N ASN A 136 23.90 32.16 -12.64
CA ASN A 136 23.32 32.37 -11.33
C ASN A 136 22.00 33.13 -11.46
N ILE A 137 21.21 33.07 -10.39
CA ILE A 137 19.91 33.73 -10.39
C ILE A 137 20.06 35.25 -10.47
N ARG A 138 21.16 35.77 -9.93
CA ARG A 138 21.34 37.23 -9.87
C ARG A 138 21.48 37.82 -11.28
N ASP A 139 22.22 37.16 -12.16
CA ASP A 139 22.38 37.64 -13.52
C ASP A 139 21.22 37.27 -14.44
N GLN A 140 20.33 36.39 -13.98
CA GLN A 140 19.09 36.15 -14.72
C GLN A 140 18.13 37.33 -14.58
N ARG A 141 18.05 37.90 -13.38
CA ARG A 141 17.21 39.07 -13.15
C ARG A 141 17.83 40.34 -13.73
N ALA A 142 19.16 40.46 -13.68
CA ALA A 142 19.82 41.69 -14.08
C ALA A 142 19.81 41.89 -15.59
N ILE A 143 19.54 40.84 -16.37
CA ILE A 143 19.53 40.94 -17.82
C ILE A 143 18.14 40.76 -18.40
N TYR A 144 17.27 40.00 -17.74
CA TYR A 144 15.95 39.69 -18.30
C TYR A 144 14.80 39.96 -17.35
N HIS A 145 15.07 40.25 -16.07
CA HIS A 145 14.03 40.63 -15.09
C HIS A 145 12.97 39.56 -14.92
N THR A 146 13.34 38.30 -15.06
CA THR A 146 12.41 37.20 -14.83
C THR A 146 13.18 35.93 -14.51
N GLU A 147 12.79 35.25 -13.44
CA GLU A 147 13.47 34.03 -13.03
C GLU A 147 13.03 32.83 -13.84
N ASN A 148 11.75 32.78 -14.23
CA ASN A 148 11.18 31.66 -14.97
C ASN A 148 10.88 32.13 -16.39
N ALA A 149 11.94 32.17 -17.21
CA ALA A 149 11.79 32.65 -18.58
C ALA A 149 11.33 31.54 -19.51
N TYR A 150 10.68 31.93 -20.61
CA TYR A 150 10.24 30.98 -21.62
C TYR A 150 10.58 31.52 -23.00
N VAL A 151 10.85 30.61 -23.92
CA VAL A 151 11.10 30.92 -25.33
C VAL A 151 10.33 29.93 -26.17
N SER A 152 9.55 30.43 -27.14
CA SER A 152 8.72 29.59 -27.98
C SER A 152 9.02 29.88 -29.44
N VAL A 153 9.51 28.87 -30.15
CA VAL A 153 9.74 28.94 -31.59
C VAL A 153 8.76 28.00 -32.26
N VAL A 154 7.87 28.54 -33.09
CA VAL A 154 6.81 27.78 -33.73
C VAL A 154 6.74 28.15 -35.20
N SER A 155 6.70 27.14 -36.06
CA SER A 155 6.43 27.31 -37.47
C SER A 155 5.45 26.22 -37.90
N SER A 156 5.17 26.16 -39.20
CA SER A 156 4.27 25.11 -39.70
C SER A 156 4.87 23.72 -39.57
N HIS A 157 6.20 23.60 -39.49
CA HIS A 157 6.85 22.31 -39.46
C HIS A 157 7.76 22.11 -38.26
N TYR A 158 7.68 22.97 -37.24
CA TYR A 158 8.56 22.85 -36.08
C TYR A 158 8.01 23.72 -34.97
N SER A 159 7.73 23.11 -33.83
CA SER A 159 7.19 23.80 -32.66
C SER A 159 7.89 23.30 -31.41
N ARG A 160 8.57 24.20 -30.70
CA ARG A 160 9.31 23.81 -29.51
C ARG A 160 9.38 25.01 -28.55
N ARG A 161 9.42 24.71 -27.26
CA ARG A 161 9.32 25.70 -26.20
C ARG A 161 10.43 25.44 -25.18
N PHE A 162 11.31 26.43 -24.99
CA PHE A 162 12.50 26.25 -24.18
C PHE A 162 12.34 26.92 -22.81
N THR A 163 12.91 26.29 -21.79
CA THR A 163 12.96 26.83 -20.44
C THR A 163 14.42 26.94 -20.01
N PRO A 164 15.01 28.13 -20.02
CA PRO A 164 16.41 28.28 -19.58
C PRO A 164 16.56 27.99 -18.10
N GLU A 165 17.37 26.99 -17.79
CA GLU A 165 17.65 26.62 -16.41
C GLU A 165 18.95 27.27 -15.94
N ILE A 166 18.96 27.69 -14.68
CA ILE A 166 20.12 28.37 -14.10
C ILE A 166 21.07 27.33 -13.54
N ALA A 167 22.29 27.29 -14.07
CA ALA A 167 23.30 26.32 -13.65
C ALA A 167 24.68 26.90 -13.88
N LYS A 168 25.56 26.72 -12.90
CA LYS A 168 26.93 27.26 -12.96
C LYS A 168 27.85 26.12 -13.40
N ARG A 169 28.15 26.09 -14.69
CA ARG A 169 28.95 25.04 -15.30
C ARG A 169 30.43 25.35 -15.18
N PRO A 170 31.31 24.41 -15.53
CA PRO A 170 32.74 24.73 -15.55
C PRO A 170 33.03 25.79 -16.62
N LYS A 171 34.05 26.61 -16.34
CA LYS A 171 34.36 27.73 -17.22
C LYS A 171 34.89 27.23 -18.56
N VAL A 172 34.37 27.84 -19.64
CA VAL A 172 34.84 27.59 -20.99
C VAL A 172 34.89 28.93 -21.70
N ARG A 173 36.01 29.22 -22.38
CA ARG A 173 36.32 30.57 -22.86
C ARG A 173 36.23 31.59 -21.73
N GLY A 174 36.51 31.16 -20.51
CA GLY A 174 36.38 32.03 -19.35
C GLY A 174 34.97 32.47 -19.06
N GLN A 175 33.97 31.64 -19.35
CA GLN A 175 32.57 31.99 -19.15
C GLN A 175 31.86 30.87 -18.40
N GLU A 176 31.09 31.25 -17.38
CA GLU A 176 30.40 30.25 -16.56
C GLU A 176 29.06 29.83 -17.15
N GLY A 177 28.50 30.62 -18.07
CA GLY A 177 27.23 30.31 -18.69
C GLY A 177 27.38 29.86 -20.14
N ARG A 178 26.30 29.28 -20.65
CA ARG A 178 26.25 28.74 -22.00
C ARG A 178 25.16 29.41 -22.81
N ILE A 179 25.29 29.31 -24.13
CA ILE A 179 24.20 29.62 -25.06
C ILE A 179 24.01 28.41 -25.97
N ASN A 180 22.84 27.79 -25.90
CA ASN A 180 22.53 26.65 -26.74
C ASN A 180 21.99 27.14 -28.07
N TYR A 181 22.49 26.56 -29.15
CA TYR A 181 22.17 27.00 -30.50
C TYR A 181 21.18 26.04 -31.15
N TYR A 182 20.23 26.60 -31.89
CA TYR A 182 19.18 25.81 -32.53
C TYR A 182 18.89 26.39 -33.92
N TRP A 183 18.35 25.55 -34.79
CA TRP A 183 18.08 25.95 -36.17
C TRP A 183 16.86 25.22 -36.69
N THR A 184 16.40 25.65 -37.87
CA THR A 184 15.28 25.02 -38.56
C THR A 184 15.30 25.45 -40.01
N LEU A 185 14.50 24.77 -40.82
CA LEU A 185 14.34 25.08 -42.24
C LEU A 185 12.91 25.53 -42.51
N LEU A 186 12.78 26.67 -43.17
CA LEU A 186 11.48 27.32 -43.39
C LEU A 186 11.11 27.19 -44.86
N GLU A 187 10.01 26.49 -45.14
CA GLU A 187 9.60 26.24 -46.51
C GLU A 187 9.08 27.53 -47.15
N PRO A 188 9.06 27.57 -48.49
CA PRO A 188 8.52 28.75 -49.17
C PRO A 188 7.03 28.93 -48.86
N GLY A 189 6.68 30.13 -48.39
CA GLY A 189 5.32 30.41 -47.98
C GLY A 189 5.03 30.15 -46.52
N ASP A 190 6.03 29.78 -45.73
CA ASP A 190 5.85 29.44 -44.33
C ASP A 190 6.26 30.62 -43.44
N THR A 191 5.68 30.68 -42.26
CA THR A 191 5.93 31.74 -41.30
C THR A 191 6.45 31.13 -39.99
N ILE A 192 7.53 31.72 -39.47
CA ILE A 192 8.09 31.32 -38.18
C ILE A 192 7.88 32.46 -37.19
N ILE A 193 7.53 32.12 -35.96
CA ILE A 193 7.09 33.08 -34.96
C ILE A 193 7.92 32.87 -33.69
N PHE A 194 8.58 33.92 -33.22
CA PHE A 194 9.33 33.89 -31.98
C PHE A 194 8.60 34.68 -30.90
N GLU A 195 8.49 34.08 -29.72
CA GLU A 195 7.94 34.73 -28.55
C GLU A 195 8.80 34.35 -27.35
N ALA A 196 9.04 35.32 -26.47
CA ALA A 196 9.88 35.06 -25.30
C ALA A 196 9.65 36.17 -24.28
N ASN A 197 10.28 36.02 -23.11
CA ASN A 197 10.39 37.09 -22.14
C ASN A 197 11.77 37.13 -21.49
N GLY A 198 12.75 36.49 -22.13
CA GLY A 198 14.11 36.45 -21.61
C GLY A 198 14.90 35.30 -22.18
N ASN A 199 16.23 35.46 -22.23
CA ASN A 199 17.16 34.40 -22.61
C ASN A 199 17.05 34.03 -24.09
N LEU A 200 16.67 34.98 -24.93
CA LEU A 200 16.49 34.73 -26.37
C LEU A 200 17.65 35.35 -27.15
N ILE A 201 18.29 34.53 -27.99
CA ILE A 201 19.29 35.01 -28.94
C ILE A 201 18.64 35.03 -30.31
N ALA A 202 17.94 36.12 -30.62
CA ALA A 202 17.12 36.15 -31.82
C ALA A 202 17.98 36.18 -33.08
N PRO A 203 17.44 35.72 -34.21
CA PRO A 203 18.20 35.80 -35.47
C PRO A 203 18.38 37.24 -35.91
N TRP A 204 19.54 37.51 -36.49
CA TRP A 204 19.90 38.82 -37.03
C TRP A 204 20.00 38.81 -38.55
N TYR A 205 20.78 37.89 -39.13
CA TYR A 205 20.62 37.51 -40.52
C TYR A 205 20.23 36.04 -40.61
N ALA A 206 19.74 35.66 -41.79
CA ALA A 206 19.40 34.28 -42.10
C ALA A 206 19.77 33.99 -43.54
N PHE A 207 19.80 32.71 -43.90
CA PHE A 207 20.22 32.29 -45.23
C PHE A 207 19.09 31.60 -45.97
N ALA A 208 18.78 32.09 -47.16
CA ALA A 208 17.92 31.41 -48.12
C ALA A 208 18.78 30.63 -49.10
N LEU A 209 18.33 29.42 -49.45
CA LEU A 209 19.18 28.51 -50.21
C LEU A 209 18.33 27.49 -50.95
N SER A 210 18.89 26.97 -52.04
CA SER A 210 18.33 25.85 -52.77
C SER A 210 19.20 24.63 -52.49
N ARG A 211 18.59 23.61 -51.89
CA ARG A 211 19.33 22.50 -51.30
C ARG A 211 19.54 21.39 -52.33
N GLY A 212 20.80 21.06 -52.59
CA GLY A 212 21.14 20.01 -53.53
C GLY A 212 22.10 20.46 -54.62
N ALA B 1 -3.24 20.16 -30.12
CA ALA B 1 -3.25 18.80 -30.66
C ALA B 1 -4.13 17.88 -29.82
N PRO B 2 -5.39 17.73 -30.22
CA PRO B 2 -6.28 16.82 -29.52
C PRO B 2 -6.19 15.40 -30.04
N LEU B 3 -6.19 14.44 -29.09
CA LEU B 3 -6.21 13.02 -29.42
C LEU B 3 -7.64 12.50 -29.22
N GLN B 4 -8.34 12.28 -30.33
CA GLN B 4 -9.71 11.80 -30.27
C GLN B 4 -9.72 10.28 -30.11
N LEU B 5 -10.76 9.78 -29.43
CA LEU B 5 -10.89 8.36 -29.16
C LEU B 5 -12.11 7.71 -29.81
N GLY B 6 -13.05 8.49 -30.32
CA GLY B 6 -14.24 7.90 -30.90
C GLY B 6 -15.13 7.28 -29.84
N ASN B 7 -15.75 6.16 -30.17
CA ASN B 7 -16.68 5.48 -29.26
C ASN B 7 -15.98 4.84 -28.07
N CYS B 8 -14.65 4.76 -28.09
CA CYS B 8 -13.91 4.08 -27.03
C CYS B 8 -13.58 5.02 -25.89
N SER B 9 -13.53 4.47 -24.69
CA SER B 9 -12.97 5.18 -23.55
C SER B 9 -11.45 5.04 -23.58
N VAL B 10 -10.78 5.79 -22.69
CA VAL B 10 -9.33 5.69 -22.62
C VAL B 10 -8.90 4.32 -22.11
N ALA B 11 -9.77 3.62 -21.37
CA ALA B 11 -9.46 2.27 -20.93
C ALA B 11 -9.37 1.31 -22.11
N GLY B 12 -10.46 1.20 -22.88
CA GLY B 12 -10.43 0.35 -24.06
C GLY B 12 -9.37 0.77 -25.06
N TRP B 13 -9.02 2.06 -25.07
CA TRP B 13 -7.93 2.54 -25.91
C TRP B 13 -6.59 2.03 -25.43
N ILE B 14 -6.22 2.37 -24.19
CA ILE B 14 -4.89 2.03 -23.67
C ILE B 14 -4.69 0.52 -23.57
N LEU B 15 -5.76 -0.25 -23.45
CA LEU B 15 -5.68 -1.70 -23.38
C LEU B 15 -5.75 -2.39 -24.73
N GLY B 16 -6.03 -1.65 -25.80
CA GLY B 16 -6.15 -2.28 -27.10
C GLY B 16 -7.39 -3.12 -27.26
N ASN B 17 -8.53 -2.62 -26.78
CA ASN B 17 -9.80 -3.31 -26.96
C ASN B 17 -10.05 -3.47 -28.47
N PRO B 18 -10.35 -4.69 -28.95
CA PRO B 18 -10.46 -4.92 -30.39
C PRO B 18 -11.40 -3.99 -31.14
N GLU B 19 -12.32 -3.34 -30.41
CA GLU B 19 -13.19 -2.35 -31.02
C GLU B 19 -12.55 -0.97 -31.10
N CYS B 20 -11.31 -0.84 -30.61
CA CYS B 20 -10.58 0.43 -30.60
C CYS B 20 -9.38 0.40 -31.54
N GLU B 21 -9.50 -0.36 -32.63
CA GLU B 21 -8.35 -0.75 -33.42
C GLU B 21 -7.87 0.32 -34.40
N SER B 22 -8.75 1.24 -34.81
CA SER B 22 -8.35 2.29 -35.72
C SER B 22 -7.52 3.38 -35.06
N LEU B 23 -7.55 3.46 -33.73
CA LEU B 23 -6.88 4.53 -33.00
C LEU B 23 -5.38 4.27 -32.97
N ILE B 24 -4.65 4.92 -33.86
CA ILE B 24 -3.20 4.97 -33.81
C ILE B 24 -2.85 6.33 -33.23
N SER B 25 -2.55 6.36 -31.93
CA SER B 25 -2.21 7.62 -31.28
C SER B 25 -0.95 8.22 -31.90
N LYS B 26 -0.95 9.54 -32.02
CA LYS B 26 0.17 10.24 -32.61
C LYS B 26 1.22 10.55 -31.55
N GLU B 27 2.33 11.18 -31.98
CA GLU B 27 3.51 11.30 -31.12
C GLU B 27 3.20 12.08 -29.85
N SER B 28 2.35 13.10 -29.93
CA SER B 28 2.05 13.93 -28.78
C SER B 28 0.67 14.56 -28.93
N TRP B 29 0.12 15.00 -27.80
CA TRP B 29 -1.19 15.64 -27.79
C TRP B 29 -1.31 16.46 -26.52
N SER B 30 -2.23 17.43 -26.55
CA SER B 30 -2.45 18.32 -25.43
C SER B 30 -3.63 17.92 -24.56
N TYR B 31 -4.67 17.35 -25.14
CA TYR B 31 -5.82 16.87 -24.38
C TYR B 31 -6.54 15.82 -25.20
N ILE B 32 -7.19 14.89 -24.50
CA ILE B 32 -7.85 13.75 -25.11
C ILE B 32 -9.35 14.01 -25.15
N VAL B 33 -9.94 13.92 -26.34
CA VAL B 33 -11.39 14.04 -26.51
C VAL B 33 -11.97 12.63 -26.39
N GLU B 34 -12.54 12.33 -25.23
CA GLU B 34 -13.06 11.01 -24.95
C GLU B 34 -14.53 10.92 -25.37
N THR B 35 -15.06 9.70 -25.30
CA THR B 35 -16.45 9.45 -25.65
C THR B 35 -17.38 9.90 -24.52
N PRO B 36 -18.60 10.35 -24.86
CA PRO B 36 -19.54 10.70 -23.79
C PRO B 36 -19.94 9.50 -22.95
N ASN B 37 -20.37 8.41 -23.57
CA ASN B 37 -20.70 7.17 -22.87
C ASN B 37 -20.02 6.01 -23.56
N PRO B 38 -19.03 5.38 -22.94
CA PRO B 38 -18.36 4.24 -23.58
C PRO B 38 -19.04 2.90 -23.31
N GLU B 39 -19.31 2.15 -24.37
CA GLU B 39 -19.65 0.74 -24.27
C GLU B 39 -18.55 -0.15 -24.82
N ASN B 40 -17.37 0.41 -25.08
CA ASN B 40 -16.24 -0.33 -25.62
C ASN B 40 -15.05 -0.37 -24.66
N GLY B 41 -15.18 0.19 -23.46
CA GLY B 41 -14.11 0.13 -22.48
C GLY B 41 -14.23 -1.12 -21.62
N THR B 42 -13.08 -1.76 -21.38
CA THR B 42 -12.99 -3.05 -20.68
C THR B 42 -13.90 -4.09 -21.34
N CYS B 43 -13.37 -4.80 -22.33
CA CYS B 43 -14.22 -5.75 -23.05
C CYS B 43 -14.53 -6.99 -22.22
N TYR B 44 -13.72 -7.28 -21.20
CA TYR B 44 -13.97 -8.40 -20.31
C TYR B 44 -14.13 -7.83 -18.91
N PRO B 45 -15.24 -8.08 -18.21
CA PRO B 45 -15.58 -7.25 -17.04
C PRO B 45 -14.49 -7.30 -15.97
N GLY B 46 -14.30 -6.16 -15.31
CA GLY B 46 -13.30 -6.03 -14.26
C GLY B 46 -13.10 -4.58 -13.89
N TYR B 47 -12.78 -4.31 -12.63
CA TYR B 47 -12.55 -2.94 -12.18
C TYR B 47 -11.10 -2.54 -12.42
N PHE B 48 -10.93 -1.44 -13.14
CA PHE B 48 -9.63 -0.90 -13.49
C PHE B 48 -9.13 -0.02 -12.35
N ALA B 49 -8.00 -0.38 -11.75
CA ALA B 49 -7.52 0.30 -10.57
C ALA B 49 -6.92 1.65 -10.92
N ASP B 50 -7.26 2.67 -10.13
CA ASP B 50 -6.74 4.03 -10.28
C ASP B 50 -7.00 4.57 -11.69
N TYR B 51 -8.26 4.54 -12.08
CA TYR B 51 -8.63 4.93 -13.45
C TYR B 51 -8.59 6.43 -13.65
N GLU B 52 -9.10 7.19 -12.67
CA GLU B 52 -9.03 8.65 -12.77
C GLU B 52 -7.59 9.15 -12.68
N GLU B 53 -6.72 8.40 -12.01
CA GLU B 53 -5.32 8.80 -11.89
C GLU B 53 -4.59 8.64 -13.21
N LEU B 54 -4.90 7.58 -13.97
CA LEU B 54 -4.23 7.37 -15.25
C LEU B 54 -4.70 8.37 -16.29
N ARG B 55 -5.96 8.78 -16.24
CA ARG B 55 -6.46 9.81 -17.16
C ARG B 55 -5.75 11.14 -16.92
N GLU B 56 -5.26 11.37 -15.71
CA GLU B 56 -4.51 12.59 -15.41
C GLU B 56 -3.08 12.51 -15.93
N GLN B 57 -2.50 11.31 -15.95
CA GLN B 57 -1.13 11.16 -16.44
C GLN B 57 -1.06 11.29 -17.96
N LEU B 58 -2.11 10.89 -18.66
CA LEU B 58 -2.12 10.85 -20.11
C LEU B 58 -2.85 12.04 -20.74
N SER B 59 -3.23 13.04 -19.94
CA SER B 59 -3.95 14.18 -20.51
C SER B 59 -3.08 14.96 -21.47
N SER B 60 -1.82 15.17 -21.12
CA SER B 60 -0.88 15.92 -21.97
C SER B 60 0.46 15.21 -21.92
N VAL B 61 0.88 14.65 -23.06
CA VAL B 61 2.14 13.93 -23.16
C VAL B 61 2.90 14.40 -24.40
N SER B 62 4.19 14.07 -24.42
CA SER B 62 5.05 14.32 -25.56
C SER B 62 5.92 13.10 -25.79
N SER B 63 6.18 12.79 -27.06
CA SER B 63 7.00 11.63 -27.45
C SER B 63 6.39 10.34 -26.91
N PHE B 64 5.24 10.00 -27.48
CA PHE B 64 4.47 8.82 -27.08
C PHE B 64 4.78 7.67 -28.03
N GLU B 65 5.13 6.51 -27.47
CA GLU B 65 5.66 5.40 -28.24
C GLU B 65 5.05 4.09 -27.74
N ARG B 66 4.40 3.36 -28.65
CA ARG B 66 3.84 2.05 -28.35
C ARG B 66 4.82 0.99 -28.84
N PHE B 67 5.47 0.29 -27.92
CA PHE B 67 6.45 -0.74 -28.27
C PHE B 67 6.02 -2.10 -27.71
N GLU B 68 6.69 -3.13 -28.19
CA GLU B 68 6.39 -4.52 -27.84
C GLU B 68 7.32 -4.92 -26.69
N ILE B 69 6.78 -4.91 -25.46
CA ILE B 69 7.61 -5.12 -24.29
C ILE B 69 8.00 -6.58 -24.13
N PHE B 70 7.07 -7.51 -24.37
CA PHE B 70 7.34 -8.94 -24.30
C PHE B 70 6.79 -9.59 -25.57
N PRO B 71 7.64 -9.97 -26.52
CA PRO B 71 7.15 -10.63 -27.74
C PRO B 71 6.33 -11.87 -27.45
N LYS B 72 5.40 -12.15 -28.36
CA LYS B 72 4.42 -13.20 -28.13
C LYS B 72 5.03 -14.59 -28.29
N GLU B 73 5.86 -14.76 -29.33
CA GLU B 73 6.37 -16.07 -29.70
C GLU B 73 7.76 -16.35 -29.13
N SER B 74 8.14 -15.67 -28.05
CA SER B 74 9.46 -15.90 -27.47
C SER B 74 9.51 -15.63 -25.97
N SER B 75 8.72 -14.66 -25.49
CA SER B 75 8.81 -14.28 -24.08
C SER B 75 8.23 -15.33 -23.17
N TRP B 76 7.24 -16.09 -23.63
CA TRP B 76 6.49 -17.02 -22.79
C TRP B 76 6.76 -18.43 -23.32
N PRO B 77 7.85 -19.05 -22.86
CA PRO B 77 8.31 -20.28 -23.55
C PRO B 77 7.43 -21.49 -23.31
N ASN B 78 6.96 -21.69 -22.08
CA ASN B 78 6.26 -22.92 -21.70
C ASN B 78 4.80 -22.64 -21.36
N HIS B 79 4.17 -21.71 -22.08
CA HIS B 79 2.82 -21.30 -21.79
C HIS B 79 2.08 -20.99 -23.08
N THR B 80 0.75 -21.08 -23.00
CA THR B 80 -0.11 -20.79 -24.13
C THR B 80 -0.50 -19.32 -24.11
N VAL B 81 -0.44 -18.67 -25.28
CA VAL B 81 -0.74 -17.25 -25.42
C VAL B 81 -1.86 -16.98 -26.41
N THR B 82 -2.48 -18.02 -26.96
CA THR B 82 -3.56 -17.87 -27.93
C THR B 82 -4.92 -17.77 -27.29
N GLY B 83 -4.99 -17.55 -25.97
CA GLY B 83 -6.27 -17.47 -25.31
C GLY B 83 -7.06 -16.25 -25.75
N VAL B 84 -8.36 -16.47 -25.98
CA VAL B 84 -9.28 -15.41 -26.37
C VAL B 84 -10.54 -15.52 -25.52
N THR B 85 -11.54 -14.70 -25.84
CA THR B 85 -12.83 -14.79 -25.17
C THR B 85 -13.90 -14.25 -26.09
N ALA B 86 -15.10 -14.82 -26.00
CA ALA B 86 -16.23 -14.33 -26.78
C ALA B 86 -16.65 -12.92 -26.39
N SER B 87 -16.17 -12.44 -25.23
CA SER B 87 -16.55 -11.11 -24.78
C SER B 87 -15.81 -10.02 -25.55
N CYS B 88 -14.58 -10.28 -25.95
CA CYS B 88 -13.78 -9.32 -26.69
C CYS B 88 -13.76 -9.66 -28.18
N SER B 89 -14.92 -9.91 -28.75
CA SER B 89 -15.01 -10.34 -30.13
C SER B 89 -14.66 -9.20 -31.08
N HIS B 90 -13.98 -9.55 -32.18
CA HIS B 90 -13.66 -8.62 -33.25
C HIS B 90 -14.06 -9.27 -34.56
N ASN B 91 -14.94 -8.60 -35.32
CA ASN B 91 -15.52 -9.16 -36.53
C ASN B 91 -16.28 -10.45 -36.25
N GLY B 92 -17.05 -10.46 -35.15
CA GLY B 92 -17.84 -11.62 -34.79
C GLY B 92 -17.04 -12.85 -34.51
N LYS B 93 -15.78 -12.69 -34.09
CA LYS B 93 -14.87 -13.81 -33.86
C LYS B 93 -14.17 -13.60 -32.53
N SER B 94 -14.06 -14.66 -31.74
CA SER B 94 -13.50 -14.57 -30.40
C SER B 94 -12.06 -14.05 -30.46
N SER B 95 -11.84 -12.90 -29.84
CA SER B 95 -10.53 -12.25 -29.86
C SER B 95 -10.17 -11.84 -28.43
N PHE B 96 -9.24 -10.89 -28.30
CA PHE B 96 -8.79 -10.41 -27.01
C PHE B 96 -8.05 -9.10 -27.24
N TYR B 97 -7.59 -8.49 -26.15
CA TYR B 97 -6.95 -7.18 -26.23
C TYR B 97 -5.74 -7.20 -27.16
N ARG B 98 -5.47 -6.06 -27.79
CA ARG B 98 -4.30 -5.91 -28.64
C ARG B 98 -3.02 -5.63 -27.86
N ASN B 99 -3.12 -5.41 -26.54
CA ASN B 99 -1.97 -5.04 -25.73
C ASN B 99 -1.72 -6.03 -24.59
N LEU B 100 -2.45 -7.14 -24.56
CA LEU B 100 -2.34 -8.10 -23.46
C LEU B 100 -2.39 -9.52 -24.02
N LEU B 101 -2.05 -10.48 -23.15
CA LEU B 101 -2.06 -11.89 -23.50
C LEU B 101 -2.61 -12.70 -22.34
N TRP B 102 -3.47 -13.67 -22.65
CA TRP B 102 -3.98 -14.60 -21.65
C TRP B 102 -3.02 -15.78 -21.54
N LEU B 103 -2.28 -15.85 -20.45
CA LEU B 103 -1.34 -16.95 -20.24
C LEU B 103 -2.08 -18.14 -19.65
N THR B 104 -2.34 -19.15 -20.46
CA THR B 104 -3.04 -20.35 -20.05
C THR B 104 -2.10 -21.55 -20.01
N GLU B 105 -2.66 -22.72 -19.76
CA GLU B 105 -1.87 -23.93 -19.57
C GLU B 105 -1.27 -24.40 -20.90
N LYS B 106 -0.26 -25.25 -20.79
CA LYS B 106 0.38 -25.89 -21.95
C LYS B 106 0.78 -27.29 -21.56
N ASN B 107 0.29 -28.28 -22.32
CA ASN B 107 0.59 -29.70 -22.09
C ASN B 107 0.15 -30.13 -20.69
N GLY B 108 -1.04 -29.69 -20.28
CA GLY B 108 -1.55 -30.03 -18.97
C GLY B 108 -0.74 -29.49 -17.82
N LEU B 109 0.02 -28.42 -18.03
CA LEU B 109 0.84 -27.82 -17.00
C LEU B 109 0.81 -26.30 -17.15
N TYR B 110 1.25 -25.62 -16.09
CA TYR B 110 1.37 -24.17 -16.11
C TYR B 110 2.31 -23.79 -14.97
N PRO B 111 3.61 -23.79 -15.22
CA PRO B 111 4.61 -23.71 -14.14
C PRO B 111 4.82 -22.30 -13.64
N ASN B 112 5.76 -22.17 -12.70
CA ASN B 112 6.08 -20.87 -12.12
C ASN B 112 6.65 -19.94 -13.17
N LEU B 113 6.01 -18.80 -13.37
CA LEU B 113 6.40 -17.83 -14.37
C LEU B 113 7.33 -16.80 -13.77
N SER B 114 8.29 -16.34 -14.57
CA SER B 114 9.22 -15.31 -14.13
C SER B 114 9.87 -14.68 -15.36
N ASN B 115 9.52 -13.42 -15.64
CA ASN B 115 10.07 -12.68 -16.77
C ASN B 115 10.05 -11.20 -16.41
N SER B 116 11.14 -10.50 -16.70
CA SER B 116 11.31 -9.11 -16.29
C SER B 116 11.72 -8.26 -17.48
N TYR B 117 11.67 -6.94 -17.28
CA TYR B 117 11.94 -5.96 -18.32
C TYR B 117 12.69 -4.78 -17.72
N VAL B 118 13.79 -4.38 -18.36
CA VAL B 118 14.59 -3.23 -17.96
C VAL B 118 14.25 -2.06 -18.89
N ASN B 119 14.14 -0.86 -18.31
CA ASN B 119 13.73 0.31 -19.07
C ASN B 119 14.96 0.93 -19.72
N ASN B 120 15.19 0.59 -20.99
CA ASN B 120 16.23 1.21 -21.79
C ASN B 120 15.67 2.25 -22.76
N LYS B 121 14.47 2.75 -22.51
CA LYS B 121 13.81 3.71 -23.39
C LYS B 121 14.13 5.16 -23.05
N GLU B 122 14.95 5.41 -22.03
CA GLU B 122 15.33 6.75 -21.58
C GLU B 122 14.12 7.61 -21.21
N LYS B 123 12.95 6.99 -21.02
CA LYS B 123 11.70 7.71 -20.79
C LYS B 123 10.89 6.92 -19.78
N GLU B 124 9.72 7.45 -19.44
CA GLU B 124 8.78 6.75 -18.56
C GLU B 124 7.98 5.74 -19.39
N VAL B 125 8.10 4.46 -19.05
CA VAL B 125 7.40 3.39 -19.75
C VAL B 125 6.17 3.01 -18.95
N LEU B 126 5.01 3.07 -19.60
CA LEU B 126 3.75 2.66 -19.00
C LEU B 126 3.51 1.19 -19.30
N VAL B 127 3.25 0.40 -18.24
CA VAL B 127 3.01 -1.03 -18.36
C VAL B 127 1.66 -1.34 -17.75
N LEU B 128 0.89 -2.21 -18.42
CA LEU B 128 -0.43 -2.62 -17.96
C LEU B 128 -0.52 -4.14 -17.96
N TRP B 129 -1.28 -4.68 -17.01
CA TRP B 129 -1.49 -6.11 -16.90
C TRP B 129 -2.74 -6.35 -16.08
N GLY B 130 -3.29 -7.56 -16.22
CA GLY B 130 -4.50 -7.94 -15.53
C GLY B 130 -4.29 -9.17 -14.64
N VAL B 131 -5.29 -9.41 -13.79
CA VAL B 131 -5.34 -10.59 -12.94
C VAL B 131 -6.72 -11.20 -13.09
N HIS B 132 -6.78 -12.43 -13.56
CA HIS B 132 -8.05 -13.07 -13.86
C HIS B 132 -8.64 -13.72 -12.62
N HIS B 133 -9.97 -13.70 -12.54
CA HIS B 133 -10.72 -14.25 -11.42
C HIS B 133 -11.78 -15.21 -11.95
N PRO B 134 -11.49 -16.51 -11.99
CA PRO B 134 -12.49 -17.47 -12.46
C PRO B 134 -13.71 -17.50 -11.55
N SER B 135 -14.81 -18.05 -12.09
CA SER B 135 -16.08 -18.09 -11.39
C SER B 135 -16.22 -19.30 -10.47
N ASN B 136 -15.61 -20.43 -10.82
CA ASN B 136 -15.64 -21.62 -9.98
C ASN B 136 -14.25 -22.24 -9.94
N ILE B 137 -14.02 -23.04 -8.89
CA ILE B 137 -12.70 -23.63 -8.68
C ILE B 137 -12.41 -24.71 -9.71
N ARG B 138 -13.42 -25.21 -10.42
CA ARG B 138 -13.18 -26.21 -11.45
C ARG B 138 -12.47 -25.59 -12.65
N ASP B 139 -12.79 -24.35 -12.98
CA ASP B 139 -12.14 -23.67 -14.10
C ASP B 139 -10.84 -22.98 -13.70
N GLN B 140 -10.61 -22.77 -12.40
CA GLN B 140 -9.28 -22.43 -11.93
C GLN B 140 -8.30 -23.56 -12.23
N ARG B 141 -8.75 -24.80 -12.02
CA ARG B 141 -7.91 -25.96 -12.32
C ARG B 141 -7.78 -26.19 -13.81
N ALA B 142 -8.88 -26.06 -14.55
CA ALA B 142 -8.88 -26.39 -15.97
C ALA B 142 -8.01 -25.44 -16.80
N ILE B 143 -7.68 -24.27 -16.27
CA ILE B 143 -6.89 -23.29 -17.00
C ILE B 143 -5.52 -23.08 -16.37
N TYR B 144 -5.44 -23.14 -15.03
CA TYR B 144 -4.21 -22.81 -14.33
C TYR B 144 -3.66 -23.95 -13.47
N HIS B 145 -4.43 -25.02 -13.26
CA HIS B 145 -4.02 -26.20 -12.51
C HIS B 145 -3.75 -25.93 -11.03
N THR B 146 -3.24 -24.75 -10.70
CA THR B 146 -3.04 -24.38 -9.32
C THR B 146 -4.33 -23.87 -8.71
N GLU B 147 -4.59 -24.26 -7.45
CA GLU B 147 -5.76 -23.77 -6.73
C GLU B 147 -5.44 -22.52 -5.92
N ASN B 148 -4.27 -22.49 -5.27
CA ASN B 148 -3.82 -21.33 -4.51
C ASN B 148 -2.79 -20.61 -5.38
N ALA B 149 -3.26 -19.68 -6.20
CA ALA B 149 -2.44 -18.99 -7.16
C ALA B 149 -1.95 -17.66 -6.61
N TYR B 150 -0.94 -17.08 -7.29
CA TYR B 150 -0.41 -15.79 -6.91
C TYR B 150 0.16 -15.11 -8.14
N VAL B 151 0.10 -13.78 -8.15
CA VAL B 151 0.75 -12.95 -9.16
C VAL B 151 1.48 -11.84 -8.42
N SER B 152 2.78 -11.70 -8.68
CA SER B 152 3.63 -10.74 -7.98
C SER B 152 4.28 -9.81 -9.00
N VAL B 153 4.01 -8.51 -8.89
CA VAL B 153 4.60 -7.50 -9.73
C VAL B 153 5.48 -6.60 -8.87
N VAL B 154 6.73 -6.41 -9.25
CA VAL B 154 7.71 -5.69 -8.44
C VAL B 154 8.54 -4.79 -9.34
N SER B 155 8.65 -3.52 -8.96
CA SER B 155 9.59 -2.58 -9.55
C SER B 155 10.18 -1.73 -8.43
N SER B 156 10.85 -0.64 -8.79
CA SER B 156 11.53 0.16 -7.78
C SER B 156 10.55 0.92 -6.89
N HIS B 157 9.37 1.27 -7.41
CA HIS B 157 8.44 2.12 -6.69
C HIS B 157 7.07 1.49 -6.52
N TYR B 158 6.89 0.23 -6.90
CA TYR B 158 5.57 -0.39 -6.82
C TYR B 158 5.73 -1.90 -6.71
N SER B 159 5.26 -2.46 -5.59
CA SER B 159 5.29 -3.89 -5.34
C SER B 159 3.93 -4.33 -4.81
N ARG B 160 3.47 -5.50 -5.26
CA ARG B 160 2.17 -6.01 -4.85
C ARG B 160 2.06 -7.47 -5.27
N ARG B 161 1.28 -8.24 -4.49
CA ARG B 161 1.10 -9.66 -4.72
C ARG B 161 -0.39 -9.96 -4.69
N PHE B 162 -0.94 -10.42 -5.82
CA PHE B 162 -2.37 -10.63 -5.98
C PHE B 162 -2.70 -12.10 -5.74
N THR B 163 -3.60 -12.35 -4.78
CA THR B 163 -4.19 -13.67 -4.58
C THR B 163 -5.52 -13.71 -5.30
N PRO B 164 -5.61 -14.32 -6.48
CA PRO B 164 -6.88 -14.32 -7.22
C PRO B 164 -7.96 -15.09 -6.48
N GLU B 165 -9.06 -14.41 -6.19
CA GLU B 165 -10.15 -14.98 -5.42
C GLU B 165 -11.20 -15.59 -6.35
N ILE B 166 -11.67 -16.77 -5.98
CA ILE B 166 -12.70 -17.47 -6.75
C ILE B 166 -14.06 -17.05 -6.20
N ALA B 167 -14.91 -16.51 -7.08
CA ALA B 167 -16.23 -16.06 -6.67
C ALA B 167 -17.15 -16.05 -7.88
N LYS B 168 -18.33 -16.64 -7.73
CA LYS B 168 -19.33 -16.65 -8.79
C LYS B 168 -20.10 -15.34 -8.71
N ARG B 169 -19.89 -14.46 -9.68
CA ARG B 169 -20.33 -13.08 -9.66
C ARG B 169 -21.44 -12.84 -10.67
N PRO B 170 -22.18 -11.74 -10.57
CA PRO B 170 -23.27 -11.50 -11.53
C PRO B 170 -22.75 -11.29 -12.94
N LYS B 171 -23.53 -11.76 -13.91
CA LYS B 171 -23.11 -11.79 -15.30
C LYS B 171 -23.00 -10.37 -15.85
N VAL B 172 -21.79 -9.98 -16.25
CA VAL B 172 -21.53 -8.73 -16.95
C VAL B 172 -20.82 -9.06 -18.27
N ARG B 173 -21.34 -8.51 -19.36
CA ARG B 173 -20.90 -8.78 -20.73
C ARG B 173 -20.83 -10.27 -21.01
N GLY B 174 -21.66 -11.06 -20.30
CA GLY B 174 -21.70 -12.50 -20.52
C GLY B 174 -20.62 -13.31 -19.83
N GLN B 175 -20.13 -12.87 -18.67
CA GLN B 175 -19.05 -13.56 -17.98
C GLN B 175 -19.28 -13.51 -16.48
N GLU B 176 -19.17 -14.67 -15.84
CA GLU B 176 -19.30 -14.74 -14.38
C GLU B 176 -18.02 -14.34 -13.67
N GLY B 177 -16.89 -14.33 -14.38
CA GLY B 177 -15.61 -13.98 -13.82
C GLY B 177 -15.15 -12.60 -14.24
N ARG B 178 -14.04 -12.16 -13.67
CA ARG B 178 -13.53 -10.82 -13.86
C ARG B 178 -12.03 -10.86 -14.18
N ILE B 179 -11.53 -9.76 -14.70
CA ILE B 179 -10.09 -9.48 -14.80
C ILE B 179 -9.88 -8.06 -14.31
N ASN B 180 -9.29 -7.92 -13.12
CA ASN B 180 -8.94 -6.60 -12.61
C ASN B 180 -7.65 -6.13 -13.28
N TYR B 181 -7.69 -4.90 -13.80
CA TYR B 181 -6.59 -4.36 -14.59
C TYR B 181 -5.71 -3.47 -13.72
N TYR B 182 -4.40 -3.53 -13.95
CA TYR B 182 -3.42 -2.84 -13.11
C TYR B 182 -2.33 -2.27 -13.99
N TRP B 183 -1.83 -1.09 -13.61
CA TRP B 183 -0.81 -0.39 -14.37
C TRP B 183 0.19 0.25 -13.42
N THR B 184 1.26 0.77 -13.99
CA THR B 184 2.32 1.44 -13.23
C THR B 184 3.22 2.19 -14.20
N LEU B 185 3.99 3.13 -13.66
CA LEU B 185 4.99 3.87 -14.41
C LEU B 185 6.37 3.30 -14.13
N LEU B 186 7.13 3.04 -15.19
CA LEU B 186 8.48 2.50 -15.08
C LEU B 186 9.47 3.60 -15.43
N GLU B 187 10.38 3.88 -14.50
CA GLU B 187 11.34 4.96 -14.67
C GLU B 187 12.54 4.49 -15.49
N PRO B 188 13.24 5.41 -16.15
CA PRO B 188 14.44 5.02 -16.90
C PRO B 188 15.49 4.41 -15.98
N GLY B 189 16.01 3.24 -16.38
CA GLY B 189 16.93 2.50 -15.56
C GLY B 189 16.29 1.54 -14.58
N ASP B 190 14.97 1.58 -14.45
CA ASP B 190 14.25 0.71 -13.54
C ASP B 190 13.85 -0.59 -14.24
N THR B 191 13.64 -1.63 -13.44
CA THR B 191 13.29 -2.95 -13.95
C THR B 191 12.03 -3.43 -13.25
N ILE B 192 11.09 -3.97 -14.02
CA ILE B 192 9.83 -4.50 -13.50
C ILE B 192 9.86 -6.02 -13.63
N ILE B 193 9.40 -6.70 -12.58
CA ILE B 193 9.49 -8.16 -12.50
C ILE B 193 8.10 -8.71 -12.25
N PHE B 194 7.65 -9.62 -13.12
CA PHE B 194 6.43 -10.38 -12.92
C PHE B 194 6.77 -11.82 -12.60
N GLU B 195 6.11 -12.37 -11.58
CA GLU B 195 6.19 -13.79 -11.25
C GLU B 195 4.81 -14.27 -10.86
N ALA B 196 4.41 -15.42 -11.41
CA ALA B 196 3.08 -15.94 -11.15
C ALA B 196 3.06 -17.42 -11.45
N ASN B 197 2.07 -18.10 -10.88
CA ASN B 197 1.76 -19.48 -11.24
C ASN B 197 0.39 -19.63 -11.89
N GLY B 198 -0.36 -18.54 -12.03
CA GLY B 198 -1.70 -18.62 -12.58
C GLY B 198 -2.36 -17.25 -12.60
N ASN B 199 -3.41 -17.15 -13.41
CA ASN B 199 -4.32 -16.01 -13.47
C ASN B 199 -3.67 -14.75 -14.00
N LEU B 200 -2.42 -14.82 -14.45
CA LEU B 200 -1.72 -13.64 -14.94
C LEU B 200 -2.19 -13.29 -16.34
N ILE B 201 -2.71 -12.08 -16.51
CA ILE B 201 -2.98 -11.51 -17.83
C ILE B 201 -1.77 -10.62 -18.11
N ALA B 202 -0.77 -11.21 -18.73
CA ALA B 202 0.54 -10.58 -18.86
C ALA B 202 0.52 -9.44 -19.88
N PRO B 203 1.39 -8.45 -19.70
CA PRO B 203 1.50 -7.38 -20.70
C PRO B 203 2.06 -7.91 -22.02
N TRP B 204 1.61 -7.29 -23.10
CA TRP B 204 2.00 -7.70 -24.46
C TRP B 204 2.61 -6.55 -25.24
N TYR B 205 1.96 -5.38 -25.29
CA TYR B 205 2.63 -4.14 -25.63
C TYR B 205 2.53 -3.16 -24.47
N ALA B 206 3.63 -2.45 -24.22
CA ALA B 206 3.67 -1.32 -23.31
C ALA B 206 3.81 -0.04 -24.12
N PHE B 207 3.81 1.09 -23.42
CA PHE B 207 4.02 2.38 -24.07
C PHE B 207 5.10 3.16 -23.35
N ALA B 208 5.96 3.81 -24.12
CA ALA B 208 6.94 4.76 -23.62
C ALA B 208 6.49 6.17 -23.96
N LEU B 209 6.67 7.09 -23.01
CA LEU B 209 6.11 8.43 -23.16
C LEU B 209 6.91 9.40 -22.30
N SER B 210 6.61 10.69 -22.47
CA SER B 210 7.21 11.75 -21.66
C SER B 210 6.09 12.70 -21.26
N ARG B 211 5.79 12.76 -19.96
CA ARG B 211 4.69 13.57 -19.46
C ARG B 211 5.03 15.05 -19.56
N GLY B 212 4.23 15.78 -20.33
CA GLY B 212 4.44 17.21 -20.50
C GLY B 212 3.73 17.79 -21.71
N ASP C 1 21.81 26.79 -5.24
CA ASP C 1 22.13 25.73 -4.28
C ASP C 1 21.08 24.62 -4.34
N ILE C 2 21.36 23.59 -5.14
CA ILE C 2 20.42 22.49 -5.29
C ILE C 2 20.38 21.68 -4.00
N VAL C 3 19.17 21.43 -3.52
CA VAL C 3 18.95 20.72 -2.26
C VAL C 3 18.66 19.26 -2.59
N MET C 4 19.57 18.37 -2.21
CA MET C 4 19.41 16.94 -2.42
C MET C 4 18.82 16.31 -1.17
N THR C 5 17.66 15.69 -1.31
CA THR C 5 16.93 15.10 -0.20
C THR C 5 16.80 13.60 -0.40
N GLN C 6 17.13 12.83 0.63
CA GLN C 6 17.05 11.38 0.57
C GLN C 6 15.92 10.86 1.46
N SER C 7 15.55 9.61 1.19
CA SER C 7 14.50 8.90 1.93
C SER C 7 14.72 7.40 1.83
N PRO C 8 14.70 6.67 2.96
CA PRO C 8 14.54 7.21 4.31
C PRO C 8 15.88 7.60 4.93
N ASP C 9 15.88 7.78 6.26
CA ASP C 9 17.10 8.11 6.98
C ASP C 9 17.83 6.88 7.50
N SER C 10 17.15 5.73 7.58
CA SER C 10 17.77 4.49 8.02
C SER C 10 16.90 3.34 7.52
N LEU C 11 17.55 2.35 6.92
CA LEU C 11 16.84 1.23 6.29
C LEU C 11 17.40 -0.08 6.81
N ALA C 12 16.54 -0.90 7.40
CA ALA C 12 16.93 -2.19 7.97
C ALA C 12 16.00 -3.25 7.43
N VAL C 13 16.54 -4.15 6.59
CA VAL C 13 15.77 -5.23 6.00
C VAL C 13 16.56 -6.53 6.12
N SER C 14 15.85 -7.64 5.99
CA SER C 14 16.44 -8.95 6.17
C SER C 14 17.43 -9.26 5.04
N LEU C 15 18.29 -10.24 5.30
CA LEU C 15 19.27 -10.67 4.31
C LEU C 15 18.56 -11.28 3.11
N GLY C 16 18.91 -10.81 1.92
CA GLY C 16 18.27 -11.25 0.70
C GLY C 16 17.01 -10.48 0.34
N GLU C 17 16.48 -9.66 1.23
CA GLU C 17 15.29 -8.87 0.92
C GLU C 17 15.66 -7.76 -0.07
N ARG C 18 14.72 -6.85 -0.29
CA ARG C 18 14.81 -5.87 -1.36
C ARG C 18 14.74 -4.47 -0.75
N ALA C 19 15.76 -3.66 -1.01
CA ALA C 19 15.91 -2.35 -0.39
C ALA C 19 15.98 -1.27 -1.45
N THR C 20 15.25 -0.17 -1.22
CA THR C 20 15.22 0.97 -2.12
C THR C 20 15.64 2.22 -1.39
N ILE C 21 16.47 3.04 -2.03
CA ILE C 21 16.92 4.31 -1.50
C ILE C 21 16.47 5.39 -2.48
N ASN C 22 15.67 6.33 -2.00
CA ASN C 22 15.02 7.32 -2.85
C ASN C 22 15.63 8.69 -2.60
N CYS C 23 15.98 9.40 -3.68
CA CYS C 23 16.63 10.70 -3.61
C CYS C 23 15.85 11.69 -4.47
N LYS C 24 15.29 12.72 -3.85
CA LYS C 24 14.56 13.76 -4.54
C LYS C 24 15.40 15.03 -4.60
N SER C 25 15.54 15.59 -5.79
CA SER C 25 16.33 16.79 -6.02
C SER C 25 15.44 18.03 -6.03
N SER C 26 16.02 19.16 -5.62
CA SER C 26 15.31 20.44 -5.61
C SER C 26 15.18 21.04 -7.01
N GLN C 27 15.64 20.34 -8.04
CA GLN C 27 15.66 20.87 -9.40
C GLN C 27 15.97 19.72 -10.34
N SER C 28 15.55 19.85 -11.59
CA SER C 28 15.77 18.79 -12.58
C SER C 28 17.27 18.66 -12.87
N LEU C 29 17.75 17.42 -12.86
CA LEU C 29 19.16 17.14 -13.13
C LEU C 29 19.40 16.78 -14.59
N LEU C 30 18.54 17.22 -15.50
CA LEU C 30 18.64 16.91 -16.91
C LEU C 30 19.05 18.16 -17.69
N TYR C 31 19.62 17.93 -18.87
CA TYR C 31 20.08 19.01 -19.73
C TYR C 31 19.21 19.05 -20.99
N SER C 32 18.83 20.26 -21.40
CA SER C 32 17.96 20.43 -22.56
C SER C 32 18.62 19.89 -23.83
N SER C 33 19.95 19.86 -23.87
CA SER C 33 20.65 19.41 -25.06
C SER C 33 20.42 17.92 -25.31
N ARG C 34 20.85 17.08 -24.38
CA ARG C 34 20.85 15.64 -24.57
C ARG C 34 19.80 14.98 -23.69
N ASN C 35 20.13 13.81 -23.13
CA ASN C 35 19.26 13.11 -22.19
C ASN C 35 20.16 12.29 -21.24
N LYS C 36 20.90 13.00 -20.40
CA LYS C 36 21.72 12.37 -19.36
C LYS C 36 21.52 13.11 -18.06
N ASN C 37 21.33 12.37 -16.98
CA ASN C 37 20.94 12.92 -15.68
C ASN C 37 22.16 12.92 -14.77
N TYR C 38 22.64 14.11 -14.42
CA TYR C 38 23.87 14.26 -13.65
C TYR C 38 23.57 14.07 -12.15
N LEU C 39 23.35 12.81 -11.80
CA LEU C 39 23.25 12.38 -10.41
C LEU C 39 24.19 11.20 -10.21
N ALA C 40 24.80 11.14 -9.03
CA ALA C 40 25.72 10.08 -8.69
C ALA C 40 25.35 9.50 -7.33
N TRP C 41 25.66 8.21 -7.15
CA TRP C 41 25.39 7.49 -5.91
C TRP C 41 26.72 7.00 -5.34
N TYR C 42 26.94 7.26 -4.06
CA TYR C 42 28.17 6.86 -3.40
C TYR C 42 27.88 5.95 -2.21
N GLN C 43 28.84 5.07 -1.92
CA GLN C 43 28.82 4.21 -0.75
C GLN C 43 29.94 4.63 0.19
N GLN C 44 29.67 4.55 1.49
CA GLN C 44 30.70 4.86 2.50
C GLN C 44 30.60 3.85 3.62
N LYS C 45 31.43 2.81 3.56
CA LYS C 45 31.54 1.88 4.67
C LYS C 45 32.24 2.57 5.84
N PRO C 46 31.99 2.12 7.07
CA PRO C 46 32.53 2.82 8.25
C PRO C 46 34.05 2.86 8.24
N GLY C 47 34.60 4.06 8.41
CA GLY C 47 36.03 4.26 8.45
C GLY C 47 36.69 4.37 7.09
N GLN C 48 35.95 4.25 6.01
CA GLN C 48 36.48 4.32 4.66
C GLN C 48 36.01 5.60 3.97
N PRO C 49 36.67 6.00 2.88
CA PRO C 49 36.17 7.13 2.10
C PRO C 49 34.98 6.72 1.26
N PRO C 50 34.25 7.69 0.68
CA PRO C 50 33.16 7.34 -0.22
C PRO C 50 33.65 6.55 -1.43
N LYS C 51 32.73 5.80 -2.03
CA LYS C 51 33.01 4.98 -3.20
C LYS C 51 31.90 5.19 -4.21
N LEU C 52 32.26 5.70 -5.39
CA LEU C 52 31.26 5.94 -6.43
C LEU C 52 30.70 4.63 -6.95
N LEU C 53 29.38 4.48 -6.87
CA LEU C 53 28.69 3.29 -7.35
C LEU C 53 27.95 3.51 -8.66
N ILE C 54 27.33 4.68 -8.84
CA ILE C 54 26.52 4.97 -10.01
C ILE C 54 26.77 6.42 -10.43
N TYR C 55 26.99 6.63 -11.73
CA TYR C 55 27.02 7.96 -12.32
C TYR C 55 26.04 7.98 -13.48
N TRP C 56 25.71 9.19 -13.94
CA TRP C 56 24.69 9.39 -14.98
C TRP C 56 23.37 8.72 -14.57
N ALA C 57 23.04 8.80 -13.28
CA ALA C 57 21.79 8.31 -12.73
C ALA C 57 21.63 6.80 -12.84
N SER C 58 21.93 6.23 -14.01
CA SER C 58 21.68 4.81 -14.28
C SER C 58 22.94 3.97 -14.44
N THR C 59 24.01 4.54 -15.00
CA THR C 59 25.20 3.77 -15.34
C THR C 59 26.02 3.45 -14.10
N ARG C 60 26.52 2.21 -14.03
CA ARG C 60 27.41 1.77 -12.97
C ARG C 60 28.86 1.89 -13.42
N GLU C 61 29.76 1.92 -12.43
CA GLU C 61 31.18 1.88 -12.70
C GLU C 61 31.70 0.44 -12.62
N SER C 62 32.93 0.25 -13.07
CA SER C 62 33.51 -1.08 -13.09
C SER C 62 33.69 -1.63 -11.67
N GLY C 63 33.47 -2.93 -11.52
CA GLY C 63 33.61 -3.59 -10.24
C GLY C 63 32.39 -3.52 -9.34
N VAL C 64 31.41 -2.70 -9.68
CA VAL C 64 30.20 -2.58 -8.85
C VAL C 64 29.27 -3.75 -9.18
N PRO C 65 28.70 -4.42 -8.17
CA PRO C 65 27.83 -5.57 -8.46
C PRO C 65 26.61 -5.20 -9.28
N ASP C 66 25.98 -6.23 -9.84
CA ASP C 66 24.81 -6.02 -10.69
C ASP C 66 23.55 -5.74 -9.90
N ARG C 67 23.48 -6.24 -8.66
CA ARG C 67 22.28 -6.01 -7.85
C ARG C 67 22.03 -4.53 -7.59
N LEU C 68 23.07 -3.70 -7.67
CA LEU C 68 22.89 -2.25 -7.59
C LEU C 68 22.43 -1.71 -8.93
N SER C 69 21.53 -0.73 -8.88
CA SER C 69 21.02 -0.09 -10.08
C SER C 69 20.39 1.24 -9.70
N GLY C 70 20.54 2.23 -10.57
CA GLY C 70 19.98 3.54 -10.33
C GLY C 70 18.95 3.92 -11.37
N SER C 71 17.78 4.36 -10.93
CA SER C 71 16.71 4.75 -11.83
C SER C 71 16.30 6.20 -11.56
N GLY C 72 15.57 6.77 -12.51
CA GLY C 72 15.08 8.12 -12.37
C GLY C 72 15.46 9.03 -13.51
N SER C 73 14.68 10.09 -13.71
CA SER C 73 14.96 11.08 -14.74
C SER C 73 14.18 12.34 -14.43
N GLY C 74 14.89 13.43 -14.16
CA GLY C 74 14.26 14.69 -13.79
C GLY C 74 14.58 15.11 -12.37
N THR C 75 13.59 15.03 -11.49
CA THR C 75 13.75 15.44 -10.10
C THR C 75 13.66 14.30 -9.11
N ASP C 76 13.38 13.08 -9.58
CA ASP C 76 13.13 11.94 -8.71
C ASP C 76 14.05 10.80 -9.13
N PHE C 77 14.89 10.33 -8.21
CA PHE C 77 15.89 9.33 -8.51
C PHE C 77 15.87 8.26 -7.41
N THR C 78 16.39 7.07 -7.76
CA THR C 78 16.26 5.92 -6.88
C THR C 78 17.48 5.01 -6.99
N LEU C 79 18.04 4.63 -5.85
CA LEU C 79 18.98 3.53 -5.75
C LEU C 79 18.26 2.32 -5.17
N THR C 80 18.52 1.15 -5.75
CA THR C 80 17.81 -0.07 -5.37
C THR C 80 18.79 -1.23 -5.26
N ILE C 81 18.67 -2.00 -4.18
CA ILE C 81 19.45 -3.21 -3.97
C ILE C 81 18.49 -4.38 -4.07
N SER C 82 18.61 -5.17 -5.14
CA SER C 82 17.65 -6.24 -5.40
C SER C 82 17.77 -7.35 -4.36
N SER C 83 18.99 -7.80 -4.08
CA SER C 83 19.24 -8.84 -3.09
C SER C 83 20.31 -8.33 -2.13
N LEU C 84 19.88 -7.82 -0.99
CA LEU C 84 20.81 -7.19 -0.05
C LEU C 84 21.71 -8.24 0.59
N GLN C 85 23.02 -8.02 0.53
CA GLN C 85 24.01 -8.93 1.05
C GLN C 85 24.55 -8.40 2.38
N ALA C 86 25.56 -9.08 2.92
CA ALA C 86 26.10 -8.70 4.22
C ALA C 86 27.09 -7.55 4.11
N GLU C 87 27.91 -7.55 3.07
CA GLU C 87 28.92 -6.51 2.87
C GLU C 87 28.35 -5.21 2.32
N ASP C 88 27.03 -5.12 2.17
CA ASP C 88 26.39 -3.91 1.69
C ASP C 88 26.05 -2.93 2.80
N VAL C 89 26.28 -3.31 4.05
CA VAL C 89 26.00 -2.43 5.19
C VAL C 89 26.88 -1.19 5.11
N ALA C 90 26.32 -0.09 4.64
CA ALA C 90 27.08 1.14 4.48
C ALA C 90 26.09 2.29 4.28
N VAL C 91 26.62 3.51 4.36
CA VAL C 91 25.83 4.72 4.16
C VAL C 91 25.90 5.10 2.68
N TYR C 92 24.77 5.56 2.14
CA TYR C 92 24.65 5.85 0.72
C TYR C 92 24.23 7.30 0.54
N TYR C 93 25.03 8.09 -0.16
CA TYR C 93 24.69 9.47 -0.49
C TYR C 93 24.46 9.62 -1.98
N CYS C 94 23.40 10.35 -2.32
CA CYS C 94 23.19 10.83 -3.67
C CYS C 94 23.73 12.25 -3.77
N GLN C 95 24.41 12.54 -4.88
CA GLN C 95 25.05 13.83 -5.05
C GLN C 95 24.92 14.27 -6.49
N GLN C 96 24.61 15.55 -6.68
CA GLN C 96 24.45 16.12 -8.01
C GLN C 96 25.73 16.80 -8.44
N TYR C 97 26.21 16.45 -9.63
CA TYR C 97 27.26 17.19 -10.31
C TYR C 97 26.67 17.98 -11.48
N TYR C 98 25.46 18.48 -11.28
CA TYR C 98 24.78 19.34 -12.24
C TYR C 98 25.38 20.73 -12.22
N SER C 99 25.10 21.48 -11.16
CA SER C 99 25.63 22.82 -10.96
C SER C 99 26.48 22.85 -9.70
N ILE C 100 27.16 23.96 -9.49
CA ILE C 100 28.07 24.12 -8.37
C ILE C 100 27.53 25.26 -7.51
N PRO C 101 27.54 25.14 -6.16
CA PRO C 101 28.14 24.14 -5.27
C PRO C 101 27.65 22.70 -5.48
N LEU C 102 28.60 21.79 -5.59
CA LEU C 102 28.27 20.36 -5.64
C LEU C 102 27.80 19.91 -4.26
N THR C 103 26.62 19.31 -4.20
CA THR C 103 25.97 19.00 -2.95
C THR C 103 25.56 17.54 -2.89
N PHE C 104 25.81 16.90 -1.75
CA PHE C 104 25.38 15.54 -1.51
C PHE C 104 24.06 15.54 -0.74
N GLY C 105 23.53 14.33 -0.53
CA GLY C 105 22.35 14.17 0.30
C GLY C 105 22.72 13.96 1.76
N GLY C 106 21.68 13.74 2.58
CA GLY C 106 21.89 13.54 4.00
C GLY C 106 22.54 12.22 4.33
N GLY C 107 22.32 11.21 3.52
CA GLY C 107 22.83 9.88 3.79
C GLY C 107 21.70 8.92 4.15
N THR C 108 21.85 7.67 3.72
CA THR C 108 20.90 6.61 4.03
C THR C 108 21.67 5.43 4.61
N LYS C 109 21.46 5.17 5.90
CA LYS C 109 22.16 4.08 6.58
C LYS C 109 21.38 2.78 6.35
N VAL C 110 22.02 1.82 5.69
CA VAL C 110 21.42 0.52 5.39
C VAL C 110 21.94 -0.49 6.40
N GLU C 111 21.03 -1.28 6.98
CA GLU C 111 21.38 -2.25 7.99
C GLU C 111 20.71 -3.59 7.68
N ILE C 112 21.32 -4.67 8.16
CA ILE C 112 20.85 -6.03 7.91
C ILE C 112 20.04 -6.51 9.10
N LYS C 113 18.84 -7.02 8.83
CA LYS C 113 18.08 -7.77 9.81
C LYS C 113 18.44 -9.25 9.71
N ARG C 114 18.61 -9.89 10.86
CA ARG C 114 19.03 -11.29 10.90
C ARG C 114 18.32 -11.97 12.07
N THR C 115 18.87 -13.11 12.50
CA THR C 115 18.41 -13.80 13.69
C THR C 115 18.89 -13.07 14.95
N VAL C 116 18.16 -13.28 16.03
CA VAL C 116 18.47 -12.63 17.30
C VAL C 116 19.73 -13.28 17.88
N ALA C 117 20.81 -12.50 17.95
CA ALA C 117 22.08 -12.99 18.48
C ALA C 117 22.29 -12.44 19.88
N ALA C 118 22.69 -13.31 20.81
CA ALA C 118 22.93 -12.89 22.18
C ALA C 118 24.40 -12.54 22.39
N PRO C 119 24.69 -11.47 23.13
CA PRO C 119 26.08 -11.04 23.31
C PRO C 119 26.83 -11.92 24.31
N SER C 120 28.15 -11.95 24.14
CA SER C 120 29.05 -12.60 25.07
C SER C 120 29.70 -11.51 25.93
N VAL C 121 29.56 -11.63 27.25
CA VAL C 121 29.94 -10.59 28.19
C VAL C 121 31.27 -10.95 28.83
N PHE C 122 32.19 -9.99 28.86
CA PHE C 122 33.42 -10.13 29.63
C PHE C 122 33.72 -8.80 30.32
N ILE C 123 34.40 -8.89 31.46
CA ILE C 123 34.74 -7.73 32.28
C ILE C 123 36.26 -7.71 32.47
N PHE C 124 36.82 -6.51 32.51
CA PHE C 124 38.25 -6.33 32.70
C PHE C 124 38.51 -5.43 33.90
N PRO C 125 39.21 -5.90 34.93
CA PRO C 125 39.56 -5.02 36.04
C PRO C 125 40.67 -4.06 35.63
N PRO C 126 40.76 -2.90 36.25
CA PRO C 126 41.84 -1.97 35.91
C PRO C 126 43.20 -2.57 36.24
N SER C 127 44.14 -2.39 35.31
CA SER C 127 45.49 -2.87 35.52
C SER C 127 46.17 -2.09 36.64
N ASP C 128 47.14 -2.73 37.29
CA ASP C 128 47.91 -2.05 38.32
C ASP C 128 48.67 -0.85 37.79
N GLU C 129 48.85 -0.78 36.46
CA GLU C 129 49.53 0.36 35.86
C GLU C 129 48.69 1.63 35.98
N GLN C 130 47.39 1.52 35.68
CA GLN C 130 46.51 2.69 35.74
C GLN C 130 46.22 3.08 37.19
N LEU C 131 46.07 2.09 38.07
CA LEU C 131 45.74 2.38 39.46
C LEU C 131 46.85 3.18 40.14
N LYS C 132 48.11 2.90 39.78
CA LYS C 132 49.22 3.65 40.33
C LYS C 132 49.12 5.13 39.98
N SER C 133 48.60 5.44 38.78
CA SER C 133 48.42 6.84 38.39
C SER C 133 47.30 7.52 39.17
N GLY C 134 46.34 6.76 39.68
CA GLY C 134 45.26 7.29 40.46
C GLY C 134 43.89 7.27 39.80
N THR C 135 43.69 6.46 38.77
CA THR C 135 42.41 6.37 38.07
C THR C 135 42.06 4.91 37.86
N ALA C 136 40.77 4.58 37.95
CA ALA C 136 40.28 3.22 37.78
C ALA C 136 39.22 3.22 36.69
N SER C 137 39.50 2.53 35.59
CA SER C 137 38.57 2.39 34.47
C SER C 137 38.26 0.91 34.27
N VAL C 138 37.08 0.49 34.70
CA VAL C 138 36.62 -0.87 34.51
C VAL C 138 35.88 -0.94 33.18
N VAL C 139 36.24 -1.91 32.35
CA VAL C 139 35.69 -2.05 31.00
C VAL C 139 34.84 -3.31 30.95
N CYS C 140 33.57 -3.15 30.56
CA CYS C 140 32.66 -4.25 30.32
C CYS C 140 32.45 -4.38 28.82
N LEU C 141 32.63 -5.60 28.30
CA LEU C 141 32.66 -5.85 26.87
C LEU C 141 31.41 -6.61 26.45
N LEU C 142 30.90 -6.29 25.26
CA LEU C 142 29.74 -6.96 24.65
C LEU C 142 30.13 -7.25 23.20
N ASN C 143 30.62 -8.46 22.94
CA ASN C 143 31.25 -8.77 21.66
C ASN C 143 30.29 -8.64 20.48
N ASN C 144 29.31 -9.55 20.38
CA ASN C 144 28.46 -9.63 19.20
C ASN C 144 27.02 -9.85 19.63
N PHE C 145 26.14 -8.89 19.31
CA PHE C 145 24.72 -9.02 19.60
C PHE C 145 23.92 -8.50 18.41
N TYR C 146 22.60 -8.66 18.51
CA TYR C 146 21.62 -8.03 17.62
C TYR C 146 20.26 -8.13 18.28
N PRO C 147 19.48 -7.05 18.34
CA PRO C 147 19.80 -5.73 17.77
C PRO C 147 20.78 -4.91 18.61
N ARG C 148 21.05 -3.67 18.16
CA ARG C 148 22.03 -2.82 18.81
C ARG C 148 21.55 -2.28 20.14
N GLU C 149 20.24 -2.23 20.37
CA GLU C 149 19.70 -1.73 21.62
C GLU C 149 20.13 -2.64 22.78
N ALA C 150 20.92 -2.10 23.69
CA ALA C 150 21.40 -2.86 24.84
C ALA C 150 21.61 -1.92 26.01
N LYS C 151 21.31 -2.40 27.22
CA LYS C 151 21.42 -1.63 28.44
C LYS C 151 22.53 -2.20 29.30
N VAL C 152 23.46 -1.34 29.73
CA VAL C 152 24.59 -1.75 30.57
C VAL C 152 24.52 -0.94 31.86
N GLN C 153 24.37 -1.64 32.98
CA GLN C 153 24.28 -1.01 34.30
C GLN C 153 25.46 -1.47 35.15
N TRP C 154 26.09 -0.52 35.84
CA TRP C 154 27.24 -0.81 36.69
C TRP C 154 26.79 -0.90 38.15
N LYS C 155 27.33 -1.89 38.86
CA LYS C 155 27.02 -2.09 40.27
C LYS C 155 28.33 -2.14 41.05
N VAL C 156 28.46 -1.28 42.05
CA VAL C 156 29.64 -1.21 42.90
C VAL C 156 29.17 -1.53 44.32
N ASP C 157 29.37 -2.79 44.73
CA ASP C 157 28.83 -3.31 45.99
C ASP C 157 27.31 -3.18 46.02
N ASN C 158 26.67 -3.68 44.96
CA ASN C 158 25.22 -3.61 44.79
C ASN C 158 24.73 -2.16 44.88
N ALA C 159 25.38 -1.28 44.12
CA ALA C 159 25.01 0.13 44.04
C ALA C 159 24.92 0.52 42.58
N LEU C 160 23.71 0.84 42.13
CA LEU C 160 23.48 1.22 40.73
C LEU C 160 24.22 2.52 40.42
N GLN C 161 25.11 2.47 39.43
CA GLN C 161 25.98 3.59 39.11
C GLN C 161 25.41 4.41 37.97
N SER C 162 25.67 5.72 38.02
CA SER C 162 25.17 6.65 37.02
C SER C 162 25.97 7.95 37.12
N GLY C 163 26.41 8.47 35.97
CA GLY C 163 27.14 9.71 35.92
C GLY C 163 28.65 9.58 35.86
N ASN C 164 29.17 8.35 35.81
CA ASN C 164 30.61 8.14 35.76
C ASN C 164 31.02 7.03 34.79
N SER C 165 30.10 6.52 33.98
CA SER C 165 30.40 5.47 33.02
C SER C 165 30.03 5.93 31.62
N GLN C 166 30.81 5.47 30.64
CA GLN C 166 30.71 5.93 29.27
C GLN C 166 30.83 4.74 28.34
N GLU C 167 30.12 4.80 27.21
CA GLU C 167 30.09 3.64 26.32
C GLU C 167 30.00 4.09 24.87
N SER C 168 30.46 3.22 23.97
CA SER C 168 30.44 3.46 22.54
C SER C 168 30.23 2.15 21.81
N VAL C 169 29.53 2.21 20.67
CA VAL C 169 29.12 1.03 19.93
C VAL C 169 29.76 1.05 18.56
N THR C 170 30.27 -0.10 18.13
CA THR C 170 30.76 -0.24 16.77
C THR C 170 29.59 -0.34 15.80
N GLU C 171 29.81 0.16 14.59
CA GLU C 171 28.78 0.04 13.57
C GLU C 171 28.71 -1.40 13.06
N GLN C 172 27.66 -1.70 12.30
CA GLN C 172 27.34 -3.07 11.95
C GLN C 172 28.44 -3.69 11.11
N ASP C 173 28.91 -4.87 11.54
CA ASP C 173 29.95 -5.59 10.80
C ASP C 173 29.43 -5.99 9.43
N SER C 174 30.27 -5.82 8.41
CA SER C 174 29.86 -6.04 7.03
C SER C 174 30.06 -7.48 6.63
N LYS C 175 30.00 -8.40 7.59
CA LYS C 175 30.15 -9.83 7.28
C LYS C 175 29.09 -10.67 7.98
N ASP C 176 28.98 -10.52 9.30
CA ASP C 176 28.01 -11.28 10.08
C ASP C 176 26.93 -10.42 10.72
N SER C 177 26.94 -9.11 10.49
CA SER C 177 25.87 -8.20 10.87
C SER C 177 25.74 -8.03 12.39
N THR C 178 26.87 -8.09 13.11
CA THR C 178 26.87 -7.88 14.54
C THR C 178 27.14 -6.42 14.87
N TYR C 179 26.99 -6.08 16.14
CA TYR C 179 27.57 -4.87 16.73
C TYR C 179 28.35 -5.25 17.97
N SER C 180 29.09 -4.28 18.49
CA SER C 180 29.92 -4.48 19.67
C SER C 180 29.83 -3.24 20.56
N LEU C 181 29.83 -3.46 21.87
CA LEU C 181 29.66 -2.37 22.83
C LEU C 181 30.65 -2.55 23.98
N SER C 182 31.31 -1.45 24.36
CA SER C 182 32.13 -1.40 25.55
C SER C 182 31.71 -0.22 26.40
N SER C 183 31.65 -0.42 27.71
CA SER C 183 31.36 0.62 28.67
C SER C 183 32.55 0.81 29.59
N THR C 184 33.02 2.05 29.71
CA THR C 184 34.18 2.37 30.53
C THR C 184 33.71 3.09 31.79
N LEU C 185 33.85 2.43 32.93
CA LEU C 185 33.48 3.01 34.22
C LEU C 185 34.72 3.67 34.81
N THR C 186 34.79 5.00 34.72
CA THR C 186 35.94 5.76 35.20
C THR C 186 35.72 6.14 36.66
N LEU C 187 36.54 5.59 37.55
CA LEU C 187 36.51 5.92 38.97
C LEU C 187 37.88 6.42 39.41
N SER C 188 37.90 7.03 40.58
CA SER C 188 39.15 7.45 41.19
C SER C 188 39.78 6.29 41.97
N LYS C 189 41.03 6.49 42.38
CA LYS C 189 41.74 5.44 43.11
C LYS C 189 41.19 5.27 44.52
N ALA C 190 40.72 6.37 45.14
CA ALA C 190 40.21 6.28 46.51
C ALA C 190 38.86 5.58 46.57
N ASP C 191 38.05 5.70 45.52
CA ASP C 191 36.74 5.07 45.49
C ASP C 191 36.76 3.66 44.92
N TYR C 192 37.82 3.28 44.20
CA TYR C 192 37.90 1.93 43.67
C TYR C 192 38.22 0.93 44.78
N GLU C 193 39.27 1.19 45.55
CA GLU C 193 39.68 0.27 46.59
C GLU C 193 38.82 0.37 47.85
N LYS C 194 38.07 1.46 48.01
CA LYS C 194 37.13 1.55 49.12
C LYS C 194 36.02 0.51 49.00
N HIS C 195 35.74 0.05 47.79
CA HIS C 195 34.69 -0.93 47.53
C HIS C 195 35.32 -2.28 47.16
N LYS C 196 34.46 -3.23 46.80
CA LYS C 196 34.92 -4.60 46.56
C LYS C 196 34.31 -5.22 45.31
N VAL C 197 33.00 -5.43 45.31
CA VAL C 197 32.31 -6.12 44.22
C VAL C 197 31.96 -5.11 43.14
N TYR C 198 32.39 -5.37 41.91
CA TYR C 198 32.00 -4.59 40.74
C TYR C 198 31.43 -5.54 39.70
N ALA C 199 30.28 -5.16 39.13
CA ALA C 199 29.54 -6.04 38.23
C ALA C 199 28.80 -5.21 37.20
N CYS C 200 28.92 -5.58 35.93
CA CYS C 200 28.17 -4.95 34.85
C CYS C 200 27.03 -5.87 34.43
N GLU C 201 25.80 -5.40 34.59
CA GLU C 201 24.61 -6.16 34.28
C GLU C 201 24.09 -5.76 32.90
N VAL C 202 23.65 -6.75 32.13
CA VAL C 202 23.27 -6.55 30.74
C VAL C 202 21.88 -7.13 30.50
N THR C 203 20.98 -6.31 29.98
CA THR C 203 19.66 -6.75 29.55
C THR C 203 19.56 -6.62 28.04
N HIS C 204 18.95 -7.63 27.40
CA HIS C 204 18.87 -7.66 25.95
C HIS C 204 17.72 -8.58 25.55
N GLN C 205 17.33 -8.49 24.27
CA GLN C 205 16.27 -9.34 23.76
C GLN C 205 16.69 -10.80 23.75
N GLY C 206 17.88 -11.09 23.22
CA GLY C 206 18.37 -12.46 23.17
C GLY C 206 18.64 -13.08 24.52
N LEU C 207 18.71 -12.28 25.58
CA LEU C 207 18.95 -12.77 26.93
C LEU C 207 17.60 -12.93 27.64
N SER C 208 17.33 -14.15 28.10
CA SER C 208 16.08 -14.39 28.83
C SER C 208 16.09 -13.71 30.19
N SER C 209 17.27 -13.50 30.76
CA SER C 209 17.42 -12.85 32.06
C SER C 209 18.65 -11.97 32.04
N PRO C 210 18.66 -10.89 32.83
CA PRO C 210 19.84 -10.01 32.87
C PRO C 210 21.08 -10.77 33.34
N VAL C 211 22.10 -10.78 32.48
CA VAL C 211 23.35 -11.48 32.74
C VAL C 211 24.32 -10.53 33.42
N THR C 212 25.13 -11.06 34.35
CA THR C 212 26.03 -10.24 35.15
C THR C 212 27.38 -10.93 35.26
N LYS C 213 28.44 -10.23 34.88
CA LYS C 213 29.81 -10.67 35.09
C LYS C 213 30.48 -9.73 36.09
N SER C 214 31.31 -10.30 36.97
CA SER C 214 31.83 -9.54 38.09
C SER C 214 33.18 -10.08 38.54
N PHE C 215 34.05 -9.16 38.96
CA PHE C 215 35.23 -9.47 39.76
C PHE C 215 35.03 -8.86 41.15
N ASN C 216 35.93 -9.22 42.07
CA ASN C 216 35.69 -8.90 43.48
C ASN C 216 36.87 -8.23 44.19
N ARG C 217 38.00 -8.04 43.53
CA ARG C 217 39.13 -7.41 44.20
C ARG C 217 39.15 -5.90 43.94
N GLY C 218 39.83 -5.19 44.84
CA GLY C 218 39.88 -3.74 44.78
C GLY C 218 39.46 -3.10 46.08
N ASP D 1 -19.38 -23.74 -2.41
CA ASP D 1 -20.36 -22.93 -1.69
C ASP D 1 -19.80 -22.42 -0.38
N ILE D 2 -19.92 -21.11 -0.15
CA ILE D 2 -19.47 -20.52 1.10
C ILE D 2 -20.33 -21.03 2.24
N VAL D 3 -19.68 -21.47 3.32
CA VAL D 3 -20.36 -22.02 4.48
C VAL D 3 -20.27 -21.02 5.62
N MET D 4 -21.42 -20.74 6.24
CA MET D 4 -21.50 -19.79 7.35
C MET D 4 -21.79 -20.52 8.65
N THR D 5 -20.91 -20.35 9.62
CA THR D 5 -21.09 -20.85 10.97
C THR D 5 -21.24 -19.67 11.92
N GLN D 6 -22.20 -19.78 12.84
CA GLN D 6 -22.62 -18.65 13.66
C GLN D 6 -22.69 -19.10 15.12
N SER D 7 -22.13 -18.28 16.02
CA SER D 7 -21.98 -18.65 17.42
C SER D 7 -22.30 -17.49 18.34
N PRO D 8 -23.00 -17.73 19.46
CA PRO D 8 -23.57 -19.05 19.77
C PRO D 8 -24.95 -19.22 19.15
N ASP D 9 -25.58 -20.38 19.36
CA ASP D 9 -26.91 -20.59 18.79
C ASP D 9 -27.98 -19.89 19.62
N SER D 10 -27.84 -19.89 20.94
CA SER D 10 -28.75 -19.18 21.83
C SER D 10 -27.93 -18.33 22.79
N LEU D 11 -28.36 -17.08 22.99
CA LEU D 11 -27.62 -16.12 23.80
C LEU D 11 -28.59 -15.39 24.70
N ALA D 12 -28.42 -15.54 26.01
CA ALA D 12 -29.31 -14.92 27.00
C ALA D 12 -28.49 -13.99 27.87
N VAL D 13 -28.85 -12.70 27.85
CA VAL D 13 -28.23 -11.68 28.70
C VAL D 13 -29.32 -10.79 29.27
N SER D 14 -28.97 -10.05 30.32
CA SER D 14 -29.94 -9.23 31.02
C SER D 14 -30.36 -8.03 30.17
N LEU D 15 -31.40 -7.34 30.62
CA LEU D 15 -31.90 -6.16 29.91
C LEU D 15 -30.95 -5.00 30.16
N GLY D 16 -30.41 -4.43 29.08
CA GLY D 16 -29.41 -3.40 29.18
C GLY D 16 -27.99 -3.88 29.13
N GLU D 17 -27.76 -5.10 28.66
CA GLU D 17 -26.46 -5.73 28.63
C GLU D 17 -25.85 -5.67 27.23
N ARG D 18 -24.52 -5.71 27.18
CA ARG D 18 -23.80 -5.85 25.92
C ARG D 18 -23.68 -7.32 25.57
N ALA D 19 -24.15 -7.70 24.39
CA ALA D 19 -24.11 -9.08 23.91
C ALA D 19 -23.52 -9.09 22.51
N THR D 20 -22.58 -10.02 22.27
CA THR D 20 -21.91 -10.13 21.00
C THR D 20 -22.31 -11.41 20.28
N ILE D 21 -22.43 -11.34 18.96
CA ILE D 21 -22.71 -12.48 18.12
C ILE D 21 -21.57 -12.62 17.12
N ASN D 22 -21.26 -13.87 16.75
CA ASN D 22 -20.10 -14.16 15.92
C ASN D 22 -20.55 -14.73 14.57
N CYS D 23 -19.67 -14.61 13.58
CA CYS D 23 -19.97 -15.10 12.23
C CYS D 23 -18.65 -15.32 11.51
N LYS D 24 -18.28 -16.59 11.31
CA LYS D 24 -17.08 -16.96 10.57
C LYS D 24 -17.46 -17.57 9.22
N SER D 25 -16.70 -17.23 8.19
CA SER D 25 -17.01 -17.63 6.82
C SER D 25 -16.05 -18.71 6.35
N SER D 26 -16.47 -19.42 5.30
CA SER D 26 -15.62 -20.41 4.68
C SER D 26 -14.37 -19.77 4.07
N GLN D 27 -14.57 -18.72 3.27
CA GLN D 27 -13.47 -17.98 2.65
C GLN D 27 -13.71 -16.49 2.85
N SER D 28 -12.74 -15.70 2.42
CA SER D 28 -12.80 -14.26 2.63
C SER D 28 -14.01 -13.66 1.95
N LEU D 29 -14.50 -12.55 2.51
CA LEU D 29 -15.61 -11.80 1.93
C LEU D 29 -15.15 -10.46 1.37
N LEU D 30 -13.85 -10.29 1.15
CA LEU D 30 -13.25 -9.02 0.79
C LEU D 30 -12.84 -9.05 -0.68
N TYR D 31 -13.67 -8.46 -1.55
CA TYR D 31 -13.18 -8.14 -2.88
C TYR D 31 -12.04 -7.14 -2.78
N SER D 32 -10.95 -7.41 -3.49
CA SER D 32 -9.79 -6.54 -3.44
C SER D 32 -9.96 -5.26 -4.23
N SER D 33 -11.11 -5.06 -4.89
CA SER D 33 -11.36 -3.83 -5.62
C SER D 33 -11.30 -2.63 -4.68
N ARG D 34 -12.13 -2.65 -3.63
CA ARG D 34 -12.12 -1.65 -2.59
C ARG D 34 -12.22 -2.37 -1.25
N ASN D 35 -11.64 -1.77 -0.20
CA ASN D 35 -11.62 -2.39 1.11
C ASN D 35 -13.03 -2.38 1.68
N LYS D 36 -13.84 -3.33 1.25
CA LYS D 36 -15.23 -3.46 1.68
C LYS D 36 -15.57 -4.95 1.77
N ASN D 37 -16.03 -5.37 2.94
CA ASN D 37 -16.37 -6.77 3.19
C ASN D 37 -17.86 -6.96 2.94
N TYR D 38 -18.21 -7.72 1.90
CA TYR D 38 -19.60 -7.91 1.54
C TYR D 38 -20.24 -8.89 2.52
N LEU D 39 -20.84 -8.34 3.57
CA LEU D 39 -21.57 -9.11 4.57
C LEU D 39 -22.80 -8.33 5.00
N ALA D 40 -23.85 -9.05 5.37
CA ALA D 40 -25.09 -8.44 5.83
C ALA D 40 -25.58 -9.14 7.08
N TRP D 41 -26.29 -8.39 7.93
CA TRP D 41 -26.84 -8.89 9.18
C TRP D 41 -28.34 -8.64 9.19
N TYR D 42 -29.12 -9.65 9.60
CA TYR D 42 -30.57 -9.54 9.62
C TYR D 42 -31.13 -9.90 10.98
N GLN D 43 -32.28 -9.29 11.29
CA GLN D 43 -33.06 -9.55 12.49
C GLN D 43 -34.41 -10.10 12.08
N GLN D 44 -34.85 -11.18 12.71
CA GLN D 44 -36.15 -11.78 12.40
C GLN D 44 -36.92 -12.02 13.70
N LYS D 45 -37.88 -11.13 13.97
CA LYS D 45 -38.85 -11.39 15.02
C LYS D 45 -39.86 -12.44 14.55
N PRO D 46 -40.45 -13.21 15.47
CA PRO D 46 -41.37 -14.26 15.06
C PRO D 46 -42.60 -13.70 14.37
N GLY D 47 -43.15 -14.50 13.45
CA GLY D 47 -44.31 -14.07 12.68
C GLY D 47 -44.04 -12.93 11.73
N GLN D 48 -42.79 -12.53 11.56
CA GLN D 48 -42.40 -11.42 10.70
C GLN D 48 -41.30 -11.89 9.75
N PRO D 49 -41.10 -11.19 8.64
CA PRO D 49 -39.95 -11.47 7.79
C PRO D 49 -38.67 -10.91 8.39
N PRO D 50 -37.51 -11.37 7.95
CA PRO D 50 -36.25 -10.77 8.41
C PRO D 50 -36.18 -9.30 8.06
N LYS D 51 -35.32 -8.59 8.82
CA LYS D 51 -35.09 -7.17 8.61
C LYS D 51 -33.59 -6.94 8.50
N LEU D 52 -33.17 -6.30 7.42
CA LEU D 52 -31.75 -6.07 7.20
C LEU D 52 -31.21 -5.06 8.21
N LEU D 53 -30.22 -5.47 8.98
CA LEU D 53 -29.57 -4.59 9.95
C LEU D 53 -28.36 -3.89 9.35
N ILE D 54 -27.37 -4.67 8.95
CA ILE D 54 -26.09 -4.15 8.49
C ILE D 54 -25.82 -4.65 7.07
N TYR D 55 -25.14 -3.83 6.29
CA TYR D 55 -24.59 -4.23 5.00
C TYR D 55 -23.16 -3.73 4.92
N TRP D 56 -22.37 -4.37 4.05
CA TRP D 56 -20.93 -4.11 3.97
C TRP D 56 -20.25 -4.32 5.32
N ALA D 57 -20.74 -5.34 6.04
CA ALA D 57 -20.15 -5.81 7.30
C ALA D 57 -20.29 -4.81 8.44
N SER D 58 -20.31 -3.51 8.13
CA SER D 58 -20.26 -2.50 9.18
C SER D 58 -21.22 -1.33 9.01
N THR D 59 -21.90 -1.19 7.88
CA THR D 59 -22.70 -0.01 7.59
C THR D 59 -24.16 -0.24 7.99
N ARG D 60 -24.71 0.73 8.72
CA ARG D 60 -26.10 0.63 9.17
C ARG D 60 -27.05 0.88 8.00
N GLU D 61 -28.19 0.18 8.02
CA GLU D 61 -29.20 0.34 6.98
C GLU D 61 -29.96 1.66 7.07
N SER D 62 -29.65 2.50 8.06
CA SER D 62 -30.36 3.73 8.38
C SER D 62 -31.75 3.42 8.91
N GLY D 63 -32.25 4.26 9.81
CA GLY D 63 -33.38 3.89 10.62
C GLY D 63 -33.09 2.83 11.66
N VAL D 64 -31.85 2.37 11.72
CA VAL D 64 -31.42 1.32 12.65
C VAL D 64 -30.68 2.00 13.81
N PRO D 65 -31.06 1.74 15.06
CA PRO D 65 -30.40 2.42 16.18
C PRO D 65 -28.90 2.17 16.20
N ASP D 66 -28.17 3.15 16.74
CA ASP D 66 -26.71 3.08 16.75
C ASP D 66 -26.16 2.07 17.75
N ARG D 67 -27.01 1.46 18.57
CA ARG D 67 -26.52 0.41 19.46
C ARG D 67 -26.25 -0.90 18.74
N LEU D 68 -26.40 -0.92 17.41
CA LEU D 68 -26.03 -2.06 16.58
C LEU D 68 -24.80 -1.69 15.78
N SER D 69 -23.81 -2.59 15.77
CA SER D 69 -22.58 -2.35 15.03
C SER D 69 -21.98 -3.69 14.60
N GLY D 70 -21.66 -3.79 13.31
CA GLY D 70 -20.93 -4.94 12.79
C GLY D 70 -19.49 -4.55 12.53
N SER D 71 -18.57 -5.48 12.81
CA SER D 71 -17.15 -5.21 12.66
C SER D 71 -16.49 -6.43 12.03
N GLY D 72 -15.16 -6.45 12.04
CA GLY D 72 -14.40 -7.55 11.49
C GLY D 72 -14.04 -7.34 10.04
N SER D 73 -13.20 -8.24 9.54
CA SER D 73 -12.75 -8.19 8.16
C SER D 73 -12.17 -9.55 7.78
N GLY D 74 -12.50 -9.99 6.58
CA GLY D 74 -11.97 -11.27 6.07
C GLY D 74 -12.94 -12.42 6.35
N THR D 75 -12.59 -13.26 7.31
CA THR D 75 -13.36 -14.46 7.63
C THR D 75 -13.92 -14.45 9.05
N ASP D 76 -13.88 -13.31 9.74
CA ASP D 76 -14.33 -13.24 11.12
C ASP D 76 -15.08 -11.92 11.32
N PHE D 77 -16.32 -12.03 11.82
CA PHE D 77 -17.19 -10.88 11.95
C PHE D 77 -17.96 -10.98 13.26
N THR D 78 -18.40 -9.82 13.76
CA THR D 78 -19.05 -9.75 15.05
C THR D 78 -20.18 -8.73 15.03
N LEU D 79 -21.35 -9.14 15.49
CA LEU D 79 -22.49 -8.25 15.70
C LEU D 79 -22.61 -7.94 17.18
N THR D 80 -22.66 -6.66 17.54
CA THR D 80 -22.60 -6.23 18.93
C THR D 80 -23.82 -5.40 19.26
N ILE D 81 -24.51 -5.78 20.34
CA ILE D 81 -25.66 -5.05 20.86
C ILE D 81 -25.29 -4.60 22.27
N SER D 82 -24.77 -3.39 22.40
CA SER D 82 -24.18 -2.96 23.66
C SER D 82 -25.23 -2.67 24.72
N SER D 83 -26.42 -2.21 24.32
CA SER D 83 -27.50 -1.86 25.25
C SER D 83 -28.75 -2.62 24.84
N LEU D 84 -28.85 -3.88 25.27
CA LEU D 84 -29.99 -4.71 24.91
C LEU D 84 -31.28 -4.11 25.43
N GLN D 85 -32.29 -4.01 24.56
CA GLN D 85 -33.60 -3.50 24.94
C GLN D 85 -34.62 -4.63 24.76
N ALA D 86 -35.86 -4.35 25.20
CA ALA D 86 -36.86 -5.41 25.32
C ALA D 86 -37.22 -6.02 23.97
N GLU D 87 -37.60 -5.18 23.01
CA GLU D 87 -38.09 -5.66 21.72
C GLU D 87 -37.00 -6.33 20.88
N ASP D 88 -35.74 -6.33 21.33
CA ASP D 88 -34.67 -6.90 20.52
C ASP D 88 -34.71 -8.43 20.46
N VAL D 89 -35.64 -9.07 21.17
CA VAL D 89 -35.72 -10.52 21.17
C VAL D 89 -36.11 -10.99 19.76
N ALA D 90 -35.19 -11.67 19.10
CA ALA D 90 -35.40 -12.17 17.74
C ALA D 90 -34.27 -13.13 17.41
N VAL D 91 -34.26 -13.62 16.17
CA VAL D 91 -33.22 -14.50 15.67
C VAL D 91 -32.41 -13.73 14.64
N TYR D 92 -31.09 -13.82 14.75
CA TYR D 92 -30.17 -13.07 13.91
C TYR D 92 -29.43 -14.02 12.99
N TYR D 93 -29.33 -13.67 11.71
CA TYR D 93 -28.48 -14.40 10.77
C TYR D 93 -27.57 -13.44 10.03
N CYS D 94 -26.31 -13.84 9.89
CA CYS D 94 -25.38 -13.18 8.98
C CYS D 94 -25.43 -13.85 7.62
N GLN D 95 -25.47 -13.05 6.57
CA GLN D 95 -25.65 -13.55 5.21
C GLN D 95 -24.59 -12.95 4.31
N GLN D 96 -23.82 -13.81 3.66
CA GLN D 96 -22.82 -13.33 2.71
C GLN D 96 -23.46 -13.11 1.34
N TYR D 97 -22.87 -12.18 0.60
CA TYR D 97 -23.26 -11.87 -0.76
C TYR D 97 -22.00 -11.58 -1.58
N TYR D 98 -20.86 -12.05 -1.07
CA TYR D 98 -19.61 -12.11 -1.82
C TYR D 98 -19.78 -12.93 -3.09
N SER D 99 -20.24 -14.17 -2.96
CA SER D 99 -20.42 -15.03 -4.13
C SER D 99 -21.73 -15.80 -4.03
N ILE D 100 -22.28 -16.15 -5.19
CA ILE D 100 -23.53 -16.87 -5.29
C ILE D 100 -23.17 -18.35 -5.36
N PRO D 101 -23.95 -19.26 -4.73
CA PRO D 101 -25.19 -19.06 -3.98
C PRO D 101 -25.05 -18.21 -2.73
N LEU D 102 -25.98 -17.28 -2.55
CA LEU D 102 -26.03 -16.48 -1.34
C LEU D 102 -26.42 -17.37 -0.17
N THR D 103 -25.58 -17.43 0.86
CA THR D 103 -25.77 -18.32 1.99
C THR D 103 -25.89 -17.53 3.28
N PHE D 104 -26.86 -17.90 4.11
CA PHE D 104 -27.00 -17.34 5.45
C PHE D 104 -26.27 -18.25 6.44
N GLY D 105 -26.47 -17.98 7.74
CA GLY D 105 -25.90 -18.78 8.79
C GLY D 105 -26.95 -19.57 9.55
N GLY D 106 -26.50 -20.22 10.62
CA GLY D 106 -27.40 -21.02 11.43
C GLY D 106 -28.40 -20.21 12.21
N GLY D 107 -27.97 -19.07 12.74
CA GLY D 107 -28.86 -18.21 13.49
C GLY D 107 -28.46 -18.12 14.95
N THR D 108 -28.79 -16.98 15.57
CA THR D 108 -28.52 -16.74 16.98
C THR D 108 -29.78 -16.16 17.61
N LYS D 109 -30.34 -16.88 18.58
CA LYS D 109 -31.51 -16.44 19.31
C LYS D 109 -31.07 -15.65 20.55
N VAL D 110 -31.65 -14.47 20.74
CA VAL D 110 -31.34 -13.62 21.88
C VAL D 110 -32.53 -13.64 22.85
N GLU D 111 -32.23 -13.62 24.14
CA GLU D 111 -33.24 -13.73 25.18
C GLU D 111 -32.86 -12.87 26.37
N ILE D 112 -33.87 -12.40 27.09
CA ILE D 112 -33.72 -11.42 28.17
C ILE D 112 -33.85 -12.10 29.51
N LYS D 113 -33.04 -11.65 30.47
CA LYS D 113 -33.14 -12.10 31.86
C LYS D 113 -34.02 -11.12 32.64
N ARG D 114 -34.89 -11.66 33.50
CA ARG D 114 -35.88 -10.81 34.16
C ARG D 114 -36.32 -11.41 35.50
N THR D 115 -35.40 -11.40 36.48
CA THR D 115 -35.67 -11.98 37.79
C THR D 115 -36.19 -13.41 37.63
N VAL D 116 -37.22 -13.77 38.40
CA VAL D 116 -37.89 -15.05 38.25
C VAL D 116 -39.38 -14.85 38.55
N ALA D 117 -40.24 -15.29 37.64
CA ALA D 117 -41.68 -15.23 37.83
C ALA D 117 -42.24 -16.64 37.89
N ALA D 118 -43.06 -16.91 38.88
CA ALA D 118 -43.73 -18.21 38.95
C ALA D 118 -44.98 -18.19 38.08
N PRO D 119 -45.30 -19.31 37.42
CA PRO D 119 -46.49 -19.34 36.56
C PRO D 119 -47.76 -19.62 37.34
N SER D 120 -48.82 -18.89 36.98
CA SER D 120 -50.15 -19.24 37.42
C SER D 120 -50.66 -20.41 36.58
N VAL D 121 -51.14 -21.45 37.25
CA VAL D 121 -51.48 -22.71 36.60
C VAL D 121 -53.00 -22.87 36.60
N PHE D 122 -53.55 -23.24 35.44
CA PHE D 122 -54.98 -23.49 35.31
C PHE D 122 -55.17 -24.74 34.46
N ILE D 123 -56.18 -25.54 34.82
CA ILE D 123 -56.54 -26.75 34.08
C ILE D 123 -57.88 -26.51 33.41
N PHE D 124 -58.07 -27.14 32.26
CA PHE D 124 -59.30 -27.05 31.50
C PHE D 124 -59.79 -28.45 31.14
N PRO D 125 -60.82 -28.96 31.81
CA PRO D 125 -61.37 -30.28 31.45
C PRO D 125 -62.00 -30.24 30.06
N PRO D 126 -62.20 -31.40 29.44
CA PRO D 126 -62.77 -31.41 28.08
C PRO D 126 -64.21 -30.90 28.07
N SER D 127 -64.60 -30.37 26.91
CA SER D 127 -65.96 -29.91 26.73
C SER D 127 -66.86 -31.08 26.32
N ASP D 128 -68.13 -30.99 26.72
CA ASP D 128 -69.10 -32.01 26.33
C ASP D 128 -69.29 -32.07 24.82
N GLU D 129 -68.99 -30.97 24.12
CA GLU D 129 -69.01 -31.01 22.65
C GLU D 129 -67.94 -31.94 22.12
N GLN D 130 -66.74 -31.87 22.69
CA GLN D 130 -65.68 -32.79 22.30
C GLN D 130 -66.01 -34.23 22.70
N LEU D 131 -66.48 -34.42 23.93
CA LEU D 131 -66.77 -35.76 24.43
C LEU D 131 -67.79 -36.48 23.56
N LYS D 132 -68.71 -35.75 22.94
CA LYS D 132 -69.68 -36.39 22.07
C LYS D 132 -69.04 -36.87 20.77
N SER D 133 -67.95 -36.23 20.34
CA SER D 133 -67.25 -36.67 19.14
C SER D 133 -66.23 -37.77 19.42
N GLY D 134 -66.06 -38.17 20.68
CA GLY D 134 -65.23 -39.31 21.02
C GLY D 134 -63.84 -39.01 21.52
N THR D 135 -63.53 -37.77 21.87
CA THR D 135 -62.21 -37.37 22.29
C THR D 135 -62.29 -36.57 23.59
N ALA D 136 -61.25 -36.67 24.41
CA ALA D 136 -61.16 -35.92 25.67
C ALA D 136 -59.77 -35.30 25.76
N SER D 137 -59.68 -34.01 25.47
CA SER D 137 -58.42 -33.27 25.54
C SER D 137 -58.43 -32.41 26.79
N VAL D 138 -57.61 -32.78 27.77
CA VAL D 138 -57.46 -32.00 28.99
C VAL D 138 -56.28 -31.06 28.80
N VAL D 139 -56.48 -29.79 29.14
CA VAL D 139 -55.48 -28.74 28.92
C VAL D 139 -55.00 -28.21 30.25
N CYS D 140 -53.68 -28.05 30.37
CA CYS D 140 -53.05 -27.45 31.54
C CYS D 140 -52.29 -26.20 31.09
N LEU D 141 -52.58 -25.08 31.72
CA LEU D 141 -52.02 -23.79 31.33
C LEU D 141 -50.95 -23.35 32.32
N LEU D 142 -49.84 -22.82 31.80
CA LEU D 142 -48.77 -22.23 32.59
C LEU D 142 -48.48 -20.85 32.00
N ASN D 143 -48.96 -19.81 32.67
CA ASN D 143 -48.99 -18.47 32.09
C ASN D 143 -47.95 -17.57 32.75
N ASN D 144 -47.07 -17.01 31.93
CA ASN D 144 -46.12 -15.97 32.34
C ASN D 144 -45.16 -16.43 33.44
N PHE D 145 -44.13 -17.19 33.07
CA PHE D 145 -43.06 -17.58 33.97
C PHE D 145 -41.72 -17.12 33.40
N TYR D 146 -40.66 -17.39 34.16
CA TYR D 146 -39.28 -17.29 33.71
C TYR D 146 -38.38 -18.00 34.71
N PRO D 147 -37.43 -18.84 34.26
CA PRO D 147 -37.09 -19.17 32.86
C PRO D 147 -38.12 -20.07 32.18
N ARG D 148 -37.94 -20.30 30.87
CA ARG D 148 -38.90 -21.14 30.14
C ARG D 148 -38.88 -22.59 30.62
N GLU D 149 -37.81 -23.01 31.30
CA GLU D 149 -37.67 -24.39 31.71
C GLU D 149 -38.74 -24.77 32.73
N ALA D 150 -39.57 -25.76 32.36
CA ALA D 150 -40.62 -26.24 33.23
C ALA D 150 -40.90 -27.70 32.90
N LYS D 151 -41.64 -28.37 33.79
CA LYS D 151 -41.98 -29.77 33.60
C LYS D 151 -43.42 -29.99 34.05
N VAL D 152 -44.25 -30.45 33.13
CA VAL D 152 -45.67 -30.70 33.38
C VAL D 152 -45.87 -32.21 33.51
N GLN D 153 -46.33 -32.63 34.68
CA GLN D 153 -46.46 -34.05 35.02
C GLN D 153 -47.94 -34.37 35.19
N TRP D 154 -48.49 -35.15 34.27
CA TRP D 154 -49.90 -35.54 34.34
C TRP D 154 -50.08 -36.75 35.24
N LYS D 155 -51.17 -36.75 36.00
CA LYS D 155 -51.50 -37.84 36.91
C LYS D 155 -53.00 -38.10 36.82
N VAL D 156 -53.38 -39.27 36.30
CA VAL D 156 -54.78 -39.66 36.16
C VAL D 156 -55.05 -40.73 37.21
N ASP D 157 -55.81 -40.35 38.25
CA ASP D 157 -56.03 -41.20 39.42
C ASP D 157 -54.70 -41.60 40.06
N ASN D 158 -53.85 -40.60 40.28
CA ASN D 158 -52.53 -40.77 40.87
C ASN D 158 -51.67 -41.76 40.07
N ALA D 159 -51.85 -41.80 38.75
CA ALA D 159 -51.05 -42.63 37.86
C ALA D 159 -50.33 -41.72 36.88
N LEU D 160 -49.00 -41.77 36.90
CA LEU D 160 -48.21 -40.93 36.02
C LEU D 160 -48.43 -41.32 34.56
N GLN D 161 -48.63 -40.32 33.71
CA GLN D 161 -48.92 -40.55 32.30
C GLN D 161 -47.69 -40.26 31.45
N SER D 162 -47.65 -40.88 30.27
CA SER D 162 -46.55 -40.69 29.35
C SER D 162 -47.00 -41.16 27.96
N GLY D 163 -46.45 -40.51 26.94
CA GLY D 163 -46.75 -40.90 25.56
C GLY D 163 -48.15 -40.56 25.09
N ASN D 164 -48.84 -39.62 25.74
CA ASN D 164 -50.17 -39.22 25.30
C ASN D 164 -50.45 -37.74 25.54
N SER D 165 -49.47 -36.96 25.97
CA SER D 165 -49.65 -35.53 26.17
C SER D 165 -48.58 -34.77 25.40
N GLN D 166 -48.98 -33.63 24.83
CA GLN D 166 -48.08 -32.76 24.11
C GLN D 166 -48.14 -31.36 24.71
N GLU D 167 -47.06 -30.59 24.49
CA GLU D 167 -46.97 -29.24 25.04
C GLU D 167 -46.28 -28.33 24.03
N SER D 168 -46.59 -27.04 24.14
CA SER D 168 -45.99 -26.03 23.28
C SER D 168 -45.80 -24.75 24.10
N VAL D 169 -44.71 -24.05 23.82
CA VAL D 169 -44.33 -22.86 24.57
C VAL D 169 -44.32 -21.67 23.61
N THR D 170 -44.92 -20.57 24.04
CA THR D 170 -44.83 -19.33 23.27
C THR D 170 -43.40 -18.79 23.32
N GLU D 171 -43.06 -17.95 22.35
CA GLU D 171 -41.75 -17.33 22.39
C GLU D 171 -41.74 -16.20 23.43
N GLN D 172 -40.54 -15.71 23.73
CA GLN D 172 -40.40 -14.72 24.79
C GLN D 172 -41.14 -13.44 24.42
N ASP D 173 -42.14 -13.09 25.22
CA ASP D 173 -42.92 -11.89 25.01
C ASP D 173 -41.98 -10.68 24.96
N SER D 174 -42.05 -9.92 23.86
CA SER D 174 -41.12 -8.80 23.69
C SER D 174 -41.28 -7.75 24.77
N LYS D 175 -42.41 -7.72 25.47
CA LYS D 175 -42.64 -6.75 26.52
C LYS D 175 -42.10 -7.24 27.85
N ASP D 176 -42.90 -7.98 28.60
CA ASP D 176 -42.54 -8.44 29.93
C ASP D 176 -41.72 -9.73 29.93
N SER D 177 -41.24 -10.17 28.76
CA SER D 177 -40.23 -11.22 28.63
C SER D 177 -40.60 -12.51 29.36
N THR D 178 -41.89 -12.80 29.48
CA THR D 178 -42.35 -14.06 30.04
C THR D 178 -42.78 -15.01 28.93
N TYR D 179 -42.71 -16.30 29.21
CA TYR D 179 -43.21 -17.33 28.31
C TYR D 179 -44.51 -17.91 28.86
N SER D 180 -45.23 -18.61 27.98
CA SER D 180 -46.44 -19.32 28.35
C SER D 180 -46.36 -20.74 27.82
N LEU D 181 -47.05 -21.66 28.51
CA LEU D 181 -47.01 -23.07 28.17
C LEU D 181 -48.40 -23.68 28.29
N SER D 182 -48.73 -24.57 27.37
CA SER D 182 -50.00 -25.28 27.39
C SER D 182 -49.75 -26.75 27.11
N SER D 183 -50.18 -27.62 28.01
CA SER D 183 -50.03 -29.06 27.88
C SER D 183 -51.38 -29.69 27.62
N THR D 184 -51.52 -30.34 26.47
CA THR D 184 -52.79 -30.96 26.06
C THR D 184 -52.68 -32.47 26.24
N LEU D 185 -53.49 -33.01 27.13
CA LEU D 185 -53.56 -34.45 27.36
C LEU D 185 -54.78 -35.00 26.64
N THR D 186 -54.55 -35.69 25.53
CA THR D 186 -55.62 -36.26 24.73
C THR D 186 -55.86 -37.71 25.11
N LEU D 187 -57.13 -38.10 25.14
CA LEU D 187 -57.53 -39.47 25.47
C LEU D 187 -58.66 -39.86 24.52
N SER D 188 -59.30 -40.98 24.82
CA SER D 188 -60.54 -41.38 24.17
C SER D 188 -61.70 -41.21 25.15
N LYS D 189 -62.91 -41.22 24.62
CA LYS D 189 -64.08 -41.13 25.49
C LYS D 189 -64.18 -42.37 26.39
N ALA D 190 -63.76 -43.53 25.88
CA ALA D 190 -63.77 -44.73 26.70
C ALA D 190 -62.86 -44.57 27.91
N ASP D 191 -61.61 -44.16 27.70
CA ASP D 191 -60.66 -44.02 28.79
C ASP D 191 -60.99 -42.85 29.72
N TYR D 192 -61.74 -41.87 29.23
CA TYR D 192 -62.07 -40.71 30.06
C TYR D 192 -63.21 -41.02 31.03
N GLU D 193 -64.19 -41.80 30.59
CA GLU D 193 -65.28 -42.21 31.47
C GLU D 193 -64.83 -43.16 32.57
N LYS D 194 -63.63 -43.73 32.45
CA LYS D 194 -63.14 -44.77 33.34
C LYS D 194 -62.34 -44.24 34.53
N HIS D 195 -62.11 -42.93 34.62
CA HIS D 195 -61.25 -42.36 35.64
C HIS D 195 -61.93 -41.19 36.33
N LYS D 196 -61.37 -40.81 37.48
CA LYS D 196 -61.93 -39.77 38.34
C LYS D 196 -61.02 -38.55 38.39
N VAL D 197 -59.86 -38.67 39.02
CA VAL D 197 -59.01 -37.53 39.32
C VAL D 197 -57.99 -37.33 38.21
N TYR D 198 -58.02 -36.16 37.57
CA TYR D 198 -56.98 -35.73 36.64
C TYR D 198 -56.29 -34.50 37.21
N ALA D 199 -54.98 -34.42 37.00
CA ALA D 199 -54.19 -33.34 37.58
C ALA D 199 -52.87 -33.21 36.83
N CYS D 200 -52.46 -31.98 36.57
CA CYS D 200 -51.13 -31.68 36.03
C CYS D 200 -50.27 -31.12 37.16
N GLU D 201 -49.06 -31.65 37.29
CA GLU D 201 -48.12 -31.24 38.34
C GLU D 201 -47.07 -30.33 37.72
N VAL D 202 -46.85 -29.18 38.34
CA VAL D 202 -45.96 -28.15 37.79
C VAL D 202 -44.82 -27.93 38.76
N THR D 203 -43.59 -28.15 38.28
CA THR D 203 -42.37 -27.91 39.04
C THR D 203 -41.56 -26.85 38.31
N HIS D 204 -41.21 -25.77 39.01
CA HIS D 204 -40.49 -24.67 38.41
C HIS D 204 -39.52 -24.08 39.43
N GLN D 205 -38.55 -23.31 38.93
CA GLN D 205 -37.58 -22.68 39.82
C GLN D 205 -38.25 -21.67 40.75
N GLY D 206 -39.18 -20.89 40.22
CA GLY D 206 -39.89 -19.92 41.04
C GLY D 206 -40.86 -20.53 42.01
N LEU D 207 -41.24 -21.79 41.81
CA LEU D 207 -42.13 -22.50 42.72
C LEU D 207 -41.30 -23.29 43.71
N SER D 208 -41.58 -23.12 45.00
CA SER D 208 -40.92 -23.91 46.03
C SER D 208 -41.29 -25.38 45.87
N SER D 209 -42.49 -25.75 46.29
CA SER D 209 -43.00 -27.09 46.07
C SER D 209 -43.82 -27.15 44.79
N PRO D 210 -43.96 -28.33 44.20
CA PRO D 210 -44.80 -28.45 43.00
C PRO D 210 -46.25 -28.08 43.28
N VAL D 211 -46.81 -27.24 42.43
CA VAL D 211 -48.21 -26.82 42.52
C VAL D 211 -49.03 -27.70 41.59
N THR D 212 -50.18 -28.17 42.09
CA THR D 212 -50.99 -29.13 41.36
C THR D 212 -52.46 -28.69 41.43
N LYS D 213 -53.03 -28.36 40.28
CA LYS D 213 -54.46 -28.19 40.14
C LYS D 213 -55.10 -29.52 39.78
N SER D 214 -56.42 -29.61 39.94
CA SER D 214 -57.11 -30.86 39.68
C SER D 214 -58.63 -30.66 39.66
N PHE D 215 -59.29 -31.30 38.71
CA PHE D 215 -60.74 -31.50 38.70
C PHE D 215 -61.02 -32.99 38.97
N ASN D 216 -62.29 -33.35 39.06
CA ASN D 216 -62.63 -34.67 39.60
C ASN D 216 -63.68 -35.46 38.82
N ARG D 217 -64.43 -34.86 37.91
CA ARG D 217 -65.42 -35.63 37.18
C ARG D 217 -64.81 -36.25 35.93
N GLY D 218 -65.62 -37.05 35.23
CA GLY D 218 -65.19 -37.70 34.01
C GLY D 218 -65.15 -39.22 34.11
N GLU E 1 46.31 1.25 -9.06
CA GLU E 1 47.15 2.25 -9.70
C GLU E 1 46.76 3.66 -9.25
N VAL E 2 45.49 4.02 -9.48
CA VAL E 2 44.99 5.33 -9.13
C VAL E 2 44.81 5.42 -7.63
N GLN E 3 45.76 6.06 -6.94
CA GLN E 3 45.65 6.34 -5.52
C GLN E 3 45.61 7.84 -5.28
N LEU E 4 45.31 8.19 -4.03
CA LEU E 4 45.36 9.58 -3.58
C LEU E 4 45.88 9.56 -2.14
N VAL E 5 47.09 10.07 -1.96
CA VAL E 5 47.74 10.10 -0.65
C VAL E 5 47.65 11.52 -0.11
N GLU E 6 47.03 11.66 1.05
CA GLU E 6 46.79 12.95 1.68
C GLU E 6 47.71 13.15 2.87
N SER E 7 48.06 14.40 3.14
CA SER E 7 48.96 14.73 4.24
C SER E 7 48.90 16.23 4.51
N GLY E 8 48.95 16.60 5.78
CA GLY E 8 48.99 18.01 6.14
C GLY E 8 48.03 18.35 7.27
N GLY E 9 47.23 17.37 7.70
CA GLY E 9 46.25 17.61 8.74
C GLY E 9 46.82 17.45 10.14
N GLY E 10 45.97 17.78 11.12
CA GLY E 10 46.35 17.71 12.52
C GLY E 10 45.60 18.66 13.41
N LEU E 11 46.28 19.27 14.38
CA LEU E 11 45.65 20.21 15.30
C LEU E 11 46.09 21.63 14.93
N VAL E 12 45.13 22.54 14.90
CA VAL E 12 45.40 23.96 14.65
C VAL E 12 44.52 24.79 15.57
N GLN E 13 45.06 25.89 16.08
CA GLN E 13 44.30 26.76 16.95
C GLN E 13 43.39 27.66 16.12
N PRO E 14 42.28 28.13 16.71
CA PRO E 14 41.37 29.01 15.97
C PRO E 14 42.09 30.25 15.46
N GLY E 15 41.84 30.59 14.20
CA GLY E 15 42.56 31.63 13.51
C GLY E 15 43.82 31.18 12.81
N GLY E 16 44.36 30.02 13.20
CA GLY E 16 45.58 29.53 12.59
C GLY E 16 45.38 29.08 11.16
N SER E 17 46.49 28.82 10.49
CA SER E 17 46.50 28.39 9.10
C SER E 17 47.15 27.01 8.99
N LEU E 18 46.77 26.28 7.95
CA LEU E 18 47.28 24.93 7.74
C LEU E 18 47.16 24.58 6.26
N ARG E 19 48.06 23.72 5.78
CA ARG E 19 48.19 23.43 4.36
C ARG E 19 48.05 21.93 4.15
N LEU E 20 47.10 21.54 3.30
CA LEU E 20 46.82 20.14 3.02
C LEU E 20 47.41 19.75 1.67
N SER E 21 47.91 18.52 1.59
CA SER E 21 48.54 18.01 0.38
C SER E 21 47.88 16.70 -0.04
N CYS E 22 47.82 16.48 -1.35
CA CYS E 22 47.25 15.25 -1.92
C CYS E 22 48.18 14.74 -3.02
N ALA E 23 48.95 13.70 -2.70
CA ALA E 23 49.85 13.09 -3.68
C ALA E 23 49.06 12.15 -4.58
N ALA E 24 49.31 12.24 -5.89
CA ALA E 24 48.54 11.51 -6.88
C ALA E 24 49.45 10.67 -7.77
N SER E 25 48.90 9.56 -8.26
CA SER E 25 49.59 8.70 -9.21
C SER E 25 48.56 7.87 -9.95
N GLY E 26 48.70 7.80 -11.27
CA GLY E 26 47.75 7.10 -12.12
C GLY E 26 46.99 8.00 -13.07
N PHE E 27 47.08 9.31 -12.92
CA PHE E 27 46.40 10.27 -13.79
C PHE E 27 47.06 11.63 -13.59
N THR E 28 46.92 12.49 -14.59
CA THR E 28 47.52 13.82 -14.55
C THR E 28 46.54 14.78 -13.90
N VAL E 29 46.99 15.45 -12.84
CA VAL E 29 46.11 16.38 -12.13
C VAL E 29 45.81 17.61 -12.97
N SER E 30 46.71 17.99 -13.88
CA SER E 30 46.46 19.14 -14.75
C SER E 30 45.45 18.84 -15.85
N ARG E 31 44.95 17.60 -15.92
CA ARG E 31 44.06 17.20 -17.01
C ARG E 31 42.80 16.50 -16.50
N ASN E 32 42.50 16.65 -15.20
CA ASN E 32 41.30 16.08 -14.60
C ASN E 32 40.75 17.06 -13.57
N TYR E 33 39.54 16.79 -13.10
CA TYR E 33 38.92 17.58 -12.05
C TYR E 33 39.45 17.14 -10.69
N MET E 34 39.87 18.11 -9.87
CA MET E 34 40.39 17.85 -8.54
C MET E 34 39.58 18.66 -7.54
N SER E 35 39.02 17.98 -6.54
CA SER E 35 38.08 18.59 -5.61
C SER E 35 38.43 18.21 -4.18
N TRP E 36 38.08 19.08 -3.25
CA TRP E 36 38.15 18.80 -1.82
C TRP E 36 36.75 18.63 -1.28
N VAL E 37 36.54 17.59 -0.49
CA VAL E 37 35.23 17.28 0.10
C VAL E 37 35.46 16.90 1.55
N ARG E 38 35.00 17.74 2.47
CA ARG E 38 35.16 17.49 3.89
C ARG E 38 33.89 16.87 4.47
N GLN E 39 34.07 16.17 5.59
CA GLN E 39 32.96 15.51 6.28
C GLN E 39 33.14 15.73 7.77
N ALA E 40 32.29 16.60 8.34
CA ALA E 40 32.32 16.80 9.77
C ALA E 40 32.03 15.48 10.50
N PRO E 41 32.63 15.27 11.67
CA PRO E 41 32.44 13.98 12.36
C PRO E 41 30.97 13.71 12.65
N GLY E 42 30.48 12.57 12.16
CA GLY E 42 29.09 12.22 12.35
C GLY E 42 28.11 13.05 11.55
N LYS E 43 28.57 13.74 10.51
CA LYS E 43 27.70 14.57 9.69
C LYS E 43 27.88 14.18 8.23
N GLY E 44 26.98 14.69 7.38
CA GLY E 44 27.02 14.37 5.97
C GLY E 44 28.22 14.95 5.26
N LEU E 45 28.37 14.54 3.99
CA LEU E 45 29.47 15.02 3.17
C LEU E 45 29.22 16.47 2.73
N GLU E 46 30.32 17.20 2.56
CA GLU E 46 30.25 18.58 2.12
C GLU E 46 31.40 18.87 1.17
N TRP E 47 31.07 19.36 -0.03
CA TRP E 47 32.06 19.84 -0.96
C TRP E 47 32.70 21.13 -0.45
N VAL E 48 33.94 21.39 -0.89
CA VAL E 48 34.69 22.56 -0.44
C VAL E 48 35.18 23.38 -1.62
N SER E 49 36.06 22.81 -2.43
CA SER E 49 36.71 23.56 -3.50
C SER E 49 37.08 22.63 -4.64
N ILE E 50 37.48 23.24 -5.76
CA ILE E 50 37.92 22.53 -6.95
C ILE E 50 39.04 23.32 -7.63
N ILE E 51 39.70 22.67 -8.58
CA ILE E 51 40.66 23.33 -9.47
C ILE E 51 40.74 22.48 -10.74
N TYR E 52 40.80 23.15 -11.89
CA TYR E 52 40.59 22.47 -13.16
C TYR E 52 40.96 23.37 -14.32
N SER E 53 41.20 22.74 -15.47
CA SER E 53 41.48 23.40 -16.75
C SER E 53 42.69 24.30 -16.57
N GLY E 54 42.64 25.57 -16.95
CA GLY E 54 43.77 26.46 -16.79
C GLY E 54 43.88 27.04 -15.39
N ASP E 55 43.76 26.19 -14.38
CA ASP E 55 43.79 26.59 -12.97
C ASP E 55 42.71 27.61 -12.66
N ASP E 56 41.48 27.29 -13.04
CA ASP E 56 40.31 28.03 -12.61
C ASP E 56 39.77 27.40 -11.33
N THR E 57 39.25 28.23 -10.44
CA THR E 57 38.91 27.80 -9.08
C THR E 57 37.50 28.22 -8.71
N TYR E 58 36.70 27.27 -8.25
CA TYR E 58 35.45 27.53 -7.54
C TYR E 58 35.62 27.18 -6.06
N TYR E 59 34.76 27.78 -5.24
CA TYR E 59 34.76 27.54 -3.81
C TYR E 59 33.33 27.52 -3.30
N ALA E 60 33.15 26.90 -2.14
CA ALA E 60 31.87 27.00 -1.44
C ALA E 60 31.83 28.29 -0.62
N ASP E 61 30.64 28.87 -0.53
CA ASP E 61 30.49 30.15 0.15
C ASP E 61 30.82 30.08 1.63
N SER E 62 30.87 28.89 2.21
CA SER E 62 31.19 28.76 3.63
C SER E 62 32.68 28.94 3.89
N VAL E 63 33.54 28.63 2.92
CA VAL E 63 34.98 28.75 3.08
C VAL E 63 35.60 29.71 2.08
N LYS E 64 34.81 30.35 1.23
CA LYS E 64 35.36 31.26 0.24
C LYS E 64 36.08 32.42 0.91
N GLY E 65 37.15 32.89 0.27
CA GLY E 65 37.97 33.96 0.80
C GLY E 65 38.91 33.55 1.91
N ARG E 66 38.65 32.44 2.58
CA ARG E 66 39.52 31.93 3.64
C ARG E 66 40.44 30.81 3.16
N PHE E 67 39.94 29.92 2.32
CA PHE E 67 40.76 28.85 1.76
C PHE E 67 41.23 29.24 0.36
N THR E 68 42.36 28.65 -0.03
CA THR E 68 42.88 28.81 -1.38
C THR E 68 43.38 27.46 -1.86
N ILE E 69 42.86 27.00 -2.99
CA ILE E 69 43.26 25.74 -3.59
C ILE E 69 44.32 26.02 -4.64
N SER E 70 45.21 25.06 -4.85
CA SER E 70 46.25 25.17 -5.85
C SER E 70 46.77 23.76 -6.16
N ARG E 71 47.69 23.67 -7.11
CA ARG E 71 48.26 22.40 -7.50
C ARG E 71 49.64 22.64 -8.10
N ASP E 72 50.43 21.56 -8.15
CA ASP E 72 51.78 21.60 -8.71
C ASP E 72 51.92 20.39 -9.63
N ASN E 73 52.12 20.64 -10.92
CA ASN E 73 52.10 19.57 -11.90
C ASN E 73 53.39 18.74 -11.86
N SER E 74 54.53 19.38 -11.65
CA SER E 74 55.79 18.64 -11.59
C SER E 74 55.83 17.68 -10.42
N LYS E 75 55.08 17.99 -9.34
CA LYS E 75 54.99 17.11 -8.19
C LYS E 75 53.72 16.25 -8.19
N ASN E 76 52.78 16.54 -9.08
CA ASN E 76 51.52 15.80 -9.21
C ASN E 76 50.78 15.76 -7.88
N THR E 77 50.51 16.95 -7.34
CA THR E 77 49.98 17.09 -6.00
C THR E 77 48.86 18.13 -5.99
N LEU E 78 47.90 17.92 -5.09
CA LEU E 78 46.82 18.88 -4.84
C LEU E 78 47.00 19.51 -3.47
N TYR E 79 46.80 20.82 -3.39
CA TYR E 79 46.96 21.56 -2.16
C TYR E 79 45.68 22.31 -1.80
N LEU E 80 45.48 22.51 -0.50
CA LEU E 80 44.37 23.32 0.03
C LEU E 80 44.92 24.12 1.21
N GLU E 81 45.44 25.30 0.90
CA GLU E 81 45.97 26.18 1.93
C GLU E 81 44.81 26.83 2.69
N MET E 82 44.68 26.50 3.97
CA MET E 82 43.57 26.97 4.78
C MET E 82 44.02 28.13 5.67
N ASN E 83 43.18 29.16 5.75
CA ASN E 83 43.46 30.34 6.54
C ASN E 83 42.25 30.68 7.40
N SER E 84 42.52 31.26 8.57
CA SER E 84 41.48 31.73 9.49
C SER E 84 40.51 30.60 9.85
N LEU E 85 41.07 29.46 10.24
CA LEU E 85 40.28 28.27 10.52
C LEU E 85 39.41 28.46 11.74
N ARG E 86 38.15 28.03 11.63
CA ARG E 86 37.17 28.13 12.69
C ARG E 86 36.81 26.75 13.21
N ALA E 87 36.08 26.74 14.34
CA ALA E 87 35.78 25.48 15.01
C ALA E 87 34.93 24.57 14.15
N GLU E 88 34.02 25.14 13.37
CA GLU E 88 33.18 24.33 12.50
C GLU E 88 33.93 23.78 11.29
N ASP E 89 35.20 24.14 11.10
CA ASP E 89 36.01 23.57 10.04
C ASP E 89 36.61 22.22 10.43
N THR E 90 36.37 21.76 11.67
CA THR E 90 36.90 20.49 12.15
C THR E 90 36.23 19.35 11.38
N ALA E 91 36.94 18.81 10.39
CA ALA E 91 36.40 17.73 9.58
C ALA E 91 37.54 16.96 8.93
N VAL E 92 37.22 15.74 8.51
CA VAL E 92 38.13 14.95 7.67
C VAL E 92 37.96 15.41 6.24
N TYR E 93 39.03 15.91 5.63
CA TYR E 93 38.98 16.39 4.26
C TYR E 93 39.45 15.30 3.30
N TYR E 94 38.73 15.15 2.21
CA TYR E 94 38.97 14.09 1.23
C TYR E 94 39.45 14.69 -0.09
N CYS E 95 40.20 13.87 -0.84
CA CYS E 95 40.74 14.25 -2.13
C CYS E 95 39.92 13.54 -3.22
N ALA E 96 39.56 14.26 -4.27
CA ALA E 96 38.58 13.78 -5.22
C ALA E 96 39.04 14.00 -6.66
N ARG E 97 38.61 13.09 -7.53
CA ARG E 97 38.98 13.10 -8.95
C ARG E 97 37.71 13.04 -9.81
N GLY E 98 37.83 13.54 -11.03
CA GLY E 98 36.79 13.36 -12.03
C GLY E 98 37.40 13.37 -13.42
N GLU E 99 36.81 12.57 -14.30
CA GLU E 99 37.31 12.50 -15.68
C GLU E 99 36.95 13.76 -16.45
N MET E 100 37.85 14.75 -16.44
CA MET E 100 37.64 15.94 -17.26
C MET E 100 37.80 15.59 -18.74
N GLY E 101 36.68 15.28 -19.39
CA GLY E 101 36.71 15.03 -20.82
C GLY E 101 36.76 16.32 -21.59
N ASP E 102 35.60 16.78 -22.07
CA ASP E 102 35.51 18.02 -22.83
C ASP E 102 35.61 19.27 -21.95
N GLY E 103 35.53 19.13 -20.63
CA GLY E 103 35.54 20.29 -19.77
C GLY E 103 34.28 21.14 -19.82
N TYR E 104 33.25 20.68 -20.53
CA TYR E 104 31.99 21.41 -20.63
C TYR E 104 31.03 21.05 -19.51
N TYR E 105 30.93 19.77 -19.16
CA TYR E 105 30.03 19.29 -18.13
C TYR E 105 30.84 18.82 -16.93
N TRP E 106 30.21 18.83 -15.76
CA TRP E 106 30.89 18.39 -14.55
C TRP E 106 31.00 16.87 -14.54
N ALA E 107 31.62 16.35 -13.49
CA ALA E 107 31.86 14.92 -13.35
C ALA E 107 31.76 14.57 -11.87
N PRO E 108 31.43 13.32 -11.54
CA PRO E 108 31.36 12.93 -10.12
C PRO E 108 32.74 12.74 -9.51
N PHE E 109 32.78 12.13 -8.33
CA PHE E 109 34.03 11.84 -7.63
C PHE E 109 34.26 10.34 -7.70
N ASP E 110 35.00 9.90 -8.72
CA ASP E 110 35.19 8.48 -8.95
C ASP E 110 36.27 7.89 -8.04
N TYR E 111 37.39 8.58 -7.84
CA TYR E 111 38.46 8.11 -6.98
C TYR E 111 38.65 9.07 -5.82
N TRP E 112 38.88 8.50 -4.64
CA TRP E 112 38.92 9.26 -3.39
C TRP E 112 40.21 8.97 -2.63
N GLY E 113 40.60 9.92 -1.78
CA GLY E 113 41.67 9.68 -0.83
C GLY E 113 41.14 9.11 0.48
N GLN E 114 42.05 8.61 1.32
CA GLN E 114 41.64 7.94 2.54
C GLN E 114 41.23 8.89 3.66
N GLY E 115 41.44 10.19 3.51
CA GLY E 115 40.97 11.14 4.49
C GLY E 115 41.96 11.46 5.59
N THR E 116 42.19 12.76 5.82
CA THR E 116 42.98 13.24 6.95
C THR E 116 42.14 14.18 7.78
N LEU E 117 42.37 14.17 9.10
CA LEU E 117 41.55 14.91 10.04
C LEU E 117 42.23 16.19 10.47
N VAL E 118 41.46 17.28 10.47
CA VAL E 118 41.92 18.59 10.93
C VAL E 118 41.06 18.97 12.13
N THR E 119 41.70 19.12 13.29
CA THR E 119 41.01 19.49 14.52
C THR E 119 41.30 20.95 14.84
N VAL E 120 40.24 21.76 14.91
CA VAL E 120 40.36 23.18 15.23
C VAL E 120 40.04 23.33 16.71
N SER E 121 41.09 23.39 17.53
CA SER E 121 40.94 23.59 18.96
C SER E 121 42.23 24.23 19.48
N GLY E 122 42.19 24.67 20.73
CA GLY E 122 43.34 25.34 21.31
C GLY E 122 43.91 24.62 22.52
N ALA E 123 43.35 23.45 22.84
CA ALA E 123 43.75 22.73 24.04
C ALA E 123 45.14 22.11 23.93
N SER E 124 45.72 22.07 22.73
CA SER E 124 47.04 21.50 22.46
C SER E 124 47.06 19.98 22.67
N THR E 125 47.96 19.30 21.99
CA THR E 125 48.00 17.84 22.02
C THR E 125 48.60 17.33 23.32
N LYS E 126 48.13 16.15 23.75
CA LYS E 126 48.69 15.46 24.89
C LYS E 126 48.67 13.96 24.62
N GLY E 127 49.71 13.27 25.09
CA GLY E 127 49.92 11.87 24.76
C GLY E 127 48.92 10.92 25.39
N PRO E 128 48.55 9.88 24.65
CA PRO E 128 47.63 8.87 25.19
C PRO E 128 48.32 7.92 26.15
N SER E 129 47.56 7.46 27.13
CA SER E 129 48.03 6.47 28.10
C SER E 129 47.41 5.12 27.76
N VAL E 130 48.25 4.12 27.52
CA VAL E 130 47.82 2.80 27.08
C VAL E 130 47.96 1.83 28.25
N PHE E 131 46.91 1.07 28.51
CA PHE E 131 46.88 0.14 29.62
C PHE E 131 46.40 -1.22 29.14
N PRO E 132 47.00 -2.31 29.62
CA PRO E 132 46.61 -3.65 29.14
C PRO E 132 45.27 -4.07 29.72
N LEU E 133 44.40 -4.59 28.86
CA LEU E 133 43.15 -5.22 29.28
C LEU E 133 43.42 -6.72 29.35
N ALA E 134 44.04 -7.13 30.46
CA ALA E 134 44.55 -8.48 30.58
C ALA E 134 43.41 -9.50 30.66
N PRO E 135 43.46 -10.58 29.90
CA PRO E 135 42.42 -11.61 30.00
C PRO E 135 42.60 -12.47 31.24
N SER E 136 41.53 -13.17 31.59
CA SER E 136 41.52 -14.06 32.74
C SER E 136 40.34 -15.03 32.59
N SER E 137 39.92 -15.66 33.69
CA SER E 137 38.75 -16.52 33.67
C SER E 137 37.45 -15.72 33.67
N LYS E 138 37.49 -14.47 34.12
CA LYS E 138 36.32 -13.59 34.02
C LYS E 138 36.09 -13.08 32.61
N SER E 139 37.07 -13.23 31.72
CA SER E 139 36.94 -12.85 30.32
C SER E 139 37.10 -14.05 29.39
N THR E 140 36.76 -15.25 29.89
CA THR E 140 36.80 -16.47 29.11
C THR E 140 35.46 -17.19 29.32
N SER E 141 34.53 -16.99 28.39
CA SER E 141 33.23 -17.63 28.50
C SER E 141 33.28 -19.10 28.08
N GLY E 142 34.07 -19.42 27.06
CA GLY E 142 34.18 -20.79 26.60
C GLY E 142 35.54 -21.10 26.02
N GLY E 143 35.56 -21.51 24.75
CA GLY E 143 36.81 -21.82 24.08
C GLY E 143 37.40 -20.61 23.36
N THR E 144 37.20 -19.43 23.92
CA THR E 144 37.70 -18.19 23.33
C THR E 144 38.02 -17.21 24.44
N ALA E 145 39.18 -16.57 24.35
CA ALA E 145 39.61 -15.56 25.30
C ALA E 145 39.48 -14.17 24.69
N ALA E 146 39.20 -13.19 25.53
CA ALA E 146 39.04 -11.80 25.12
C ALA E 146 40.10 -10.95 25.78
N LEU E 147 40.79 -10.13 25.00
CA LEU E 147 41.82 -9.24 25.51
C LEU E 147 41.85 -7.99 24.65
N GLY E 148 42.44 -6.93 25.20
CA GLY E 148 42.51 -5.69 24.47
C GLY E 148 43.42 -4.69 25.14
N CYS E 149 43.28 -3.44 24.74
CA CYS E 149 44.04 -2.33 25.31
C CYS E 149 43.12 -1.15 25.51
N LEU E 150 43.50 -0.27 26.44
CA LEU E 150 42.71 0.90 26.80
C LEU E 150 43.53 2.15 26.52
N VAL E 151 43.34 2.73 25.33
CA VAL E 151 44.01 3.97 24.96
C VAL E 151 43.23 5.11 25.59
N LYS E 152 43.80 5.72 26.64
CA LYS E 152 43.08 6.68 27.46
C LYS E 152 43.83 8.00 27.52
N ASP E 153 43.06 9.09 27.66
CA ASP E 153 43.59 10.43 27.88
C ASP E 153 44.47 10.91 26.73
N TYR E 154 43.86 11.39 25.65
CA TYR E 154 44.61 11.98 24.55
C TYR E 154 43.77 13.04 23.87
N PHE E 155 44.41 13.82 23.02
CA PHE E 155 43.79 14.92 22.30
C PHE E 155 44.71 15.37 21.19
N PRO E 156 44.21 15.58 19.96
CA PRO E 156 42.84 15.26 19.58
C PRO E 156 42.71 13.92 18.88
N GLU E 157 41.60 13.72 18.17
CA GLU E 157 41.44 12.56 17.32
C GLU E 157 42.41 12.62 16.14
N PRO E 158 42.76 11.47 15.54
CA PRO E 158 42.41 10.11 15.97
C PRO E 158 43.61 9.31 16.47
N VAL E 159 43.38 8.03 16.79
CA VAL E 159 44.44 7.08 17.06
C VAL E 159 44.16 5.82 16.25
N THR E 160 45.23 5.17 15.80
CA THR E 160 45.13 3.95 14.99
C THR E 160 45.71 2.78 15.80
N VAL E 161 44.87 1.78 16.05
CA VAL E 161 45.24 0.62 16.84
C VAL E 161 45.30 -0.60 15.95
N SER E 162 46.44 -1.29 15.95
CA SER E 162 46.61 -2.55 15.26
C SER E 162 47.21 -3.57 16.23
N TRP E 163 47.17 -4.84 15.84
CA TRP E 163 47.62 -5.93 16.69
C TRP E 163 48.73 -6.71 15.99
N ASN E 164 49.85 -6.86 16.69
CA ASN E 164 51.03 -7.57 16.16
C ASN E 164 51.48 -6.97 14.84
N SER E 165 51.55 -5.63 14.81
CA SER E 165 51.97 -4.88 13.63
C SER E 165 51.13 -5.23 12.41
N GLY E 166 49.82 -5.35 12.60
CA GLY E 166 48.91 -5.61 11.52
C GLY E 166 48.72 -7.06 11.15
N ALA E 167 49.45 -7.98 11.78
CA ALA E 167 49.34 -9.40 11.47
C ALA E 167 48.16 -10.07 12.16
N LEU E 168 47.35 -9.32 12.90
CA LEU E 168 46.16 -9.85 13.58
C LEU E 168 44.98 -8.97 13.21
N THR E 169 44.08 -9.49 12.38
CA THR E 169 42.91 -8.75 11.94
C THR E 169 41.59 -9.46 12.16
N SER E 170 41.59 -10.78 12.37
CA SER E 170 40.34 -11.53 12.49
C SER E 170 39.81 -11.42 13.92
N GLY E 171 38.64 -10.81 14.05
CA GLY E 171 38.00 -10.65 15.34
C GLY E 171 38.34 -9.38 16.09
N VAL E 172 39.20 -8.54 15.55
CA VAL E 172 39.58 -7.29 16.21
C VAL E 172 38.45 -6.29 16.08
N HIS E 173 38.05 -5.71 17.21
CA HIS E 173 37.02 -4.67 17.25
C HIS E 173 37.57 -3.47 18.01
N THR E 174 37.88 -2.40 17.28
CA THR E 174 38.30 -1.14 17.88
C THR E 174 37.09 -0.21 17.94
N PHE E 175 36.82 0.34 19.11
CA PHE E 175 35.57 1.06 19.28
C PHE E 175 35.80 2.56 19.16
N PRO E 176 34.76 3.32 18.79
CA PRO E 176 34.92 4.77 18.71
C PRO E 176 35.22 5.37 20.07
N ALA E 177 36.08 6.40 20.07
CA ALA E 177 36.49 7.02 21.32
C ALA E 177 35.32 7.76 21.96
N VAL E 178 35.47 8.06 23.25
CA VAL E 178 34.47 8.78 24.02
C VAL E 178 35.13 10.00 24.64
N LEU E 179 34.42 11.13 24.61
CA LEU E 179 34.91 12.38 25.18
C LEU E 179 34.44 12.47 26.62
N GLN E 180 35.36 12.35 27.56
CA GLN E 180 35.04 12.40 28.97
C GLN E 180 35.10 13.85 29.48
N SER E 181 34.59 14.04 30.70
CA SER E 181 34.36 15.38 31.24
C SER E 181 35.63 16.22 31.30
N SER E 182 36.80 15.60 31.34
CA SER E 182 38.04 16.36 31.45
C SER E 182 38.36 17.12 30.16
N GLY E 183 37.92 16.59 29.02
CA GLY E 183 38.23 17.17 27.73
C GLY E 183 39.15 16.34 26.87
N LEU E 184 39.56 15.16 27.32
CA LEU E 184 40.40 14.26 26.57
C LEU E 184 39.59 13.11 26.01
N TYR E 185 40.19 12.37 25.09
CA TYR E 185 39.55 11.23 24.45
C TYR E 185 40.05 9.92 25.06
N SER E 186 39.26 8.87 24.86
CA SER E 186 39.60 7.55 25.37
C SER E 186 38.77 6.51 24.62
N LEU E 187 39.41 5.40 24.25
CA LEU E 187 38.73 4.29 23.60
C LEU E 187 39.35 2.98 24.07
N SER E 188 38.79 1.88 23.57
CA SER E 188 39.30 0.55 23.84
C SER E 188 39.21 -0.28 22.57
N SER E 189 40.26 -1.05 22.29
CA SER E 189 40.32 -1.92 21.12
C SER E 189 40.56 -3.34 21.59
N VAL E 190 39.60 -4.22 21.36
CA VAL E 190 39.64 -5.59 21.85
C VAL E 190 39.81 -6.54 20.67
N VAL E 191 40.09 -7.80 20.99
CA VAL E 191 40.28 -8.85 19.99
C VAL E 191 39.98 -10.19 20.66
N THR E 192 39.20 -11.02 19.98
CA THR E 192 38.79 -12.33 20.49
C THR E 192 39.65 -13.39 19.83
N VAL E 193 40.50 -14.03 20.63
CA VAL E 193 41.40 -15.09 20.16
C VAL E 193 41.02 -16.37 20.88
N PRO E 194 41.35 -17.53 20.32
CA PRO E 194 41.11 -18.79 21.03
C PRO E 194 41.95 -18.85 22.30
N SER E 195 41.30 -19.25 23.40
CA SER E 195 41.96 -19.27 24.70
C SER E 195 43.10 -20.27 24.79
N SER E 196 43.26 -21.14 23.79
CA SER E 196 44.35 -22.09 23.79
C SER E 196 45.68 -21.44 23.40
N SER E 197 45.64 -20.39 22.58
CA SER E 197 46.84 -19.71 22.12
C SER E 197 47.27 -18.57 23.04
N LEU E 198 46.83 -18.59 24.30
CA LEU E 198 47.22 -17.52 25.22
C LEU E 198 48.67 -17.68 25.66
N GLY E 199 49.04 -18.88 26.11
CA GLY E 199 50.40 -19.11 26.58
C GLY E 199 51.43 -19.24 25.48
N THR E 200 51.00 -19.48 24.24
CA THR E 200 51.91 -19.70 23.13
C THR E 200 52.10 -18.48 22.24
N GLN E 201 51.06 -17.67 22.06
CA GLN E 201 51.10 -16.51 21.18
C GLN E 201 51.30 -15.24 21.99
N THR E 202 52.21 -14.38 21.54
CA THR E 202 52.39 -13.06 22.12
C THR E 202 51.48 -12.07 21.42
N TYR E 203 50.95 -11.12 22.18
CA TYR E 203 49.97 -10.16 21.67
C TYR E 203 50.44 -8.74 21.99
N ILE E 204 50.49 -7.90 20.96
CA ILE E 204 50.96 -6.52 21.08
C ILE E 204 49.98 -5.64 20.32
N CYS E 205 49.24 -4.80 21.04
CA CYS E 205 48.46 -3.75 20.41
C CYS E 205 49.36 -2.57 20.07
N ASN E 206 49.19 -2.04 18.87
CA ASN E 206 50.08 -1.00 18.33
C ASN E 206 49.28 0.27 18.13
N VAL E 207 49.55 1.28 18.95
CA VAL E 207 48.84 2.54 18.93
C VAL E 207 49.77 3.64 18.46
N ASN E 208 49.28 4.53 17.62
CA ASN E 208 50.05 5.65 17.12
C ASN E 208 49.19 6.89 17.18
N HIS E 209 49.74 7.96 17.77
CA HIS E 209 49.06 9.25 17.90
C HIS E 209 49.94 10.28 17.20
N LYS E 210 49.66 10.51 15.91
CA LYS E 210 50.45 11.45 15.12
C LYS E 210 50.49 12.86 15.70
N PRO E 211 49.38 13.48 16.11
CA PRO E 211 49.47 14.88 16.58
C PRO E 211 50.40 15.08 17.76
N SER E 212 50.74 14.04 18.50
CA SER E 212 51.71 14.13 19.59
C SER E 212 52.99 13.37 19.29
N ASN E 213 53.13 12.79 18.09
CA ASN E 213 54.33 12.05 17.69
C ASN E 213 54.62 10.91 18.67
N THR E 214 53.57 10.23 19.11
CA THR E 214 53.67 9.18 20.11
C THR E 214 53.40 7.83 19.47
N LYS E 215 54.17 6.81 19.89
CA LYS E 215 54.06 5.46 19.34
C LYS E 215 54.29 4.48 20.49
N VAL E 216 53.23 3.78 20.89
CA VAL E 216 53.26 2.89 22.04
C VAL E 216 53.02 1.46 21.59
N ASP E 217 53.82 0.53 22.11
CA ASP E 217 53.68 -0.90 21.84
C ASP E 217 53.53 -1.61 23.19
N LYS E 218 52.31 -2.00 23.52
CA LYS E 218 51.99 -2.65 24.79
C LYS E 218 51.72 -4.13 24.57
N ARG E 219 52.37 -4.97 25.38
CA ARG E 219 52.08 -6.39 25.38
C ARG E 219 50.95 -6.68 26.37
N VAL E 220 50.10 -7.63 26.01
CA VAL E 220 48.98 -8.06 26.85
C VAL E 220 49.21 -9.51 27.24
N GLU E 221 49.22 -9.78 28.54
CA GLU E 221 49.47 -11.11 29.07
C GLU E 221 48.44 -11.45 30.13
N PRO E 222 48.11 -12.73 30.29
CA PRO E 222 47.07 -13.11 31.25
C PRO E 222 47.47 -12.80 32.69
N LYS E 223 46.46 -12.54 33.52
CA LYS E 223 46.67 -12.29 34.94
C LYS E 223 46.94 -13.58 35.69
N GLU F 1 -42.87 2.92 1.73
CA GLU F 1 -43.15 3.10 0.31
C GLU F 1 -42.90 1.83 -0.48
N VAL F 2 -41.93 1.03 -0.04
CA VAL F 2 -41.56 -0.19 -0.73
C VAL F 2 -42.31 -1.35 -0.08
N GLN F 3 -43.27 -1.92 -0.82
CA GLN F 3 -44.04 -3.07 -0.35
C GLN F 3 -43.81 -4.27 -1.27
N LEU F 4 -43.99 -5.46 -0.70
CA LEU F 4 -43.88 -6.72 -1.44
C LEU F 4 -44.98 -7.63 -0.92
N VAL F 5 -46.10 -7.68 -1.63
CA VAL F 5 -47.24 -8.50 -1.23
C VAL F 5 -47.23 -9.74 -2.11
N GLU F 6 -46.63 -10.81 -1.62
CA GLU F 6 -46.57 -12.07 -2.34
C GLU F 6 -47.83 -12.90 -2.07
N SER F 7 -48.09 -13.84 -2.98
CA SER F 7 -49.30 -14.64 -2.92
C SER F 7 -49.14 -15.85 -3.83
N GLY F 8 -50.01 -16.84 -3.61
CA GLY F 8 -50.03 -18.05 -4.42
C GLY F 8 -49.79 -19.33 -3.65
N GLY F 9 -49.35 -19.26 -2.39
CA GLY F 9 -49.05 -20.46 -1.63
C GLY F 9 -50.29 -21.20 -1.15
N GLY F 10 -50.07 -22.40 -0.64
CA GLY F 10 -51.15 -23.22 -0.14
C GLY F 10 -50.70 -24.66 0.02
N LEU F 11 -51.68 -25.57 -0.05
CA LEU F 11 -51.42 -27.00 0.07
C LEU F 11 -51.41 -27.64 -1.31
N VAL F 12 -50.44 -28.54 -1.52
CA VAL F 12 -50.31 -29.26 -2.77
C VAL F 12 -49.66 -30.61 -2.48
N GLN F 13 -49.99 -31.61 -3.30
CA GLN F 13 -49.50 -32.96 -3.11
C GLN F 13 -48.12 -33.13 -3.74
N PRO F 14 -47.31 -34.06 -3.21
CA PRO F 14 -45.94 -34.22 -3.72
C PRO F 14 -45.92 -34.51 -5.21
N GLY F 15 -44.98 -33.87 -5.91
CA GLY F 15 -44.86 -34.00 -7.35
C GLY F 15 -45.72 -33.04 -8.14
N GLY F 16 -46.50 -32.19 -7.49
CA GLY F 16 -47.37 -31.26 -8.18
C GLY F 16 -46.63 -30.01 -8.65
N SER F 17 -47.42 -28.98 -8.93
CA SER F 17 -46.89 -27.72 -9.42
C SER F 17 -47.66 -26.57 -8.79
N LEU F 18 -47.02 -25.41 -8.71
CA LEU F 18 -47.61 -24.24 -8.09
C LEU F 18 -46.87 -22.99 -8.58
N ARG F 19 -47.58 -21.86 -8.58
CA ARG F 19 -47.07 -20.61 -9.12
C ARG F 19 -47.24 -19.50 -8.10
N LEU F 20 -46.13 -19.00 -7.57
CA LEU F 20 -46.15 -17.93 -6.59
C LEU F 20 -46.01 -16.58 -7.28
N SER F 21 -46.62 -15.56 -6.69
CA SER F 21 -46.57 -14.19 -7.20
C SER F 21 -45.96 -13.28 -6.14
N CYS F 22 -45.62 -12.06 -6.57
CA CYS F 22 -45.04 -11.07 -5.66
C CYS F 22 -45.25 -9.68 -6.28
N ALA F 23 -46.28 -8.99 -5.83
CA ALA F 23 -46.56 -7.64 -6.32
C ALA F 23 -45.69 -6.63 -5.58
N ALA F 24 -45.03 -5.76 -6.34
CA ALA F 24 -44.11 -4.79 -5.79
C ALA F 24 -44.64 -3.37 -6.00
N SER F 25 -44.35 -2.51 -5.03
CA SER F 25 -44.77 -1.11 -5.08
C SER F 25 -43.67 -0.25 -4.48
N GLY F 26 -43.32 0.84 -5.17
CA GLY F 26 -42.33 1.78 -4.69
C GLY F 26 -41.01 1.75 -5.45
N PHE F 27 -40.81 0.81 -6.35
CA PHE F 27 -39.58 0.72 -7.13
C PHE F 27 -39.90 0.01 -8.44
N THR F 28 -38.88 -0.53 -9.09
CA THR F 28 -39.05 -1.25 -10.36
C THR F 28 -38.32 -2.57 -10.25
N VAL F 29 -39.06 -3.67 -10.43
CA VAL F 29 -38.45 -5.00 -10.35
C VAL F 29 -37.47 -5.20 -11.50
N SER F 30 -37.69 -4.53 -12.63
CA SER F 30 -36.86 -4.74 -13.81
C SER F 30 -35.51 -4.03 -13.72
N ARG F 31 -35.30 -3.15 -12.74
CA ARG F 31 -34.01 -2.50 -12.56
C ARG F 31 -33.40 -2.78 -11.18
N ASN F 32 -33.69 -3.93 -10.59
CA ASN F 32 -33.12 -4.28 -9.29
C ASN F 32 -32.97 -5.79 -9.17
N TYR F 33 -32.43 -6.22 -8.04
CA TYR F 33 -32.26 -7.64 -7.74
C TYR F 33 -33.53 -8.18 -7.09
N MET F 34 -34.12 -9.19 -7.72
CA MET F 34 -35.31 -9.86 -7.20
C MET F 34 -34.96 -11.32 -6.90
N SER F 35 -35.26 -11.76 -5.69
CA SER F 35 -34.83 -13.08 -5.25
C SER F 35 -35.91 -13.72 -4.37
N TRP F 36 -35.80 -15.04 -4.19
CA TRP F 36 -36.70 -15.79 -3.35
C TRP F 36 -35.89 -16.51 -2.26
N VAL F 37 -36.31 -16.33 -1.01
CA VAL F 37 -35.70 -17.00 0.13
C VAL F 37 -36.79 -17.77 0.86
N ARG F 38 -36.54 -19.06 1.10
CA ARG F 38 -37.48 -19.91 1.80
C ARG F 38 -36.91 -20.31 3.15
N GLN F 39 -37.81 -20.48 4.13
CA GLN F 39 -37.43 -20.85 5.48
C GLN F 39 -38.36 -21.98 5.95
N ALA F 40 -37.78 -23.15 6.20
CA ALA F 40 -38.54 -24.27 6.74
C ALA F 40 -39.13 -23.89 8.09
N PRO F 41 -40.23 -24.56 8.50
CA PRO F 41 -40.84 -24.22 9.79
C PRO F 41 -39.92 -24.51 10.97
N GLY F 42 -39.39 -23.45 11.57
CA GLY F 42 -38.54 -23.60 12.74
C GLY F 42 -37.06 -23.75 12.47
N LYS F 43 -36.61 -23.55 11.22
CA LYS F 43 -35.20 -23.70 10.92
C LYS F 43 -34.67 -22.45 10.20
N GLY F 44 -33.49 -22.57 9.59
CA GLY F 44 -32.83 -21.42 9.01
C GLY F 44 -33.40 -21.01 7.66
N LEU F 45 -32.74 -20.01 7.07
CA LEU F 45 -33.16 -19.46 5.79
C LEU F 45 -32.34 -20.08 4.65
N GLU F 46 -32.97 -20.18 3.48
CA GLU F 46 -32.38 -20.86 2.33
C GLU F 46 -32.66 -20.05 1.07
N TRP F 47 -31.61 -19.46 0.49
CA TRP F 47 -31.75 -18.79 -0.79
C TRP F 47 -32.16 -19.79 -1.87
N VAL F 48 -33.04 -19.34 -2.76
CA VAL F 48 -33.59 -20.22 -3.78
C VAL F 48 -33.18 -19.75 -5.18
N SER F 49 -33.62 -18.56 -5.57
CA SER F 49 -33.38 -18.08 -6.93
C SER F 49 -33.20 -16.57 -6.90
N ILE F 50 -32.76 -16.03 -8.03
CA ILE F 50 -32.57 -14.59 -8.19
C ILE F 50 -32.58 -14.27 -9.68
N ILE F 51 -33.14 -13.11 -10.02
CA ILE F 51 -33.21 -12.66 -11.42
C ILE F 51 -32.76 -11.21 -11.48
N TYR F 52 -31.94 -10.90 -12.49
CA TYR F 52 -31.34 -9.59 -12.61
C TYR F 52 -31.05 -9.31 -14.07
N SER F 53 -30.71 -8.06 -14.36
CA SER F 53 -30.31 -7.63 -15.70
C SER F 53 -31.33 -8.04 -16.75
N GLY F 54 -30.87 -8.42 -17.94
CA GLY F 54 -31.75 -8.84 -19.01
C GLY F 54 -32.30 -10.24 -18.81
N ASP F 55 -33.06 -10.42 -17.72
CA ASP F 55 -33.66 -11.71 -17.39
C ASP F 55 -32.60 -12.81 -17.22
N ASP F 56 -31.49 -12.45 -16.58
CA ASP F 56 -30.46 -13.40 -16.20
C ASP F 56 -30.82 -13.98 -14.84
N THR F 57 -30.51 -15.26 -14.63
CA THR F 57 -30.99 -15.97 -13.45
C THR F 57 -29.92 -16.88 -12.87
N TYR F 58 -30.13 -17.23 -11.60
CA TYR F 58 -29.34 -18.21 -10.89
C TYR F 58 -30.25 -18.97 -9.94
N TYR F 59 -29.99 -20.27 -9.79
CA TYR F 59 -30.75 -21.13 -8.90
C TYR F 59 -29.80 -21.88 -7.98
N ALA F 60 -30.34 -22.37 -6.88
CA ALA F 60 -29.59 -23.24 -5.98
C ALA F 60 -29.65 -24.68 -6.47
N ASP F 61 -28.69 -25.48 -6.00
CA ASP F 61 -28.64 -26.88 -6.43
C ASP F 61 -29.84 -27.67 -5.95
N SER F 62 -30.42 -27.29 -4.80
CA SER F 62 -31.55 -28.02 -4.26
C SER F 62 -32.83 -27.83 -5.09
N VAL F 63 -32.92 -26.75 -5.86
CA VAL F 63 -34.11 -26.47 -6.65
C VAL F 63 -33.77 -26.33 -8.14
N LYS F 64 -32.60 -26.79 -8.53
CA LYS F 64 -32.17 -26.66 -9.92
C LYS F 64 -33.05 -27.48 -10.85
N GLY F 65 -33.37 -26.92 -12.01
CA GLY F 65 -34.12 -27.60 -13.03
C GLY F 65 -35.59 -27.81 -12.75
N ARG F 66 -36.03 -27.62 -11.51
CA ARG F 66 -37.44 -27.79 -11.15
C ARG F 66 -38.16 -26.46 -10.99
N PHE F 67 -37.50 -25.44 -10.45
CA PHE F 67 -38.09 -24.13 -10.30
C PHE F 67 -37.61 -23.21 -11.42
N THR F 68 -38.39 -22.17 -11.67
CA THR F 68 -38.06 -21.19 -12.70
C THR F 68 -38.57 -19.83 -12.26
N ILE F 69 -37.65 -18.89 -12.06
CA ILE F 69 -38.01 -17.53 -11.71
C ILE F 69 -38.26 -16.76 -13.00
N SER F 70 -39.14 -15.77 -12.91
CA SER F 70 -39.46 -14.88 -14.02
C SER F 70 -40.20 -13.68 -13.44
N ARG F 71 -40.21 -12.60 -14.21
CA ARG F 71 -40.83 -11.36 -13.76
C ARG F 71 -41.63 -10.75 -14.90
N ASP F 72 -42.73 -10.10 -14.53
CA ASP F 72 -43.56 -9.35 -15.46
C ASP F 72 -43.36 -7.87 -15.21
N ASN F 73 -43.00 -7.13 -16.25
CA ASN F 73 -42.64 -5.73 -16.08
C ASN F 73 -43.87 -4.83 -16.05
N SER F 74 -44.87 -5.12 -16.90
CA SER F 74 -46.08 -4.31 -16.91
C SER F 74 -46.86 -4.43 -15.61
N LYS F 75 -46.82 -5.60 -14.97
CA LYS F 75 -47.48 -5.79 -13.69
C LYS F 75 -46.55 -5.54 -12.50
N ASN F 76 -45.26 -5.30 -12.75
CA ASN F 76 -44.28 -5.05 -11.69
C ASN F 76 -44.29 -6.18 -10.67
N THR F 77 -44.17 -7.41 -11.19
CA THR F 77 -44.41 -8.60 -10.39
C THR F 77 -43.32 -9.63 -10.61
N LEU F 78 -42.96 -10.34 -9.54
CA LEU F 78 -42.02 -11.45 -9.58
C LEU F 78 -42.77 -12.75 -9.37
N TYR F 79 -42.34 -13.81 -10.06
CA TYR F 79 -42.99 -15.11 -9.96
C TYR F 79 -41.97 -16.18 -9.62
N LEU F 80 -42.47 -17.36 -9.26
CA LEU F 80 -41.63 -18.53 -9.04
C LEU F 80 -42.46 -19.76 -9.38
N GLU F 81 -42.20 -20.34 -10.55
CA GLU F 81 -42.94 -21.51 -11.03
C GLU F 81 -42.30 -22.76 -10.45
N MET F 82 -43.02 -23.45 -9.57
CA MET F 82 -42.51 -24.64 -8.90
C MET F 82 -43.00 -25.89 -9.62
N ASN F 83 -42.09 -26.79 -9.91
CA ASN F 83 -42.40 -28.05 -10.59
C ASN F 83 -41.71 -29.19 -9.87
N SER F 84 -42.35 -30.35 -9.87
CA SER F 84 -41.84 -31.55 -9.19
C SER F 84 -41.56 -31.27 -7.72
N LEU F 85 -42.58 -30.77 -7.03
CA LEU F 85 -42.43 -30.42 -5.62
C LEU F 85 -42.28 -31.67 -4.75
N ARG F 86 -41.40 -31.58 -3.77
CA ARG F 86 -41.14 -32.67 -2.85
C ARG F 86 -41.46 -32.22 -1.42
N ALA F 87 -41.33 -33.17 -0.48
CA ALA F 87 -41.76 -32.93 0.90
C ALA F 87 -40.88 -31.88 1.58
N GLU F 88 -39.57 -31.96 1.39
CA GLU F 88 -38.66 -31.02 2.04
C GLU F 88 -38.77 -29.60 1.48
N ASP F 89 -39.62 -29.37 0.49
CA ASP F 89 -39.90 -28.01 0.04
C ASP F 89 -40.88 -27.28 0.93
N THR F 90 -41.48 -27.96 1.91
CA THR F 90 -42.44 -27.34 2.82
C THR F 90 -41.77 -26.22 3.60
N ALA F 91 -42.14 -24.97 3.31
CA ALA F 91 -41.51 -23.82 3.93
C ALA F 91 -42.31 -22.57 3.57
N VAL F 92 -42.07 -21.50 4.33
CA VAL F 92 -42.57 -20.18 3.99
C VAL F 92 -41.61 -19.56 2.98
N TYR F 93 -42.15 -19.02 1.89
CA TYR F 93 -41.34 -18.42 0.84
C TYR F 93 -41.50 -16.90 0.89
N TYR F 94 -40.42 -16.22 1.24
CA TYR F 94 -40.38 -14.75 1.24
C TYR F 94 -39.95 -14.23 -0.12
N CYS F 95 -40.25 -12.96 -0.35
CA CYS F 95 -39.92 -12.26 -1.59
C CYS F 95 -38.94 -11.15 -1.25
N ALA F 96 -37.76 -11.20 -1.88
CA ALA F 96 -36.65 -10.35 -1.50
C ALA F 96 -36.31 -9.34 -2.60
N ARG F 97 -35.77 -8.20 -2.19
CA ARG F 97 -35.42 -7.10 -3.08
C ARG F 97 -34.04 -6.59 -2.71
N GLY F 98 -33.27 -6.18 -3.72
CA GLY F 98 -31.94 -5.64 -3.49
C GLY F 98 -31.58 -4.52 -4.45
N GLU F 99 -30.95 -3.47 -3.93
CA GLU F 99 -30.53 -2.36 -4.78
C GLU F 99 -29.43 -2.81 -5.74
N MET F 100 -29.59 -2.47 -7.01
CA MET F 100 -28.68 -2.99 -8.03
C MET F 100 -27.52 -2.03 -8.27
N GLY F 101 -27.80 -0.77 -8.60
CA GLY F 101 -26.74 0.16 -8.91
C GLY F 101 -25.92 -0.33 -10.09
N ASP F 102 -24.60 -0.23 -9.96
CA ASP F 102 -23.73 -0.91 -10.92
C ASP F 102 -23.86 -2.42 -10.75
N GLY F 103 -24.06 -3.11 -11.87
CA GLY F 103 -24.41 -4.51 -11.82
C GLY F 103 -23.24 -5.46 -11.67
N TYR F 104 -22.16 -5.00 -11.06
CA TYR F 104 -20.94 -5.79 -10.92
C TYR F 104 -20.90 -6.61 -9.64
N TYR F 105 -21.76 -6.33 -8.67
CA TYR F 105 -21.71 -7.01 -7.38
C TYR F 105 -23.12 -7.38 -6.95
N TRP F 106 -23.20 -8.33 -6.02
CA TRP F 106 -24.48 -8.66 -5.41
C TRP F 106 -24.80 -7.64 -4.31
N ALA F 107 -26.01 -7.75 -3.77
CA ALA F 107 -26.50 -6.77 -2.81
C ALA F 107 -27.23 -7.47 -1.67
N PRO F 108 -27.24 -6.87 -0.49
CA PRO F 108 -28.06 -7.42 0.59
C PRO F 108 -29.54 -7.23 0.30
N PHE F 109 -30.35 -8.12 0.88
CA PHE F 109 -31.78 -8.07 0.65
C PHE F 109 -32.37 -6.86 1.36
N ASP F 110 -32.73 -5.83 0.59
CA ASP F 110 -33.15 -4.56 1.15
C ASP F 110 -34.49 -4.69 1.88
N TYR F 111 -35.51 -5.19 1.18
CA TYR F 111 -36.85 -5.28 1.72
C TYR F 111 -37.43 -6.66 1.45
N TRP F 112 -38.25 -7.13 2.38
CA TRP F 112 -38.75 -8.49 2.39
C TRP F 112 -40.27 -8.50 2.27
N GLY F 113 -40.80 -9.67 1.90
CA GLY F 113 -42.23 -9.88 1.83
C GLY F 113 -42.78 -10.49 3.10
N GLN F 114 -44.11 -10.46 3.23
CA GLN F 114 -44.77 -10.88 4.46
C GLN F 114 -44.77 -12.39 4.66
N GLY F 115 -44.21 -13.17 3.74
CA GLY F 115 -44.17 -14.61 3.91
C GLY F 115 -45.44 -15.31 3.47
N THR F 116 -45.31 -16.22 2.51
CA THR F 116 -46.42 -17.09 2.10
C THR F 116 -46.01 -18.54 2.32
N LEU F 117 -46.92 -19.32 2.90
CA LEU F 117 -46.62 -20.68 3.31
C LEU F 117 -47.04 -21.68 2.25
N VAL F 118 -46.14 -22.60 1.91
CA VAL F 118 -46.43 -23.70 1.00
C VAL F 118 -46.21 -25.00 1.75
N THR F 119 -47.17 -25.92 1.65
CA THR F 119 -47.11 -27.21 2.32
C THR F 119 -47.23 -28.31 1.28
N VAL F 120 -46.29 -29.24 1.29
CA VAL F 120 -46.29 -30.39 0.40
C VAL F 120 -46.54 -31.63 1.24
N SER F 121 -47.73 -32.20 1.10
CA SER F 121 -48.11 -33.38 1.88
C SER F 121 -49.16 -34.16 1.09
N GLY F 122 -49.22 -35.46 1.36
CA GLY F 122 -50.21 -36.30 0.70
C GLY F 122 -51.62 -36.12 1.23
N ALA F 123 -51.76 -35.74 2.50
CA ALA F 123 -53.07 -35.60 3.13
C ALA F 123 -53.87 -34.46 2.48
N SER F 124 -55.11 -34.31 2.94
CA SER F 124 -56.03 -33.32 2.40
C SER F 124 -56.42 -32.32 3.48
N THR F 125 -57.02 -31.23 3.04
CA THR F 125 -57.46 -30.19 3.96
C THR F 125 -58.65 -30.67 4.78
N LYS F 126 -58.75 -30.16 6.00
CA LYS F 126 -59.94 -30.37 6.82
C LYS F 126 -60.04 -29.25 7.83
N GLY F 127 -61.27 -28.83 8.12
CA GLY F 127 -61.51 -27.75 9.04
C GLY F 127 -61.36 -28.19 10.49
N PRO F 128 -60.88 -27.30 11.34
CA PRO F 128 -60.74 -27.63 12.75
C PRO F 128 -62.07 -27.59 13.49
N SER F 129 -62.09 -28.27 14.63
CA SER F 129 -63.20 -28.19 15.57
C SER F 129 -62.78 -27.33 16.75
N VAL F 130 -63.60 -26.33 17.08
CA VAL F 130 -63.28 -25.36 18.12
C VAL F 130 -64.08 -25.71 19.36
N PHE F 131 -63.38 -26.10 20.43
CA PHE F 131 -64.04 -26.47 21.67
C PHE F 131 -63.72 -25.48 22.77
N PRO F 132 -64.70 -25.14 23.61
CA PRO F 132 -64.48 -24.11 24.64
C PRO F 132 -63.66 -24.64 25.81
N LEU F 133 -62.70 -23.82 26.24
CA LEU F 133 -61.94 -24.06 27.46
C LEU F 133 -62.59 -23.20 28.54
N ALA F 134 -63.62 -23.75 29.18
CA ALA F 134 -64.53 -22.97 30.01
C ALA F 134 -63.87 -22.56 31.33
N PRO F 135 -64.11 -21.34 31.78
CA PRO F 135 -63.65 -20.93 33.11
C PRO F 135 -64.61 -21.42 34.18
N SER F 136 -64.17 -21.33 35.43
CA SER F 136 -64.97 -21.75 36.58
C SER F 136 -64.33 -21.27 37.87
N SER F 137 -64.29 -22.14 38.87
CA SER F 137 -63.52 -21.91 40.09
C SER F 137 -62.20 -22.67 40.09
N LYS F 138 -62.05 -23.66 39.19
CA LYS F 138 -60.77 -24.36 39.06
C LYS F 138 -59.78 -23.57 38.23
N SER F 139 -60.26 -22.82 37.24
CA SER F 139 -59.44 -21.89 36.47
C SER F 139 -59.55 -20.47 37.02
N THR F 140 -60.10 -20.30 38.21
CA THR F 140 -60.11 -19.02 38.92
C THR F 140 -59.31 -19.19 40.19
N SER F 141 -58.21 -18.45 40.31
CA SER F 141 -57.40 -18.44 41.51
C SER F 141 -57.70 -17.16 42.27
N GLY F 142 -58.78 -17.19 43.06
CA GLY F 142 -59.19 -16.04 43.85
C GLY F 142 -59.32 -14.77 43.06
N GLY F 143 -59.92 -14.86 41.87
CA GLY F 143 -60.03 -13.72 40.98
C GLY F 143 -59.19 -13.92 39.73
N THR F 144 -59.37 -12.98 38.80
CA THR F 144 -58.64 -12.91 37.54
C THR F 144 -58.55 -14.29 36.86
N ALA F 145 -59.66 -14.73 36.28
CA ALA F 145 -59.78 -16.11 35.81
C ALA F 145 -59.17 -16.28 34.42
N ALA F 146 -59.24 -17.51 33.92
CA ALA F 146 -58.67 -17.88 32.62
C ALA F 146 -59.68 -18.66 31.81
N LEU F 147 -59.63 -18.46 30.49
CA LEU F 147 -60.54 -19.13 29.56
C LEU F 147 -59.94 -19.06 28.17
N GLY F 148 -60.38 -19.97 27.30
CA GLY F 148 -59.83 -20.00 25.96
C GLY F 148 -60.57 -20.95 25.05
N CYS F 149 -59.98 -21.18 23.88
CA CYS F 149 -60.53 -22.08 22.88
C CYS F 149 -59.47 -23.09 22.48
N LEU F 150 -59.92 -24.30 22.14
CA LEU F 150 -59.05 -25.38 21.70
C LEU F 150 -59.35 -25.66 20.22
N VAL F 151 -58.50 -25.14 19.35
CA VAL F 151 -58.59 -25.41 17.91
C VAL F 151 -57.89 -26.73 17.66
N LYS F 152 -58.65 -27.77 17.34
CA LYS F 152 -58.13 -29.14 17.29
C LYS F 152 -58.43 -29.78 15.94
N ASP F 153 -57.49 -30.61 15.48
CA ASP F 153 -57.65 -31.43 14.28
C ASP F 153 -57.93 -30.60 13.04
N TYR F 154 -56.86 -30.12 12.39
CA TYR F 154 -56.99 -29.38 11.14
C TYR F 154 -55.71 -29.57 10.34
N PHE F 155 -55.75 -29.14 9.09
CA PHE F 155 -54.61 -29.23 8.19
C PHE F 155 -54.87 -28.41 6.93
N PRO F 156 -53.88 -27.65 6.44
CA PRO F 156 -52.59 -27.45 7.08
C PRO F 156 -52.53 -26.14 7.85
N GLU F 157 -51.31 -25.70 8.18
CA GLU F 157 -51.14 -24.38 8.78
C GLU F 157 -51.47 -23.30 7.77
N PRO F 158 -51.86 -22.10 8.23
CA PRO F 158 -52.05 -21.71 9.63
C PRO F 158 -53.52 -21.52 10.01
N VAL F 159 -53.75 -21.14 11.25
CA VAL F 159 -55.04 -20.61 11.70
C VAL F 159 -54.78 -19.25 12.33
N THR F 160 -55.72 -18.33 12.13
CA THR F 160 -55.65 -17.00 12.72
C THR F 160 -56.77 -16.88 13.75
N VAL F 161 -56.40 -16.60 15.00
CA VAL F 161 -57.34 -16.55 16.11
C VAL F 161 -57.37 -15.14 16.67
N SER F 162 -58.57 -14.61 16.86
CA SER F 162 -58.77 -13.34 17.53
C SER F 162 -59.87 -13.49 18.57
N TRP F 163 -59.91 -12.55 19.51
CA TRP F 163 -60.88 -12.56 20.59
C TRP F 163 -61.80 -11.35 20.45
N ASN F 164 -63.10 -11.61 20.32
CA ASN F 164 -64.12 -10.57 20.27
C ASN F 164 -63.86 -9.59 19.13
N SER F 165 -63.69 -10.14 17.92
CA SER F 165 -63.39 -9.37 16.73
C SER F 165 -62.14 -8.50 16.93
N GLY F 166 -61.12 -9.08 17.55
CA GLY F 166 -59.87 -8.38 17.74
C GLY F 166 -59.94 -7.20 18.68
N ALA F 167 -61.00 -7.10 19.48
CA ALA F 167 -61.13 -5.98 20.39
C ALA F 167 -60.37 -6.21 21.69
N LEU F 168 -60.18 -7.47 22.08
CA LEU F 168 -59.48 -7.82 23.31
C LEU F 168 -58.13 -8.42 22.94
N THR F 169 -57.05 -7.70 23.25
CA THR F 169 -55.71 -8.13 22.91
C THR F 169 -54.75 -8.19 24.10
N SER F 170 -55.13 -7.66 25.26
CA SER F 170 -54.24 -7.64 26.43
C SER F 170 -54.47 -8.91 27.24
N GLY F 171 -53.48 -9.80 27.24
CA GLY F 171 -53.57 -11.06 27.96
C GLY F 171 -53.83 -12.28 27.09
N VAL F 172 -53.80 -12.14 25.77
CA VAL F 172 -54.12 -13.22 24.86
C VAL F 172 -52.86 -13.95 24.47
N HIS F 173 -52.84 -15.26 24.67
CA HIS F 173 -51.74 -16.13 24.25
C HIS F 173 -52.30 -17.21 23.32
N THR F 174 -51.97 -17.10 22.04
CA THR F 174 -52.28 -18.14 21.07
C THR F 174 -51.03 -18.97 20.85
N PHE F 175 -51.11 -20.27 21.16
CA PHE F 175 -49.87 -21.03 21.26
C PHE F 175 -49.47 -21.64 19.92
N PRO F 176 -48.19 -22.00 19.77
CA PRO F 176 -47.79 -22.74 18.58
C PRO F 176 -48.48 -24.10 18.53
N ALA F 177 -48.94 -24.47 17.33
CA ALA F 177 -49.67 -25.72 17.18
C ALA F 177 -48.74 -26.92 17.35
N VAL F 178 -49.30 -28.01 17.85
CA VAL F 178 -48.60 -29.28 18.01
C VAL F 178 -49.13 -30.25 16.97
N LEU F 179 -48.22 -31.02 16.37
CA LEU F 179 -48.58 -31.99 15.34
C LEU F 179 -48.70 -33.35 16.02
N GLN F 180 -49.94 -33.77 16.27
CA GLN F 180 -50.20 -35.04 16.93
C GLN F 180 -50.07 -36.19 15.93
N SER F 181 -50.03 -37.41 16.47
CA SER F 181 -49.74 -38.60 15.67
C SER F 181 -50.72 -38.79 14.51
N SER F 182 -51.91 -38.19 14.59
CA SER F 182 -52.88 -38.31 13.51
C SER F 182 -52.51 -37.50 12.27
N GLY F 183 -51.35 -36.84 12.26
CA GLY F 183 -50.98 -35.98 11.16
C GLY F 183 -51.68 -34.65 11.12
N LEU F 184 -52.58 -34.40 12.06
CA LEU F 184 -53.32 -33.15 12.14
C LEU F 184 -52.70 -32.25 13.21
N TYR F 185 -53.03 -30.97 13.14
CA TYR F 185 -52.54 -29.98 14.10
C TYR F 185 -53.59 -29.71 15.18
N SER F 186 -53.14 -29.05 16.24
CA SER F 186 -53.99 -28.73 17.37
C SER F 186 -53.31 -27.65 18.20
N LEU F 187 -54.02 -26.55 18.45
CA LEU F 187 -53.50 -25.50 19.32
C LEU F 187 -54.63 -24.97 20.19
N SER F 188 -54.26 -24.08 21.11
CA SER F 188 -55.19 -23.49 22.05
C SER F 188 -54.81 -22.03 22.27
N SER F 189 -55.82 -21.16 22.30
CA SER F 189 -55.63 -19.74 22.53
C SER F 189 -56.31 -19.37 23.84
N VAL F 190 -55.51 -18.90 24.81
CA VAL F 190 -56.01 -18.58 26.13
C VAL F 190 -55.85 -17.09 26.40
N VAL F 191 -56.78 -16.54 27.16
CA VAL F 191 -56.75 -15.15 27.58
C VAL F 191 -57.09 -15.09 29.07
N THR F 192 -56.30 -14.31 29.82
CA THR F 192 -56.57 -14.10 31.24
C THR F 192 -57.35 -12.81 31.40
N VAL F 193 -58.54 -12.91 31.98
CA VAL F 193 -59.43 -11.79 32.18
C VAL F 193 -59.74 -11.71 33.67
N PRO F 194 -60.13 -10.53 34.17
CA PRO F 194 -60.55 -10.45 35.57
C PRO F 194 -61.80 -11.28 35.82
N SER F 195 -61.77 -12.05 36.91
CA SER F 195 -62.86 -12.98 37.17
C SER F 195 -64.14 -12.26 37.51
N SER F 196 -64.06 -10.97 37.85
CA SER F 196 -65.28 -10.22 38.14
C SER F 196 -66.11 -10.01 36.88
N SER F 197 -65.47 -10.02 35.72
CA SER F 197 -66.14 -9.75 34.46
C SER F 197 -66.70 -11.02 33.80
N LEU F 198 -66.70 -12.15 34.50
CA LEU F 198 -67.23 -13.37 33.90
C LEU F 198 -68.74 -13.32 33.75
N GLY F 199 -69.44 -12.78 34.76
CA GLY F 199 -70.88 -12.68 34.68
C GLY F 199 -71.39 -11.58 33.79
N THR F 200 -70.59 -10.54 33.54
CA THR F 200 -71.00 -9.40 32.75
C THR F 200 -70.49 -9.48 31.32
N GLN F 201 -69.19 -9.61 31.13
CA GLN F 201 -68.59 -9.56 29.80
C GLN F 201 -68.83 -10.86 29.04
N THR F 202 -69.07 -10.73 27.74
CA THR F 202 -69.16 -11.87 26.83
C THR F 202 -67.82 -12.04 26.11
N TYR F 203 -67.50 -13.30 25.80
CA TYR F 203 -66.21 -13.64 25.21
C TYR F 203 -66.42 -14.50 23.98
N ILE F 204 -65.95 -14.03 22.84
CA ILE F 204 -66.03 -14.74 21.57
C ILE F 204 -64.60 -14.92 21.05
N CYS F 205 -64.18 -16.17 20.87
CA CYS F 205 -62.94 -16.44 20.18
C CYS F 205 -63.23 -16.65 18.70
N ASN F 206 -62.42 -16.02 17.85
CA ASN F 206 -62.67 -15.99 16.41
C ASN F 206 -61.56 -16.75 15.71
N VAL F 207 -61.88 -17.95 15.24
CA VAL F 207 -60.92 -18.83 14.57
C VAL F 207 -61.15 -18.76 13.08
N ASN F 208 -60.05 -18.65 12.32
CA ASN F 208 -60.12 -18.62 10.87
C ASN F 208 -59.04 -19.53 10.31
N HIS F 209 -59.45 -20.43 9.41
CA HIS F 209 -58.56 -21.41 8.78
C HIS F 209 -58.71 -21.24 7.27
N LYS F 210 -57.88 -20.37 6.69
CA LYS F 210 -57.98 -20.05 5.26
C LYS F 210 -57.89 -21.25 4.34
N PRO F 211 -56.98 -22.23 4.53
CA PRO F 211 -56.89 -23.34 3.57
C PRO F 211 -58.13 -24.23 3.52
N SER F 212 -59.19 -23.90 4.26
CA SER F 212 -60.40 -24.70 4.22
C SER F 212 -61.68 -23.87 4.22
N ASN F 213 -61.58 -22.54 4.10
CA ASN F 213 -62.75 -21.65 4.01
C ASN F 213 -63.65 -21.81 5.24
N THR F 214 -63.03 -21.81 6.42
CA THR F 214 -63.71 -22.11 7.67
C THR F 214 -63.62 -20.91 8.61
N LYS F 215 -64.77 -20.40 9.04
CA LYS F 215 -64.84 -19.35 10.06
C LYS F 215 -65.84 -19.78 11.12
N VAL F 216 -65.39 -19.82 12.38
CA VAL F 216 -66.22 -20.25 13.50
C VAL F 216 -66.12 -19.22 14.60
N ASP F 217 -67.27 -18.83 15.16
CA ASP F 217 -67.34 -17.96 16.32
C ASP F 217 -67.87 -18.76 17.49
N LYS F 218 -67.05 -18.92 18.51
CA LYS F 218 -67.38 -19.74 19.67
C LYS F 218 -67.37 -18.89 20.93
N ARG F 219 -68.46 -18.95 21.70
CA ARG F 219 -68.56 -18.19 22.94
C ARG F 219 -68.19 -19.08 24.12
N VAL F 220 -67.27 -18.60 24.93
CA VAL F 220 -66.77 -19.33 26.09
C VAL F 220 -67.53 -18.85 27.32
N GLU F 221 -68.30 -19.75 27.94
CA GLU F 221 -69.11 -19.42 29.09
C GLU F 221 -68.72 -20.30 30.28
N PRO F 222 -68.73 -19.74 31.49
CA PRO F 222 -68.33 -20.53 32.67
C PRO F 222 -69.26 -21.71 32.90
N LYS F 223 -68.73 -22.71 33.60
CA LYS F 223 -69.48 -23.91 33.93
C LYS F 223 -70.47 -23.66 35.06
C1 NAG G . 9.11 51.59 -25.50
C2 NAG G . 8.57 52.13 -26.84
C3 NAG G . 7.48 53.18 -26.62
C4 NAG G . 6.38 52.61 -25.73
C5 NAG G . 6.93 52.23 -24.36
C6 NAG G . 6.44 50.89 -23.87
C7 NAG G . 9.61 53.09 -28.88
C8 NAG G . 10.88 53.66 -29.44
N2 NAG G . 9.68 52.71 -27.60
O3 NAG G . 6.91 53.53 -27.87
O4 NAG G . 5.33 53.58 -25.62
O5 NAG G . 8.37 52.20 -24.35
O6 NAG G . 5.02 50.83 -23.89
O7 NAG G . 8.59 52.99 -29.54
C1 NAG G . 5.31 54.33 -24.37
C2 NAG G . 4.80 55.76 -24.64
C3 NAG G . 3.85 56.21 -23.53
C4 NAG G . 4.28 55.73 -22.15
C5 NAG G . 4.59 54.24 -22.13
C6 NAG G . 3.67 53.44 -21.23
C7 NAG G . 6.50 56.94 -25.95
C8 NAG G . 7.64 57.93 -25.90
N2 NAG G . 5.91 56.68 -24.78
O3 NAG G . 2.52 55.76 -23.82
O4 NAG G . 5.42 56.46 -21.70
O5 NAG G . 4.45 53.69 -23.45
O6 NAG G . 3.87 52.04 -21.36
O7 NAG G . 6.14 56.41 -26.99
C1 NAG H . 10.64 -24.50 -20.41
C2 NAG H . 11.72 -24.17 -19.39
C3 NAG H . 13.10 -24.44 -20.00
C4 NAG H . 13.18 -25.84 -20.58
C5 NAG H . 11.96 -26.18 -21.45
C6 NAG H . 11.90 -27.63 -21.85
C7 NAG H . 11.05 -22.43 -17.78
C8 NAG H . 10.54 -23.55 -16.92
N2 NAG H . 11.60 -22.79 -18.94
O3 NAG H . 14.09 -24.25 -19.00
O4 NAG H . 14.33 -25.89 -21.42
O5 NAG H . 10.74 -25.87 -20.76
O6 NAG H . 12.66 -27.90 -23.02
O7 NAG H . 10.97 -21.25 -17.44
C1 NAG H . 15.32 -26.98 -21.33
C2 NAG H . 15.07 -28.10 -20.30
C3 NAG H . 16.13 -29.19 -20.43
C4 NAG H . 16.26 -29.68 -21.87
C5 NAG H . 16.42 -28.51 -22.84
C6 NAG H . 16.37 -28.93 -24.29
C7 NAG H . 14.15 -27.97 -18.03
C8 NAG H . 14.28 -27.33 -16.68
N2 NAG H . 15.05 -27.58 -18.94
O3 NAG H . 15.80 -30.27 -19.57
O4 NAG H . 17.41 -30.51 -21.99
O5 NAG H . 15.37 -27.55 -22.66
O6 NAG H . 16.90 -27.93 -25.15
O7 NAG H . 13.26 -28.78 -18.29
C1 BMA H . 17.08 -31.91 -22.01
C2 BMA H . 18.28 -32.67 -22.65
C3 BMA H . 18.07 -34.18 -22.55
C4 BMA H . 17.68 -34.60 -21.11
C5 BMA H . 16.46 -33.79 -20.65
C6 BMA H . 16.04 -34.11 -19.22
O2 BMA H . 19.48 -32.37 -21.94
O3 BMA H . 19.24 -34.90 -22.95
O4 BMA H . 17.36 -35.99 -21.09
O5 BMA H . 16.80 -32.40 -20.71
O6 BMA H . 16.99 -33.51 -18.34
#